data_8XZN
# 
_entry.id   8XZN 
# 
_audit_conform.dict_name       mmcif_pdbx.dic 
_audit_conform.dict_version    5.395 
_audit_conform.dict_location   http://mmcif.pdb.org/dictionaries/ascii/mmcif_pdbx.dic 
# 
loop_
_database_2.database_id 
_database_2.database_code 
_database_2.pdbx_database_accession 
_database_2.pdbx_DOI 
PDB   8XZN         pdb_00008xzn 10.2210/pdb8xzn/pdb 
WWPDB D_1300044556 ?            ?                   
# 
loop_
_pdbx_audit_revision_history.ordinal 
_pdbx_audit_revision_history.data_content_type 
_pdbx_audit_revision_history.major_revision 
_pdbx_audit_revision_history.minor_revision 
_pdbx_audit_revision_history.revision_date 
1 'Structure model' 1 0 2024-07-24 
2 'Structure model' 1 1 2024-08-21 
# 
_pdbx_audit_revision_details.ordinal             1 
_pdbx_audit_revision_details.revision_ordinal    1 
_pdbx_audit_revision_details.data_content_type   'Structure model' 
_pdbx_audit_revision_details.provider            repository 
_pdbx_audit_revision_details.type                'Initial release' 
_pdbx_audit_revision_details.description         ? 
_pdbx_audit_revision_details.details             ? 
# 
_pdbx_audit_revision_group.ordinal             1 
_pdbx_audit_revision_group.revision_ordinal    2 
_pdbx_audit_revision_group.data_content_type   'Structure model' 
_pdbx_audit_revision_group.group               'Database references' 
# 
_pdbx_audit_revision_category.ordinal             1 
_pdbx_audit_revision_category.revision_ordinal    2 
_pdbx_audit_revision_category.data_content_type   'Structure model' 
_pdbx_audit_revision_category.category            citation 
# 
loop_
_pdbx_audit_revision_item.ordinal 
_pdbx_audit_revision_item.revision_ordinal 
_pdbx_audit_revision_item.data_content_type 
_pdbx_audit_revision_item.item 
1 2 'Structure model' '_citation.journal_volume' 
2 2 'Structure model' '_citation.page_first'     
3 2 'Structure model' '_citation.page_last'      
# 
_pdbx_database_status.status_code                     REL 
_pdbx_database_status.status_code_sf                  REL 
_pdbx_database_status.status_code_mr                  ? 
_pdbx_database_status.entry_id                        8XZN 
_pdbx_database_status.recvd_initial_deposition_date   2024-01-21 
_pdbx_database_status.SG_entry                        N 
_pdbx_database_status.deposit_site                    PDBJ 
_pdbx_database_status.process_site                    PDBJ 
_pdbx_database_status.status_code_cs                  ? 
_pdbx_database_status.status_code_nmr_data            ? 
_pdbx_database_status.methods_development_category    ? 
_pdbx_database_status.pdb_format_compatible           Y 
# 
_pdbx_contact_author.id                 2 
_pdbx_contact_author.email              aimingren@zju.edu.cn 
_pdbx_contact_author.name_first         Aiming 
_pdbx_contact_author.name_last          Ren 
_pdbx_contact_author.name_mi            ? 
_pdbx_contact_author.role               'principal investigator/group leader' 
_pdbx_contact_author.identifier_ORCID   0000-0002-5420-4899 
# 
loop_
_audit_author.name 
_audit_author.pdbx_ordinal 
_audit_author.identifier_ORCID 
'Li, C.Y.'  1 ? 
'Ren, A.M.' 2 ? 
# 
_citation.abstract                  ? 
_citation.abstract_id_CAS           ? 
_citation.book_id_ISBN              ? 
_citation.book_publisher            ? 
_citation.book_publisher_city       ? 
_citation.book_title                ? 
_citation.coordinate_linkage        ? 
_citation.country                   UK 
_citation.database_id_Medline       ? 
_citation.details                   ? 
_citation.id                        primary 
_citation.journal_abbrev            'Nucleic Acids Res.' 
_citation.journal_id_ASTM           NARHAD 
_citation.journal_id_CSD            0389 
_citation.journal_id_ISSN           1362-4962 
_citation.journal_full              ? 
_citation.journal_issue             ? 
_citation.journal_volume            52 
_citation.language                  ? 
_citation.page_first                8454 
_citation.page_last                 8465 
_citation.title                     
'Structure-based characterization and compound identification of the wild-type THF class-II riboswitch.' 
_citation.year                      2024 
_citation.database_id_CSD           ? 
_citation.pdbx_database_id_DOI      10.1093/nar/gkae377 
_citation.pdbx_database_id_PubMed   38769061 
_citation.pdbx_database_id_patent   ? 
_citation.unpublished_flag          ? 
# 
loop_
_citation_author.citation_id 
_citation_author.name 
_citation_author.ordinal 
_citation_author.identifier_ORCID 
primary 'Li, C.'    1  ?                   
primary 'Xu, X.'    2  ?                   
primary 'Geng, Z.'  3  ?                   
primary 'Zheng, L.' 4  ?                   
primary 'Song, Q.'  5  ?                   
primary 'Shen, X.'  6  ?                   
primary 'Wu, J.'    7  ?                   
primary 'Zhao, J.'  8  ?                   
primary 'Li, H.'    9  ?                   
primary 'He, M.'    10 ?                   
primary 'Tai, X.'   11 ?                   
primary 'Zhang, L.' 12 0000-0001-8139-0474 
primary 'Ma, J.'    13 ?                   
primary 'Dong, Y.'  14 ?                   
primary 'Ren, A.'   15 0000-0002-5420-4899 
# 
loop_
_entity.id 
_entity.type 
_entity.src_method 
_entity.pdbx_description 
_entity.formula_weight 
_entity.pdbx_number_of_molecules 
_entity.pdbx_ec 
_entity.pdbx_mutation 
_entity.pdbx_fragment 
_entity.details 
1 polymer     man 'RNA (53-MER)'              17174.043 1  ? ? ? ? 
2 non-polymer syn 5,6,7,8-TETRAHYDROBIOPTERIN 241.247   1  ? ? ? ? 
3 non-polymer syn 'MAGNESIUM ION'             24.305    2  ? ? ? ? 
4 non-polymer syn SPERMINE                    202.340   1  ? ? ? ? 
5 water       nat water                       18.015    29 ? ? ? ? 
# 
_entity_name_com.entity_id   1 
_entity_name_com.name        env6 
# 
_entity_poly.entity_id                      1 
_entity_poly.type                           polyribonucleotide 
_entity_poly.nstd_linkage                   no 
_entity_poly.nstd_monomer                   yes 
_entity_poly.pdbx_seq_one_letter_code       '(GTP)GGUGUGUACCGUUCAACUCGUCCCAGCUUCGACUGGGACUACGGGAGCGCCU' 
_entity_poly.pdbx_seq_one_letter_code_can   GGGUGUGUACCGUUCAACUCGUCCCAGCUUCGACUGGGACUACGGGAGCGCCU 
_entity_poly.pdbx_strand_id                 A 
_entity_poly.pdbx_target_identifier         ? 
# 
loop_
_pdbx_entity_nonpoly.entity_id 
_pdbx_entity_nonpoly.name 
_pdbx_entity_nonpoly.comp_id 
2 5,6,7,8-TETRAHYDROBIOPTERIN H4B 
3 'MAGNESIUM ION'             MG  
4 SPERMINE                    SPM 
5 water                       HOH 
# 
loop_
_entity_poly_seq.entity_id 
_entity_poly_seq.num 
_entity_poly_seq.mon_id 
_entity_poly_seq.hetero 
1 1  GTP n 
1 2  G   n 
1 3  G   n 
1 4  U   n 
1 5  G   n 
1 6  U   n 
1 7  G   n 
1 8  U   n 
1 9  A   n 
1 10 C   n 
1 11 C   n 
1 12 G   n 
1 13 U   n 
1 14 U   n 
1 15 C   n 
1 16 A   n 
1 17 A   n 
1 18 C   n 
1 19 U   n 
1 20 C   n 
1 21 G   n 
1 22 U   n 
1 23 C   n 
1 24 C   n 
1 25 C   n 
1 26 A   n 
1 27 G   n 
1 28 C   n 
1 29 U   n 
1 30 U   n 
1 31 C   n 
1 32 G   n 
1 33 A   n 
1 34 C   n 
1 35 U   n 
1 36 G   n 
1 37 G   n 
1 38 G   n 
1 39 A   n 
1 40 C   n 
1 41 U   n 
1 42 A   n 
1 43 C   n 
1 44 G   n 
1 45 G   n 
1 46 G   n 
1 47 A   n 
1 48 G   n 
1 49 C   n 
1 50 G   n 
1 51 C   n 
1 52 C   n 
1 53 U   n 
# 
_entity_src_gen.entity_id                          1 
_entity_src_gen.pdbx_src_id                        1 
_entity_src_gen.pdbx_alt_source_flag               sample 
_entity_src_gen.pdbx_seq_type                      'Biological sequence' 
_entity_src_gen.pdbx_beg_seq_num                   1 
_entity_src_gen.pdbx_end_seq_num                   53 
_entity_src_gen.gene_src_common_name               ? 
_entity_src_gen.gene_src_genus                     ? 
_entity_src_gen.pdbx_gene_src_gene                 ? 
_entity_src_gen.gene_src_species                   ? 
_entity_src_gen.gene_src_strain                    ? 
_entity_src_gen.gene_src_tissue                    ? 
_entity_src_gen.gene_src_tissue_fraction           ? 
_entity_src_gen.gene_src_details                   ? 
_entity_src_gen.pdbx_gene_src_fragment             ? 
_entity_src_gen.pdbx_gene_src_scientific_name      'unidentified eubacterium clone A70' 
_entity_src_gen.pdbx_gene_src_ncbi_taxonomy_id     41312 
_entity_src_gen.pdbx_gene_src_variant              ? 
_entity_src_gen.pdbx_gene_src_cell_line            ? 
_entity_src_gen.pdbx_gene_src_atcc                 ? 
_entity_src_gen.pdbx_gene_src_organ                ? 
_entity_src_gen.pdbx_gene_src_organelle            ? 
_entity_src_gen.pdbx_gene_src_cell                 ? 
_entity_src_gen.pdbx_gene_src_cellular_location    ? 
_entity_src_gen.host_org_common_name               ? 
_entity_src_gen.pdbx_host_org_scientific_name      'in vitro transcription vector pT7-TP(deltai)' 
_entity_src_gen.pdbx_host_org_ncbi_taxonomy_id     905931 
_entity_src_gen.host_org_genus                     ? 
_entity_src_gen.pdbx_host_org_gene                 ? 
_entity_src_gen.pdbx_host_org_organ                ? 
_entity_src_gen.host_org_species                   ? 
_entity_src_gen.pdbx_host_org_tissue               ? 
_entity_src_gen.pdbx_host_org_tissue_fraction      ? 
_entity_src_gen.pdbx_host_org_strain               ? 
_entity_src_gen.pdbx_host_org_variant              ? 
_entity_src_gen.pdbx_host_org_cell_line            ? 
_entity_src_gen.pdbx_host_org_atcc                 ? 
_entity_src_gen.pdbx_host_org_culture_collection   ? 
_entity_src_gen.pdbx_host_org_cell                 ? 
_entity_src_gen.pdbx_host_org_organelle            ? 
_entity_src_gen.pdbx_host_org_cellular_location    ? 
_entity_src_gen.pdbx_host_org_vector_type          ? 
_entity_src_gen.pdbx_host_org_vector               ? 
_entity_src_gen.host_org_details                   ? 
_entity_src_gen.expression_system_id               ? 
_entity_src_gen.plasmid_name                       ? 
_entity_src_gen.plasmid_details                    ? 
_entity_src_gen.pdbx_description                   ? 
# 
loop_
_chem_comp.id 
_chem_comp.type 
_chem_comp.mon_nstd_flag 
_chem_comp.name 
_chem_comp.pdbx_synonyms 
_chem_comp.formula 
_chem_comp.formula_weight 
A   'RNA linking' y "ADENOSINE-5'-MONOPHOSPHATE" ? 'C10 H14 N5 O7 P'   347.221 
C   'RNA linking' y "CYTIDINE-5'-MONOPHOSPHATE"  ? 'C9 H14 N3 O8 P'    323.197 
G   'RNA linking' y "GUANOSINE-5'-MONOPHOSPHATE" ? 'C10 H14 N5 O8 P'   363.221 
GTP non-polymer   n "GUANOSINE-5'-TRIPHOSPHATE"  ? 'C10 H16 N5 O14 P3' 523.180 
H4B non-polymer   . 5,6,7,8-TETRAHYDROBIOPTERIN  ? 'C9 H15 N5 O3'      241.247 
HOH non-polymer   . WATER                        ? 'H2 O'              18.015  
MG  non-polymer   . 'MAGNESIUM ION'              ? 'Mg 2'              24.305  
SPM non-polymer   . SPERMINE                     ? 'C10 H26 N4'        202.340 
U   'RNA linking' y "URIDINE-5'-MONOPHOSPHATE"   ? 'C9 H13 N2 O9 P'    324.181 
# 
loop_
_pdbx_poly_seq_scheme.asym_id 
_pdbx_poly_seq_scheme.entity_id 
_pdbx_poly_seq_scheme.seq_id 
_pdbx_poly_seq_scheme.mon_id 
_pdbx_poly_seq_scheme.ndb_seq_num 
_pdbx_poly_seq_scheme.pdb_seq_num 
_pdbx_poly_seq_scheme.auth_seq_num 
_pdbx_poly_seq_scheme.pdb_mon_id 
_pdbx_poly_seq_scheme.auth_mon_id 
_pdbx_poly_seq_scheme.pdb_strand_id 
_pdbx_poly_seq_scheme.pdb_ins_code 
_pdbx_poly_seq_scheme.hetero 
A 1 1  GTP 1  1  1  GTP GTP A . n 
A 1 2  G   2  2  2  G   G   A . n 
A 1 3  G   3  3  3  G   G   A . n 
A 1 4  U   4  4  4  U   U   A . n 
A 1 5  G   5  5  5  G   G   A . n 
A 1 6  U   6  6  6  U   U   A . n 
A 1 7  G   7  7  7  G   G   A . n 
A 1 8  U   8  8  8  U   U   A . n 
A 1 9  A   9  9  9  A   A   A . n 
A 1 10 C   10 10 10 C   C   A . n 
A 1 11 C   11 11 11 C   C   A . n 
A 1 12 G   12 12 12 G   G   A . n 
A 1 13 U   13 13 13 U   U   A . n 
A 1 14 U   14 14 14 U   U   A . n 
A 1 15 C   15 15 15 C   C   A . n 
A 1 16 A   16 16 16 A   A   A . n 
A 1 17 A   17 17 17 A   A   A . n 
A 1 18 C   18 18 18 C   C   A . n 
A 1 19 U   19 19 19 U   U   A . n 
A 1 20 C   20 20 20 C   C   A . n 
A 1 21 G   21 21 21 G   G   A . n 
A 1 22 U   22 22 22 U   U   A . n 
A 1 23 C   23 23 23 C   C   A . n 
A 1 24 C   24 24 24 C   C   A . n 
A 1 25 C   25 25 25 C   C   A . n 
A 1 26 A   26 26 26 A   A   A . n 
A 1 27 G   27 27 27 G   G   A . n 
A 1 28 C   28 28 28 C   C   A . n 
A 1 29 U   29 29 29 U   U   A . n 
A 1 30 U   30 30 30 U   U   A . n 
A 1 31 C   31 31 31 C   C   A . n 
A 1 32 G   32 32 32 G   G   A . n 
A 1 33 A   33 33 33 A   A   A . n 
A 1 34 C   34 34 34 C   C   A . n 
A 1 35 U   35 35 35 U   U   A . n 
A 1 36 G   36 36 36 G   G   A . n 
A 1 37 G   37 37 37 G   G   A . n 
A 1 38 G   38 38 38 G   G   A . n 
A 1 39 A   39 39 39 A   A   A . n 
A 1 40 C   40 40 40 C   C   A . n 
A 1 41 U   41 41 41 U   U   A . n 
A 1 42 A   42 42 42 A   A   A . n 
A 1 43 C   43 43 43 C   C   A . n 
A 1 44 G   44 44 44 G   G   A . n 
A 1 45 G   45 45 45 G   G   A . n 
A 1 46 G   46 46 46 G   G   A . n 
A 1 47 A   47 47 47 A   A   A . n 
A 1 48 G   48 48 48 G   G   A . n 
A 1 49 C   49 49 49 C   C   A . n 
A 1 50 G   50 50 50 G   G   A . n 
A 1 51 C   51 51 51 C   C   A . n 
A 1 52 C   52 52 52 C   C   A . n 
A 1 53 U   53 53 53 U   U   A . n 
# 
loop_
_pdbx_nonpoly_scheme.asym_id 
_pdbx_nonpoly_scheme.entity_id 
_pdbx_nonpoly_scheme.mon_id 
_pdbx_nonpoly_scheme.ndb_seq_num 
_pdbx_nonpoly_scheme.pdb_seq_num 
_pdbx_nonpoly_scheme.auth_seq_num 
_pdbx_nonpoly_scheme.pdb_mon_id 
_pdbx_nonpoly_scheme.auth_mon_id 
_pdbx_nonpoly_scheme.pdb_strand_id 
_pdbx_nonpoly_scheme.pdb_ins_code 
B 2 H4B 1  101 101 H4B H4B A . 
C 3 MG  1  102 1   MG  MG  A . 
D 3 MG  1  103 2   MG  MG  A . 
E 4 SPM 1  104 201 SPM SPM A . 
F 5 HOH 1  201 23  HOH HOH A . 
F 5 HOH 2  202 4   HOH HOH A . 
F 5 HOH 3  203 26  HOH HOH A . 
F 5 HOH 4  204 21  HOH HOH A . 
F 5 HOH 5  205 13  HOH HOH A . 
F 5 HOH 6  206 19  HOH HOH A . 
F 5 HOH 7  207 1   HOH HOH A . 
F 5 HOH 8  208 14  HOH HOH A . 
F 5 HOH 9  209 20  HOH HOH A . 
F 5 HOH 10 210 29  HOH HOH A . 
F 5 HOH 11 211 17  HOH HOH A . 
F 5 HOH 12 212 12  HOH HOH A . 
F 5 HOH 13 213 2   HOH HOH A . 
F 5 HOH 14 214 11  HOH HOH A . 
F 5 HOH 15 215 7   HOH HOH A . 
F 5 HOH 16 216 24  HOH HOH A . 
F 5 HOH 17 217 3   HOH HOH A . 
F 5 HOH 18 218 8   HOH HOH A . 
F 5 HOH 19 219 10  HOH HOH A . 
F 5 HOH 20 220 6   HOH HOH A . 
F 5 HOH 21 221 5   HOH HOH A . 
F 5 HOH 22 222 25  HOH HOH A . 
F 5 HOH 23 223 22  HOH HOH A . 
F 5 HOH 24 224 27  HOH HOH A . 
F 5 HOH 25 225 18  HOH HOH A . 
F 5 HOH 26 226 16  HOH HOH A . 
F 5 HOH 27 227 9   HOH HOH A . 
F 5 HOH 28 228 28  HOH HOH A . 
F 5 HOH 29 229 15  HOH HOH A . 
# 
loop_
_software.citation_id 
_software.classification 
_software.compiler_name 
_software.compiler_version 
_software.contact_author 
_software.contact_author_email 
_software.date 
_software.description 
_software.dependencies 
_software.hardware 
_software.language 
_software.location 
_software.mods 
_software.name 
_software.os 
_software.os_version 
_software.type 
_software.version 
_software.pdbx_ordinal 
? refinement       ? ? ? ? ? ? ? ? ? ? ? PHENIX   ? ? ? '(1.18.2_3874: ???)' 1 
? 'data scaling'   ? ? ? ? ? ? ? ? ? ? ? HKL-3000 ? ? ? .                    2 
? 'data reduction' ? ? ? ? ? ? ? ? ? ? ? HKL-3000 ? ? ? .                    3 
? phasing          ? ? ? ? ? ? ? ? ? ? ? PHASER   ? ? ? .                    4 
# 
_cell.angle_alpha                  90.00 
_cell.angle_alpha_esd              ? 
_cell.angle_beta                   90.00 
_cell.angle_beta_esd               ? 
_cell.angle_gamma                  90.00 
_cell.angle_gamma_esd              ? 
_cell.entry_id                     8XZN 
_cell.details                      ? 
_cell.formula_units_Z              ? 
_cell.length_a                     49.277 
_cell.length_a_esd                 ? 
_cell.length_b                     57.490 
_cell.length_b_esd                 ? 
_cell.length_c                     62.914 
_cell.length_c_esd                 ? 
_cell.volume                       ? 
_cell.volume_esd                   ? 
_cell.Z_PDB                        4 
_cell.reciprocal_angle_alpha       ? 
_cell.reciprocal_angle_beta        ? 
_cell.reciprocal_angle_gamma       ? 
_cell.reciprocal_angle_alpha_esd   ? 
_cell.reciprocal_angle_beta_esd    ? 
_cell.reciprocal_angle_gamma_esd   ? 
_cell.reciprocal_length_a          ? 
_cell.reciprocal_length_b          ? 
_cell.reciprocal_length_c          ? 
_cell.reciprocal_length_a_esd      ? 
_cell.reciprocal_length_b_esd      ? 
_cell.reciprocal_length_c_esd      ? 
_cell.pdbx_unique_axis             ? 
_cell.pdbx_esd_method              ? 
# 
_symmetry.entry_id                         8XZN 
_symmetry.cell_setting                     ? 
_symmetry.Int_Tables_number                19 
_symmetry.space_group_name_Hall            ? 
_symmetry.space_group_name_H-M             'P 21 21 21' 
_symmetry.pdbx_full_space_group_name_H-M   ? 
# 
_exptl.absorpt_coefficient_mu     ? 
_exptl.absorpt_correction_T_max   ? 
_exptl.absorpt_correction_T_min   ? 
_exptl.absorpt_correction_type    ? 
_exptl.absorpt_process_details    ? 
_exptl.entry_id                   8XZN 
_exptl.crystals_number            1 
_exptl.details                    ? 
_exptl.method                     'X-RAY DIFFRACTION' 
_exptl.method_details             ? 
# 
_exptl_crystal.colour                       ? 
_exptl_crystal.density_diffrn               ? 
_exptl_crystal.density_Matthews             2.67 
_exptl_crystal.density_method               ? 
_exptl_crystal.density_percent_sol          53.99 
_exptl_crystal.description                  ? 
_exptl_crystal.F_000                        ? 
_exptl_crystal.id                           1 
_exptl_crystal.preparation                  ? 
_exptl_crystal.size_max                     ? 
_exptl_crystal.size_mid                     ? 
_exptl_crystal.size_min                     ? 
_exptl_crystal.size_rad                     ? 
_exptl_crystal.colour_lustre                ? 
_exptl_crystal.colour_modifier              ? 
_exptl_crystal.colour_primary               ? 
_exptl_crystal.density_meas                 ? 
_exptl_crystal.density_meas_esd             ? 
_exptl_crystal.density_meas_gt              ? 
_exptl_crystal.density_meas_lt              ? 
_exptl_crystal.density_meas_temp            ? 
_exptl_crystal.density_meas_temp_esd        ? 
_exptl_crystal.density_meas_temp_gt         ? 
_exptl_crystal.density_meas_temp_lt         ? 
_exptl_crystal.pdbx_crystal_image_url       ? 
_exptl_crystal.pdbx_crystal_image_format    ? 
_exptl_crystal.pdbx_mosaicity               ? 
_exptl_crystal.pdbx_mosaicity_esd           ? 
_exptl_crystal.pdbx_mosaic_method           ? 
_exptl_crystal.pdbx_mosaic_block_size       ? 
_exptl_crystal.pdbx_mosaic_block_size_esd   ? 
# 
_exptl_crystal_grow.apparatus       ? 
_exptl_crystal_grow.atmosphere      ? 
_exptl_crystal_grow.crystal_id      1 
_exptl_crystal_grow.details         ? 
_exptl_crystal_grow.method          'VAPOR DIFFUSION, SITTING DROP' 
_exptl_crystal_grow.method_ref      ? 
_exptl_crystal_grow.pH              ? 
_exptl_crystal_grow.pressure        ? 
_exptl_crystal_grow.pressure_esd    ? 
_exptl_crystal_grow.seeding         ? 
_exptl_crystal_grow.seeding_ref     ? 
_exptl_crystal_grow.temp_details    ? 
_exptl_crystal_grow.temp_esd        ? 
_exptl_crystal_grow.time            ? 
_exptl_crystal_grow.pdbx_details    
'0.08 M Sodium chloride, 0.04 M Sodium cacodylate trihydrate pH 7.0, 30% v/v MPD, 0.012 M Spermine tetrahydrochloride' 
_exptl_crystal_grow.pdbx_pH_range   ? 
_exptl_crystal_grow.temp            289 
# 
_diffrn.ambient_environment              ? 
_diffrn.ambient_temp                     100 
_diffrn.ambient_temp_details             ? 
_diffrn.ambient_temp_esd                 ? 
_diffrn.crystal_id                       1 
_diffrn.crystal_support                  ? 
_diffrn.crystal_treatment                ? 
_diffrn.details                          ? 
_diffrn.id                               1 
_diffrn.ambient_pressure                 ? 
_diffrn.ambient_pressure_esd             ? 
_diffrn.ambient_pressure_gt              ? 
_diffrn.ambient_pressure_lt              ? 
_diffrn.ambient_temp_gt                  ? 
_diffrn.ambient_temp_lt                  ? 
_diffrn.pdbx_serial_crystal_experiment   N 
# 
_diffrn_detector.details                      ? 
_diffrn_detector.detector                     PIXEL 
_diffrn_detector.diffrn_id                    1 
_diffrn_detector.type                         'DECTRIS PILATUS 6M' 
_diffrn_detector.area_resol_mean              ? 
_diffrn_detector.dtime                        ? 
_diffrn_detector.pdbx_frames_total            ? 
_diffrn_detector.pdbx_collection_time_total   ? 
_diffrn_detector.pdbx_collection_date         2021-12-11 
_diffrn_detector.pdbx_frequency               ? 
_diffrn_detector.id                           ? 
_diffrn_detector.number_of_axes               ? 
# 
_diffrn_radiation.collimation                      ? 
_diffrn_radiation.diffrn_id                        1 
_diffrn_radiation.filter_edge                      ? 
_diffrn_radiation.inhomogeneity                    ? 
_diffrn_radiation.monochromator                    ? 
_diffrn_radiation.polarisn_norm                    ? 
_diffrn_radiation.polarisn_ratio                   ? 
_diffrn_radiation.probe                            ? 
_diffrn_radiation.type                             ? 
_diffrn_radiation.xray_symbol                      ? 
_diffrn_radiation.wavelength_id                    1 
_diffrn_radiation.pdbx_monochromatic_or_laue_m_l   M 
_diffrn_radiation.pdbx_wavelength_list             ? 
_diffrn_radiation.pdbx_wavelength                  ? 
_diffrn_radiation.pdbx_diffrn_protocol             'SINGLE WAVELENGTH' 
_diffrn_radiation.pdbx_analyzer                    ? 
_diffrn_radiation.pdbx_scattering_type             x-ray 
# 
_diffrn_radiation_wavelength.id           1 
_diffrn_radiation_wavelength.wavelength   0.97853 
_diffrn_radiation_wavelength.wt           1.0 
# 
_diffrn_source.current                     ? 
_diffrn_source.details                     ? 
_diffrn_source.diffrn_id                   1 
_diffrn_source.power                       ? 
_diffrn_source.size                        ? 
_diffrn_source.source                      SYNCHROTRON 
_diffrn_source.target                      ? 
_diffrn_source.type                        'SSRF BEAMLINE BL18U1' 
_diffrn_source.voltage                     ? 
_diffrn_source.take-off_angle              ? 
_diffrn_source.pdbx_wavelength_list        0.97853 
_diffrn_source.pdbx_wavelength             ? 
_diffrn_source.pdbx_synchrotron_beamline   BL18U1 
_diffrn_source.pdbx_synchrotron_site       SSRF 
# 
_reflns.B_iso_Wilson_estimate                          ? 
_reflns.entry_id                                       8XZN 
_reflns.data_reduction_details                         ? 
_reflns.data_reduction_method                          ? 
_reflns.d_resolution_high                              1.82 
_reflns.d_resolution_low                               50.00 
_reflns.details                                        ? 
_reflns.limit_h_max                                    ? 
_reflns.limit_h_min                                    ? 
_reflns.limit_k_max                                    ? 
_reflns.limit_k_min                                    ? 
_reflns.limit_l_max                                    ? 
_reflns.limit_l_min                                    ? 
_reflns.number_all                                     ? 
_reflns.number_obs                                     16566 
_reflns.observed_criterion                             ? 
_reflns.observed_criterion_F_max                       ? 
_reflns.observed_criterion_F_min                       ? 
_reflns.observed_criterion_I_max                       ? 
_reflns.observed_criterion_I_min                       ? 
_reflns.observed_criterion_sigma_F                     ? 
_reflns.observed_criterion_sigma_I                     ? 
_reflns.percent_possible_obs                           99.9 
_reflns.R_free_details                                 ? 
_reflns.Rmerge_F_all                                   ? 
_reflns.Rmerge_F_obs                                   ? 
_reflns.Friedel_coverage                               ? 
_reflns.number_gt                                      ? 
_reflns.threshold_expression                           ? 
_reflns.pdbx_redundancy                                12.7 
_reflns.pdbx_netI_over_av_sigmaI                       ? 
_reflns.pdbx_netI_over_sigmaI                          6.0 
_reflns.pdbx_res_netI_over_av_sigmaI_2                 ? 
_reflns.pdbx_res_netI_over_sigmaI_2                    ? 
_reflns.pdbx_chi_squared                               1.029 
_reflns.pdbx_scaling_rejects                           ? 
_reflns.pdbx_d_res_high_opt                            ? 
_reflns.pdbx_d_res_low_opt                             ? 
_reflns.pdbx_d_res_opt_method                          ? 
_reflns.phase_calculation_details                      ? 
_reflns.pdbx_Rrim_I_all                                0.084 
_reflns.pdbx_Rpim_I_all                                0.024 
_reflns.pdbx_d_opt                                     ? 
_reflns.pdbx_number_measured_all                       210385 
_reflns.pdbx_diffrn_id                                 1 
_reflns.pdbx_ordinal                                   1 
_reflns.pdbx_CC_half                                   0.979 
_reflns.pdbx_CC_star                                   0.995 
_reflns.pdbx_R_split                                   ? 
_reflns.pdbx_Rmerge_I_obs                              0.080 
_reflns.pdbx_Rmerge_I_all                              ? 
_reflns.pdbx_Rsym_value                                ? 
_reflns.pdbx_CC_split_method                           ? 
_reflns.pdbx_aniso_diffraction_limit_axis_1_ortho[1]   ? 
_reflns.pdbx_aniso_diffraction_limit_axis_1_ortho[2]   ? 
_reflns.pdbx_aniso_diffraction_limit_axis_1_ortho[3]   ? 
_reflns.pdbx_aniso_diffraction_limit_axis_2_ortho[1]   ? 
_reflns.pdbx_aniso_diffraction_limit_axis_2_ortho[2]   ? 
_reflns.pdbx_aniso_diffraction_limit_axis_2_ortho[3]   ? 
_reflns.pdbx_aniso_diffraction_limit_axis_3_ortho[1]   ? 
_reflns.pdbx_aniso_diffraction_limit_axis_3_ortho[2]   ? 
_reflns.pdbx_aniso_diffraction_limit_axis_3_ortho[3]   ? 
_reflns.pdbx_aniso_diffraction_limit_1                 ? 
_reflns.pdbx_aniso_diffraction_limit_2                 ? 
_reflns.pdbx_aniso_diffraction_limit_3                 ? 
_reflns.pdbx_aniso_B_tensor_eigenvector_1_ortho[1]     ? 
_reflns.pdbx_aniso_B_tensor_eigenvector_1_ortho[2]     ? 
_reflns.pdbx_aniso_B_tensor_eigenvector_1_ortho[3]     ? 
_reflns.pdbx_aniso_B_tensor_eigenvector_2_ortho[1]     ? 
_reflns.pdbx_aniso_B_tensor_eigenvector_2_ortho[2]     ? 
_reflns.pdbx_aniso_B_tensor_eigenvector_2_ortho[3]     ? 
_reflns.pdbx_aniso_B_tensor_eigenvector_3_ortho[1]     ? 
_reflns.pdbx_aniso_B_tensor_eigenvector_3_ortho[2]     ? 
_reflns.pdbx_aniso_B_tensor_eigenvector_3_ortho[3]     ? 
_reflns.pdbx_aniso_B_tensor_eigenvalue_1               ? 
_reflns.pdbx_aniso_B_tensor_eigenvalue_2               ? 
_reflns.pdbx_aniso_B_tensor_eigenvalue_3               ? 
_reflns.pdbx_orthogonalization_convention              ? 
_reflns.pdbx_percent_possible_ellipsoidal              ? 
_reflns.pdbx_percent_possible_spherical                ? 
_reflns.pdbx_percent_possible_ellipsoidal_anomalous    ? 
_reflns.pdbx_percent_possible_spherical_anomalous      ? 
_reflns.pdbx_redundancy_anomalous                      ? 
_reflns.pdbx_CC_half_anomalous                         ? 
_reflns.pdbx_absDiff_over_sigma_anomalous              ? 
_reflns.pdbx_percent_possible_anomalous                ? 
_reflns.pdbx_observed_signal_threshold                 ? 
_reflns.pdbx_signal_type                               ? 
_reflns.pdbx_signal_details                            ? 
_reflns.pdbx_signal_software_id                        ? 
# 
loop_
_reflns_shell.d_res_high 
_reflns_shell.d_res_low 
_reflns_shell.meanI_over_sigI_all 
_reflns_shell.meanI_over_sigI_obs 
_reflns_shell.number_measured_all 
_reflns_shell.number_measured_obs 
_reflns_shell.number_possible 
_reflns_shell.number_unique_all 
_reflns_shell.number_unique_obs 
_reflns_shell.percent_possible_obs 
_reflns_shell.Rmerge_F_all 
_reflns_shell.Rmerge_F_obs 
_reflns_shell.meanI_over_sigI_gt 
_reflns_shell.meanI_over_uI_all 
_reflns_shell.meanI_over_uI_gt 
_reflns_shell.number_measured_gt 
_reflns_shell.number_unique_gt 
_reflns_shell.percent_possible_gt 
_reflns_shell.Rmerge_F_gt 
_reflns_shell.Rmerge_I_gt 
_reflns_shell.pdbx_redundancy 
_reflns_shell.pdbx_chi_squared 
_reflns_shell.pdbx_netI_over_sigmaI_all 
_reflns_shell.pdbx_netI_over_sigmaI_obs 
_reflns_shell.pdbx_Rrim_I_all 
_reflns_shell.pdbx_Rpim_I_all 
_reflns_shell.pdbx_rejects 
_reflns_shell.pdbx_ordinal 
_reflns_shell.pdbx_diffrn_id 
_reflns_shell.pdbx_CC_half 
_reflns_shell.pdbx_CC_star 
_reflns_shell.pdbx_R_split 
_reflns_shell.percent_possible_all 
_reflns_shell.Rmerge_I_all 
_reflns_shell.Rmerge_I_obs 
_reflns_shell.pdbx_Rsym_value 
_reflns_shell.pdbx_percent_possible_ellipsoidal 
_reflns_shell.pdbx_percent_possible_spherical 
_reflns_shell.pdbx_percent_possible_ellipsoidal_anomalous 
_reflns_shell.pdbx_percent_possible_spherical_anomalous 
_reflns_shell.pdbx_redundancy_anomalous 
_reflns_shell.pdbx_CC_half_anomalous 
_reflns_shell.pdbx_absDiff_over_sigma_anomalous 
_reflns_shell.pdbx_percent_possible_anomalous 
1.82 1.85  ? ? ? ? ? ? 804 ? ? ? ? ? ? ? ? ? ? ? 11.8 0.425 ? ? 1.161 0.330 ? 1  1 0.734 0.920 ? 99.8  ? 1.111 ? ? ? ? ? ? ? ? ? 
1.85 1.89  ? ? ? ? ? ? 816 ? ? ? ? ? ? ? ? ? ? ? 12.7 0.457 ? ? 0.920 0.254 ? 2  1 0.861 0.962 ? 100.0 ? 0.884 ? ? ? ? ? ? ? ? ? 
1.89 1.92  ? ? ? ? ? ? 796 ? ? ? ? ? ? ? ? ? ? ? 12.8 0.572 ? ? 0.852 0.234 ? 3  1 0.867 0.964 ? 99.9  ? 0.819 ? ? ? ? ? ? ? ? ? 
1.92 1.96  ? ? ? ? ? ? 813 ? ? ? ? ? ? ? ? ? ? ? 13.1 0.475 ? ? 0.661 0.180 ? 4  1 0.922 0.979 ? 100.0 ? 0.635 ? ? ? ? ? ? ? ? ? 
1.96 2.00  ? ? ? ? ? ? 825 ? ? ? ? ? ? ? ? ? ? ? 12.9 0.484 ? ? 0.464 0.127 ? 5  1 0.956 0.989 ? 99.9  ? 0.446 ? ? ? ? ? ? ? ? ? 
2.00 2.05  ? ? ? ? ? ? 822 ? ? ? ? ? ? ? ? ? ? ? 12.0 0.522 ? ? 0.403 0.115 ? 6  1 0.956 0.989 ? 99.6  ? 0.385 ? ? ? ? ? ? ? ? ? 
2.05 2.10  ? ? ? ? ? ? 803 ? ? ? ? ? ? ? ? ? ? ? 12.9 0.670 ? ? 0.389 0.108 ? 7  1 0.963 0.991 ? 100.0 ? 0.373 ? ? ? ? ? ? ? ? ? 
2.10 2.16  ? ? ? ? ? ? 822 ? ? ? ? ? ? ? ? ? ? ? 13.4 0.569 ? ? 0.278 0.075 ? 8  1 0.982 0.995 ? 100.0 ? 0.267 ? ? ? ? ? ? ? ? ? 
2.16 2.22  ? ? ? ? ? ? 812 ? ? ? ? ? ? ? ? ? ? ? 13.5 0.592 ? ? 0.229 0.061 ? 9  1 0.987 0.997 ? 100.0 ? 0.220 ? ? ? ? ? ? ? ? ? 
2.22 2.29  ? ? ? ? ? ? 822 ? ? ? ? ? ? ? ? ? ? ? 13.2 0.717 ? ? 0.224 0.061 ? 10 1 0.991 0.998 ? 100.0 ? 0.215 ? ? ? ? ? ? ? ? ? 
2.29 2.37  ? ? ? ? ? ? 818 ? ? ? ? ? ? ? ? ? ? ? 13.0 0.672 ? ? 0.164 0.045 ? 11 1 0.994 0.999 ? 100.0 ? 0.158 ? ? ? ? ? ? ? ? ? 
2.37 2.47  ? ? ? ? ? ? 816 ? ? ? ? ? ? ? ? ? ? ? 12.3 0.745 ? ? 0.138 0.039 ? 12 1 0.993 0.998 ? 99.8  ? 0.132 ? ? ? ? ? ? ? ? ? 
2.47 2.58  ? ? ? ? ? ? 829 ? ? ? ? ? ? ? ? ? ? ? 12.6 0.903 ? ? 0.122 0.034 ? 13 1 0.994 0.998 ? 100.0 ? 0.117 ? ? ? ? ? ? ? ? ? 
2.58 2.72  ? ? ? ? ? ? 828 ? ? ? ? ? ? ? ? ? ? ? 13.5 1.140 ? ? 0.111 0.030 ? 14 1 0.995 0.999 ? 100.0 ? 0.107 ? ? ? ? ? ? ? ? ? 
2.72 2.89  ? ? ? ? ? ? 831 ? ? ? ? ? ? ? ? ? ? ? 13.2 1.248 ? ? 0.097 0.027 ? 15 1 0.996 0.999 ? 100.0 ? 0.093 ? ? ? ? ? ? ? ? ? 
2.89 3.11  ? ? ? ? ? ? 824 ? ? ? ? ? ? ? ? ? ? ? 12.8 1.574 ? ? 0.084 0.024 ? 16 1 0.997 0.999 ? 100.0 ? 0.081 ? ? ? ? ? ? ? ? ? 
3.11 3.43  ? ? ? ? ? ? 843 ? ? ? ? ? ? ? ? ? ? ? 12.1 1.983 ? ? 0.078 0.022 ? 17 1 0.998 0.999 ? 99.6  ? 0.074 ? ? ? ? ? ? ? ? ? 
3.43 3.92  ? ? ? ? ? ? 848 ? ? ? ? ? ? ? ? ? ? ? 13.1 2.152 ? ? 0.077 0.021 ? 18 1 0.998 0.999 ? 99.9  ? 0.073 ? ? ? ? ? ? ? ? ? 
3.92 4.94  ? ? ? ? ? ? 867 ? ? ? ? ? ? ? ? ? ? ? 11.8 2.198 ? ? 0.075 0.022 ? 19 1 0.996 0.999 ? 99.8  ? 0.072 ? ? ? ? ? ? ? ? ? 
4.94 50.00 ? ? ? ? ? ? 927 ? ? ? ? ? ? ? ? ? ? ? 11.6 2.377 ? ? 0.077 0.023 ? 20 1 0.995 0.999 ? 99.7  ? 0.073 ? ? ? ? ? ? ? ? ? 
# 
_refine.aniso_B[1][1]                            ? 
_refine.aniso_B[1][2]                            ? 
_refine.aniso_B[1][3]                            ? 
_refine.aniso_B[2][2]                            ? 
_refine.aniso_B[2][3]                            ? 
_refine.aniso_B[3][3]                            ? 
_refine.B_iso_max                                ? 
_refine.B_iso_mean                               ? 
_refine.B_iso_min                                ? 
_refine.correlation_coeff_Fo_to_Fc               ? 
_refine.correlation_coeff_Fo_to_Fc_free          ? 
_refine.details                                  ? 
_refine.diff_density_max                         ? 
_refine.diff_density_max_esd                     ? 
_refine.diff_density_min                         ? 
_refine.diff_density_min_esd                     ? 
_refine.diff_density_rms                         ? 
_refine.diff_density_rms_esd                     ? 
_refine.entry_id                                 8XZN 
_refine.pdbx_refine_id                           'X-RAY DIFFRACTION' 
_refine.ls_abs_structure_details                 ? 
_refine.ls_abs_structure_Flack                   ? 
_refine.ls_abs_structure_Flack_esd               ? 
_refine.ls_abs_structure_Rogers                  ? 
_refine.ls_abs_structure_Rogers_esd              ? 
_refine.ls_d_res_high                            1.82 
_refine.ls_d_res_low                             31.46 
_refine.ls_extinction_coef                       ? 
_refine.ls_extinction_coef_esd                   ? 
_refine.ls_extinction_expression                 ? 
_refine.ls_extinction_method                     ? 
_refine.ls_goodness_of_fit_all                   ? 
_refine.ls_goodness_of_fit_all_esd               ? 
_refine.ls_goodness_of_fit_obs                   ? 
_refine.ls_goodness_of_fit_obs_esd               ? 
_refine.ls_hydrogen_treatment                    ? 
_refine.ls_matrix_type                           ? 
_refine.ls_number_constraints                    ? 
_refine.ls_number_parameters                     ? 
_refine.ls_number_reflns_all                     ? 
_refine.ls_number_reflns_obs                     16502 
_refine.ls_number_reflns_R_free                  851 
_refine.ls_number_reflns_R_work                  ? 
_refine.ls_number_restraints                     ? 
_refine.ls_percent_reflns_obs                    99.67 
_refine.ls_percent_reflns_R_free                 5.16 
_refine.ls_R_factor_all                          ? 
_refine.ls_R_factor_obs                          0.2162 
_refine.ls_R_factor_R_free                       0.2443 
_refine.ls_R_factor_R_free_error                 ? 
_refine.ls_R_factor_R_free_error_details         ? 
_refine.ls_R_factor_R_work                       0.2149 
_refine.ls_R_Fsqd_factor_obs                     ? 
_refine.ls_R_I_factor_obs                        ? 
_refine.ls_redundancy_reflns_all                 ? 
_refine.ls_redundancy_reflns_obs                 ? 
_refine.ls_restrained_S_all                      ? 
_refine.ls_restrained_S_obs                      ? 
_refine.ls_shift_over_esd_max                    ? 
_refine.ls_shift_over_esd_mean                   ? 
_refine.ls_structure_factor_coef                 ? 
_refine.ls_weighting_details                     ? 
_refine.ls_weighting_scheme                      ? 
_refine.ls_wR_factor_all                         ? 
_refine.ls_wR_factor_obs                         ? 
_refine.ls_wR_factor_R_free                      ? 
_refine.ls_wR_factor_R_work                      ? 
_refine.occupancy_max                            ? 
_refine.occupancy_min                            ? 
_refine.solvent_model_details                    'FLAT BULK SOLVENT MODEL' 
_refine.solvent_model_param_bsol                 ? 
_refine.solvent_model_param_ksol                 ? 
_refine.pdbx_R_complete                          ? 
_refine.ls_R_factor_gt                           ? 
_refine.ls_goodness_of_fit_gt                    ? 
_refine.ls_goodness_of_fit_ref                   ? 
_refine.ls_shift_over_su_max                     ? 
_refine.ls_shift_over_su_max_lt                  ? 
_refine.ls_shift_over_su_mean                    ? 
_refine.ls_shift_over_su_mean_lt                 ? 
_refine.pdbx_ls_sigma_I                          ? 
_refine.pdbx_ls_sigma_F                          1.35 
_refine.pdbx_ls_sigma_Fsqd                       ? 
_refine.pdbx_data_cutoff_high_absF               ? 
_refine.pdbx_data_cutoff_high_rms_absF           ? 
_refine.pdbx_data_cutoff_low_absF                ? 
_refine.pdbx_isotropic_thermal_model             ? 
_refine.pdbx_ls_cross_valid_method               THROUGHOUT 
_refine.pdbx_method_to_determine_struct          'MOLECULAR REPLACEMENT' 
_refine.pdbx_starting_model                      ? 
_refine.pdbx_stereochemistry_target_values       ML 
_refine.pdbx_R_Free_selection_details            ? 
_refine.pdbx_stereochem_target_val_spec_case     ? 
_refine.pdbx_overall_ESU_R                       ? 
_refine.pdbx_overall_ESU_R_Free                  ? 
_refine.pdbx_solvent_vdw_probe_radii             1.11 
_refine.pdbx_solvent_ion_probe_radii             ? 
_refine.pdbx_solvent_shrinkage_radii             0.90 
_refine.pdbx_real_space_R                        ? 
_refine.pdbx_density_correlation                 ? 
_refine.pdbx_pd_number_of_powder_patterns        ? 
_refine.pdbx_pd_number_of_points                 ? 
_refine.pdbx_pd_meas_number_of_points            ? 
_refine.pdbx_pd_proc_ls_prof_R_factor            ? 
_refine.pdbx_pd_proc_ls_prof_wR_factor           ? 
_refine.pdbx_pd_Marquardt_correlation_coeff      ? 
_refine.pdbx_pd_Fsqrd_R_factor                   ? 
_refine.pdbx_pd_ls_matrix_band_width             ? 
_refine.pdbx_overall_phase_error                 32.33 
_refine.pdbx_overall_SU_R_free_Cruickshank_DPI   ? 
_refine.pdbx_overall_SU_R_free_Blow_DPI          ? 
_refine.pdbx_overall_SU_R_Blow_DPI               ? 
_refine.pdbx_TLS_residual_ADP_flag               ? 
_refine.pdbx_diffrn_id                           1 
_refine.overall_SU_B                             ? 
_refine.overall_SU_ML                            0.26 
_refine.overall_SU_R_Cruickshank_DPI             ? 
_refine.overall_SU_R_free                        ? 
_refine.overall_FOM_free_R_set                   ? 
_refine.overall_FOM_work_R_set                   ? 
_refine.pdbx_average_fsc_overall                 ? 
_refine.pdbx_average_fsc_work                    ? 
_refine.pdbx_average_fsc_free                    ? 
# 
_refine_hist.pdbx_refine_id                   'X-RAY DIFFRACTION' 
_refine_hist.cycle_id                         LAST 
_refine_hist.pdbx_number_atoms_protein        0 
_refine_hist.pdbx_number_atoms_nucleic_acid   1104 
_refine_hist.pdbx_number_atoms_ligand         65 
_refine_hist.number_atoms_solvent             29 
_refine_hist.number_atoms_total               1198 
_refine_hist.d_res_high                       1.82 
_refine_hist.d_res_low                        31.46 
# 
loop_
_refine_ls_restr.pdbx_refine_id 
_refine_ls_restr.criterion 
_refine_ls_restr.dev_ideal 
_refine_ls_restr.dev_ideal_target 
_refine_ls_restr.number 
_refine_ls_restr.rejects 
_refine_ls_restr.type 
_refine_ls_restr.weight 
_refine_ls_restr.pdbx_restraint_function 
'X-RAY DIFFRACTION' ? 0.006  ? 1296 ? f_bond_d           ? ? 
'X-RAY DIFFRACTION' ? 1.187  ? 2008 ? f_angle_d          ? ? 
'X-RAY DIFFRACTION' ? 15.192 ? 653  ? f_dihedral_angle_d ? ? 
'X-RAY DIFFRACTION' ? 0.047  ? 267  ? f_chiral_restr     ? ? 
'X-RAY DIFFRACTION' ? 0.007  ? 54   ? f_plane_restr      ? ? 
# 
loop_
_refine_ls_shell.pdbx_refine_id 
_refine_ls_shell.d_res_high 
_refine_ls_shell.d_res_low 
_refine_ls_shell.number_reflns_all 
_refine_ls_shell.number_reflns_obs 
_refine_ls_shell.number_reflns_R_free 
_refine_ls_shell.number_reflns_R_work 
_refine_ls_shell.percent_reflns_obs 
_refine_ls_shell.percent_reflns_R_free 
_refine_ls_shell.R_factor_all 
_refine_ls_shell.R_factor_obs 
_refine_ls_shell.R_factor_R_free_error 
_refine_ls_shell.R_factor_R_work 
_refine_ls_shell.redundancy_reflns_all 
_refine_ls_shell.redundancy_reflns_obs 
_refine_ls_shell.wR_factor_all 
_refine_ls_shell.wR_factor_obs 
_refine_ls_shell.wR_factor_R_free 
_refine_ls_shell.wR_factor_R_work 
_refine_ls_shell.pdbx_R_complete 
_refine_ls_shell.pdbx_total_number_of_bins_used 
_refine_ls_shell.pdbx_phase_error 
_refine_ls_shell.pdbx_fsc_work 
_refine_ls_shell.pdbx_fsc_free 
_refine_ls_shell.R_factor_R_free 
'X-RAY DIFFRACTION' 1.82 1.94  . . 142 2542 99.00  . . . . 0.3151 . . . . . . . . . . . 0.3402 
'X-RAY DIFFRACTION' 1.94 2.08  . . 119 2578 100.00 . . . . 0.2875 . . . . . . . . . . . 0.3374 
'X-RAY DIFFRACTION' 2.08 2.29  . . 143 2596 100.00 . . . . 0.2903 . . . . . . . . . . . 0.3186 
'X-RAY DIFFRACTION' 2.29 2.63  . . 144 2584 100.00 . . . . 0.2875 . . . . . . . . . . . 0.2761 
'X-RAY DIFFRACTION' 2.63 3.31  . . 151 2617 100.00 . . . . 0.2583 . . . . . . . . . . . 0.2774 
'X-RAY DIFFRACTION' 3.31 31.46 . . 152 2734 99.00  . . . . 0.1678 . . . . . . . . . . . 0.2078 
# 
_struct.entry_id                     8XZN 
_struct.title                        'Crystal structure of folE riboswitch with BH4' 
_struct.pdbx_model_details           ? 
_struct.pdbx_formula_weight          ? 
_struct.pdbx_formula_weight_method   ? 
_struct.pdbx_model_type_details      ? 
_struct.pdbx_CASP_flag               N 
# 
_struct_keywords.entry_id        8XZN 
_struct_keywords.text            'riboswitch, BH4, RNA' 
_struct_keywords.pdbx_keywords   RNA 
# 
loop_
_struct_asym.id 
_struct_asym.pdbx_blank_PDB_chainid_flag 
_struct_asym.pdbx_modified 
_struct_asym.entity_id 
_struct_asym.details 
A N N 1 ? 
B N N 2 ? 
C N N 3 ? 
D N N 3 ? 
E N N 4 ? 
F N N 5 ? 
# 
_struct_ref.id                         1 
_struct_ref.db_name                    PDB 
_struct_ref.db_code                    8XZN 
_struct_ref.pdbx_db_accession          8XZN 
_struct_ref.pdbx_db_isoform            ? 
_struct_ref.entity_id                  1 
_struct_ref.pdbx_seq_one_letter_code   ? 
_struct_ref.pdbx_align_begin           1 
# 
_struct_ref_seq.align_id                      1 
_struct_ref_seq.ref_id                        1 
_struct_ref_seq.pdbx_PDB_id_code              8XZN 
_struct_ref_seq.pdbx_strand_id                A 
_struct_ref_seq.seq_align_beg                 1 
_struct_ref_seq.pdbx_seq_align_beg_ins_code   ? 
_struct_ref_seq.seq_align_end                 53 
_struct_ref_seq.pdbx_seq_align_end_ins_code   ? 
_struct_ref_seq.pdbx_db_accession             8XZN 
_struct_ref_seq.db_align_beg                  1 
_struct_ref_seq.pdbx_db_align_beg_ins_code    ? 
_struct_ref_seq.db_align_end                  53 
_struct_ref_seq.pdbx_db_align_end_ins_code    ? 
_struct_ref_seq.pdbx_auth_seq_align_beg       1 
_struct_ref_seq.pdbx_auth_seq_align_end       53 
# 
_pdbx_struct_assembly.id                   1 
_pdbx_struct_assembly.details              author_defined_assembly 
_pdbx_struct_assembly.method_details       ? 
_pdbx_struct_assembly.oligomeric_details   monomeric 
_pdbx_struct_assembly.oligomeric_count     1 
# 
_pdbx_struct_assembly_gen.assembly_id       1 
_pdbx_struct_assembly_gen.oper_expression   1 
_pdbx_struct_assembly_gen.asym_id_list      A,B,C,D,E,F 
# 
_pdbx_struct_assembly_auth_evidence.id                     1 
_pdbx_struct_assembly_auth_evidence.assembly_id            1 
_pdbx_struct_assembly_auth_evidence.experimental_support   'isothermal titration calorimetry' 
_pdbx_struct_assembly_auth_evidence.details                ? 
# 
_pdbx_struct_oper_list.id                   1 
_pdbx_struct_oper_list.type                 'identity operation' 
_pdbx_struct_oper_list.name                 1_555 
_pdbx_struct_oper_list.symmetry_operation   x,y,z 
_pdbx_struct_oper_list.matrix[1][1]         1.0000000000 
_pdbx_struct_oper_list.matrix[1][2]         0.0000000000 
_pdbx_struct_oper_list.matrix[1][3]         0.0000000000 
_pdbx_struct_oper_list.vector[1]            0.0000000000 
_pdbx_struct_oper_list.matrix[2][1]         0.0000000000 
_pdbx_struct_oper_list.matrix[2][2]         1.0000000000 
_pdbx_struct_oper_list.matrix[2][3]         0.0000000000 
_pdbx_struct_oper_list.vector[2]            0.0000000000 
_pdbx_struct_oper_list.matrix[3][1]         0.0000000000 
_pdbx_struct_oper_list.matrix[3][2]         0.0000000000 
_pdbx_struct_oper_list.matrix[3][3]         1.0000000000 
_pdbx_struct_oper_list.vector[3]            0.0000000000 
# 
loop_
_struct_conn.id 
_struct_conn.conn_type_id 
_struct_conn.pdbx_leaving_atom_flag 
_struct_conn.pdbx_PDB_id 
_struct_conn.ptnr1_label_asym_id 
_struct_conn.ptnr1_label_comp_id 
_struct_conn.ptnr1_label_seq_id 
_struct_conn.ptnr1_label_atom_id 
_struct_conn.pdbx_ptnr1_label_alt_id 
_struct_conn.pdbx_ptnr1_PDB_ins_code 
_struct_conn.pdbx_ptnr1_standard_comp_id 
_struct_conn.ptnr1_symmetry 
_struct_conn.ptnr2_label_asym_id 
_struct_conn.ptnr2_label_comp_id 
_struct_conn.ptnr2_label_seq_id 
_struct_conn.ptnr2_label_atom_id 
_struct_conn.pdbx_ptnr2_label_alt_id 
_struct_conn.pdbx_ptnr2_PDB_ins_code 
_struct_conn.ptnr1_auth_asym_id 
_struct_conn.ptnr1_auth_comp_id 
_struct_conn.ptnr1_auth_seq_id 
_struct_conn.ptnr2_auth_asym_id 
_struct_conn.ptnr2_auth_comp_id 
_struct_conn.ptnr2_auth_seq_id 
_struct_conn.ptnr2_symmetry 
_struct_conn.pdbx_ptnr3_label_atom_id 
_struct_conn.pdbx_ptnr3_label_seq_id 
_struct_conn.pdbx_ptnr3_label_comp_id 
_struct_conn.pdbx_ptnr3_label_asym_id 
_struct_conn.pdbx_ptnr3_label_alt_id 
_struct_conn.pdbx_ptnr3_PDB_ins_code 
_struct_conn.details 
_struct_conn.pdbx_dist_value 
_struct_conn.pdbx_value_order 
_struct_conn.pdbx_role 
covale1  covale both ? A GTP 1  "O3'" ? ? ? 1_555 A G   2  P  ? ? A GTP 1   A G   2   1_555 ? ? ? ? ? ? ?             1.636 ? ? 
metalc1  metalc ?    ? A U   22 O4    ? ? ? 1_555 D MG  .  MG ? ? A U   22  A MG  103 1_555 ? ? ? ? ? ? ?             2.573 ? ? 
metalc2  metalc ?    ? A U   53 "O3'" ? ? ? 1_555 C MG  .  MG ? ? A U   53  A MG  102 1_555 ? ? ? ? ? ? ?             1.881 ? ? 
metalc3  metalc ?    ? A U   53 "O2'" ? ? ? 1_555 C MG  .  MG ? ? A U   53  A MG  102 1_555 ? ? ? ? ? ? ?             2.027 ? ? 
metalc4  metalc ?    ? C MG  .  MG    ? ? ? 1_555 F HOH .  O  ? ? A MG  102 A HOH 202 1_555 ? ? ? ? ? ? ?             1.890 ? ? 
metalc5  metalc ?    ? C MG  .  MG    ? ? ? 1_555 F HOH .  O  ? ? A MG  102 A HOH 204 1_555 ? ? ? ? ? ? ?             2.067 ? ? 
metalc6  metalc ?    ? D MG  .  MG    ? ? ? 1_555 F HOH .  O  ? ? A MG  103 A HOH 214 1_555 ? ? ? ? ? ? ?             2.936 ? ? 
metalc7  metalc ?    ? D MG  .  MG    ? ? ? 1_555 F HOH .  O  ? ? A MG  103 A HOH 219 1_555 ? ? ? ? ? ? ?             2.740 ? ? 
metalc8  metalc ?    ? D MG  .  MG    ? ? ? 1_555 F HOH .  O  ? ? A MG  103 A HOH 228 1_555 ? ? ? ? ? ? ?             2.835 ? ? 
hydrog1  hydrog ?    ? A GTP 1  N1    ? ? ? 1_555 A U   53 O2 ? ? A GTP 1   A U   53  1_555 ? ? ? ? ? ? TYPE_28_PAIR  ?     ? ? 
hydrog2  hydrog ?    ? A GTP 1  O6    ? ? ? 1_555 A U   53 N3 ? ? A GTP 1   A U   53  1_555 ? ? ? ? ? ? TYPE_28_PAIR  ?     ? ? 
hydrog3  hydrog ?    ? A G   2  N1    ? ? ? 1_555 A C   52 N3 ? ? A G   2   A C   52  1_555 ? ? ? ? ? ? WATSON-CRICK  ?     ? ? 
hydrog4  hydrog ?    ? A G   2  N2    ? ? ? 1_555 A C   52 O2 ? ? A G   2   A C   52  1_555 ? ? ? ? ? ? WATSON-CRICK  ?     ? ? 
hydrog5  hydrog ?    ? A G   2  O6    ? ? ? 1_555 A C   52 N4 ? ? A G   2   A C   52  1_555 ? ? ? ? ? ? WATSON-CRICK  ?     ? ? 
hydrog6  hydrog ?    ? A G   3  N1    ? ? ? 1_555 A C   51 N3 ? ? A G   3   A C   51  1_555 ? ? ? ? ? ? WATSON-CRICK  ?     ? ? 
hydrog7  hydrog ?    ? A G   3  N2    ? ? ? 1_555 A C   51 O2 ? ? A G   3   A C   51  1_555 ? ? ? ? ? ? WATSON-CRICK  ?     ? ? 
hydrog8  hydrog ?    ? A G   3  O6    ? ? ? 1_555 A C   51 N4 ? ? A G   3   A C   51  1_555 ? ? ? ? ? ? WATSON-CRICK  ?     ? ? 
hydrog9  hydrog ?    ? A U   4  N3    ? ? ? 1_555 A G   50 O6 ? ? A U   4   A G   50  1_555 ? ? ? ? ? ? TYPE_28_PAIR  ?     ? ? 
hydrog10 hydrog ?    ? A U   4  O2    ? ? ? 1_555 A G   50 N1 ? ? A U   4   A G   50  1_555 ? ? ? ? ? ? TYPE_28_PAIR  ?     ? ? 
hydrog11 hydrog ?    ? A G   5  N1    ? ? ? 1_555 A C   49 N3 ? ? A G   5   A C   49  1_555 ? ? ? ? ? ? WATSON-CRICK  ?     ? ? 
hydrog12 hydrog ?    ? A G   5  N2    ? ? ? 1_555 A C   49 O2 ? ? A G   5   A C   49  1_555 ? ? ? ? ? ? WATSON-CRICK  ?     ? ? 
hydrog13 hydrog ?    ? A G   5  O6    ? ? ? 1_555 A C   49 N4 ? ? A G   5   A C   49  1_555 ? ? ? ? ? ? WATSON-CRICK  ?     ? ? 
hydrog14 hydrog ?    ? A U   6  N3    ? ? ? 1_555 A G   48 O6 ? ? A U   6   A G   48  1_555 ? ? ? ? ? ? TYPE_28_PAIR  ?     ? ? 
hydrog15 hydrog ?    ? A U   6  O2    ? ? ? 1_555 A G   48 N1 ? ? A U   6   A G   48  1_555 ? ? ? ? ? ? TYPE_28_PAIR  ?     ? ? 
hydrog16 hydrog ?    ? A G   7  N2    ? ? ? 1_555 A A   47 N7 ? ? A G   7   A A   47  1_555 ? ? ? ? ? ? TYPE_11_PAIR  ?     ? ? 
hydrog17 hydrog ?    ? A G   7  N3    ? ? ? 1_555 A A   47 N6 ? ? A G   7   A A   47  1_555 ? ? ? ? ? ? TYPE_11_PAIR  ?     ? ? 
hydrog18 hydrog ?    ? A A   9  N6    ? ? ? 1_555 A G   46 N3 ? ? A A   9   A G   46  1_555 ? ? ? ? ? ? TYPE_11_PAIR  ?     ? ? 
hydrog19 hydrog ?    ? A A   9  N7    ? ? ? 1_555 A G   46 N2 ? ? A A   9   A G   46  1_555 ? ? ? ? ? ? TYPE_11_PAIR  ?     ? ? 
hydrog20 hydrog ?    ? A C   10 N3    ? ? ? 1_555 A G   45 N1 ? ? A C   10  A G   45  1_555 ? ? ? ? ? ? WATSON-CRICK  ?     ? ? 
hydrog21 hydrog ?    ? A C   10 N4    ? ? ? 1_555 A G   45 O6 ? ? A C   10  A G   45  1_555 ? ? ? ? ? ? WATSON-CRICK  ?     ? ? 
hydrog22 hydrog ?    ? A C   10 O2    ? ? ? 1_555 A G   45 N2 ? ? A C   10  A G   45  1_555 ? ? ? ? ? ? WATSON-CRICK  ?     ? ? 
hydrog23 hydrog ?    ? A C   11 N3    ? ? ? 1_555 A G   44 N1 ? ? A C   11  A G   44  1_555 ? ? ? ? ? ? WATSON-CRICK  ?     ? ? 
hydrog24 hydrog ?    ? A C   11 N4    ? ? ? 1_555 A G   44 O6 ? ? A C   11  A G   44  1_555 ? ? ? ? ? ? WATSON-CRICK  ?     ? ? 
hydrog25 hydrog ?    ? A C   11 O2    ? ? ? 1_555 A G   44 N2 ? ? A C   11  A G   44  1_555 ? ? ? ? ? ? WATSON-CRICK  ?     ? ? 
hydrog26 hydrog ?    ? A G   12 N1    ? ? ? 1_555 A C   43 N3 ? ? A G   12  A C   43  1_555 ? ? ? ? ? ? WATSON-CRICK  ?     ? ? 
hydrog27 hydrog ?    ? A G   12 N2    ? ? ? 1_555 A C   43 O2 ? ? A G   12  A C   43  1_555 ? ? ? ? ? ? WATSON-CRICK  ?     ? ? 
hydrog28 hydrog ?    ? A G   12 O6    ? ? ? 1_555 A C   43 N4 ? ? A G   12  A C   43  1_555 ? ? ? ? ? ? WATSON-CRICK  ?     ? ? 
hydrog29 hydrog ?    ? A U   13 O2    ? ? ? 1_555 A A   16 N6 ? ? A U   13  A A   16  1_555 ? ? ? ? ? ? 'U-A PAIR'    ?     ? ? 
hydrog30 hydrog ?    ? A U   13 N3    ? ? ? 1_555 A A   42 N1 ? ? A U   13  A A   42  1_555 ? ? ? ? ? ? WATSON-CRICK  ?     ? ? 
hydrog31 hydrog ?    ? A U   13 O4    ? ? ? 1_555 A A   42 N6 ? ? A U   13  A A   42  1_555 ? ? ? ? ? ? WATSON-CRICK  ?     ? ? 
hydrog32 hydrog ?    ? A U   14 N3    ? ? ? 1_555 A A   17 N7 ? ? A U   14  A A   17  1_555 ? ? ? ? ? ? HOOGSTEEN     ?     ? ? 
hydrog33 hydrog ?    ? A U   14 O4    ? ? ? 1_555 A A   17 N6 ? ? A U   14  A A   17  1_555 ? ? ? ? ? ? HOOGSTEEN     ?     ? ? 
hydrog34 hydrog ?    ? A A   16 N6    ? ? ? 1_555 A C   43 O2 ? ? A A   16  A C   43  1_555 ? ? ? ? ? ? 'A-C MISPAIR' ?     ? ? 
hydrog35 hydrog ?    ? A A   17 N6    ? ? ? 1_555 A A   42 N3 ? ? A A   17  A A   42  1_555 ? ? ? ? ? ? 'A-A MISPAIR' ?     ? ? 
hydrog36 hydrog ?    ? A G   21 N1    ? ? ? 1_555 A C   40 N3 ? ? A G   21  A C   40  1_555 ? ? ? ? ? ? WATSON-CRICK  ?     ? ? 
hydrog37 hydrog ?    ? A G   21 N2    ? ? ? 1_555 A C   40 O2 ? ? A G   21  A C   40  1_555 ? ? ? ? ? ? WATSON-CRICK  ?     ? ? 
hydrog38 hydrog ?    ? A G   21 O6    ? ? ? 1_555 A C   40 N4 ? ? A G   21  A C   40  1_555 ? ? ? ? ? ? WATSON-CRICK  ?     ? ? 
hydrog39 hydrog ?    ? A U   22 N3    ? ? ? 1_555 A A   39 N1 ? ? A U   22  A A   39  1_555 ? ? ? ? ? ? WATSON-CRICK  ?     ? ? 
hydrog40 hydrog ?    ? A U   22 O4    ? ? ? 1_555 A A   39 N6 ? ? A U   22  A A   39  1_555 ? ? ? ? ? ? WATSON-CRICK  ?     ? ? 
hydrog41 hydrog ?    ? A C   23 N3    ? ? ? 1_555 A G   38 N1 ? ? A C   23  A G   38  1_555 ? ? ? ? ? ? WATSON-CRICK  ?     ? ? 
hydrog42 hydrog ?    ? A C   23 N4    ? ? ? 1_555 A G   38 O6 ? ? A C   23  A G   38  1_555 ? ? ? ? ? ? WATSON-CRICK  ?     ? ? 
hydrog43 hydrog ?    ? A C   23 O2    ? ? ? 1_555 A G   38 N2 ? ? A C   23  A G   38  1_555 ? ? ? ? ? ? WATSON-CRICK  ?     ? ? 
hydrog44 hydrog ?    ? A C   24 N3    ? ? ? 1_555 A G   37 N1 ? ? A C   24  A G   37  1_555 ? ? ? ? ? ? WATSON-CRICK  ?     ? ? 
hydrog45 hydrog ?    ? A C   24 N4    ? ? ? 1_555 A G   37 O6 ? ? A C   24  A G   37  1_555 ? ? ? ? ? ? WATSON-CRICK  ?     ? ? 
hydrog46 hydrog ?    ? A C   24 O2    ? ? ? 1_555 A G   37 N2 ? ? A C   24  A G   37  1_555 ? ? ? ? ? ? WATSON-CRICK  ?     ? ? 
hydrog47 hydrog ?    ? A C   25 N3    ? ? ? 1_555 A G   36 N1 ? ? A C   25  A G   36  1_555 ? ? ? ? ? ? WATSON-CRICK  ?     ? ? 
hydrog48 hydrog ?    ? A C   25 N4    ? ? ? 1_555 A G   36 O6 ? ? A C   25  A G   36  1_555 ? ? ? ? ? ? WATSON-CRICK  ?     ? ? 
hydrog49 hydrog ?    ? A C   25 O2    ? ? ? 1_555 A G   36 N2 ? ? A C   25  A G   36  1_555 ? ? ? ? ? ? WATSON-CRICK  ?     ? ? 
hydrog50 hydrog ?    ? A A   26 N1    ? ? ? 1_555 A U   35 N3 ? ? A A   26  A U   35  1_555 ? ? ? ? ? ? WATSON-CRICK  ?     ? ? 
hydrog51 hydrog ?    ? A A   26 N6    ? ? ? 1_555 A U   35 O4 ? ? A A   26  A U   35  1_555 ? ? ? ? ? ? WATSON-CRICK  ?     ? ? 
hydrog52 hydrog ?    ? A G   27 N1    ? ? ? 1_555 A C   34 N3 ? ? A G   27  A C   34  1_555 ? ? ? ? ? ? WATSON-CRICK  ?     ? ? 
hydrog53 hydrog ?    ? A G   27 N2    ? ? ? 1_555 A C   34 O2 ? ? A G   27  A C   34  1_555 ? ? ? ? ? ? WATSON-CRICK  ?     ? ? 
hydrog54 hydrog ?    ? A G   27 O6    ? ? ? 1_555 A C   34 N4 ? ? A G   27  A C   34  1_555 ? ? ? ? ? ? WATSON-CRICK  ?     ? ? 
hydrog55 hydrog ?    ? A C   28 N3    ? ? ? 1_555 A G   32 N1 ? ? A C   28  A G   32  1_555 ? ? ? ? ? ? WATSON-CRICK  ?     ? ? 
hydrog56 hydrog ?    ? A C   28 N4    ? ? ? 1_555 A G   32 O6 ? ? A C   28  A G   32  1_555 ? ? ? ? ? ? WATSON-CRICK  ?     ? ? 
hydrog57 hydrog ?    ? A C   28 O2    ? ? ? 1_555 A G   32 N2 ? ? A C   28  A G   32  1_555 ? ? ? ? ? ? WATSON-CRICK  ?     ? ? 
# 
loop_
_struct_conn_type.id 
_struct_conn_type.criteria 
_struct_conn_type.reference 
covale ? ? 
metalc ? ? 
hydrog ? ? 
# 
loop_
_pdbx_struct_conn_angle.id 
_pdbx_struct_conn_angle.ptnr1_label_atom_id 
_pdbx_struct_conn_angle.ptnr1_label_alt_id 
_pdbx_struct_conn_angle.ptnr1_label_asym_id 
_pdbx_struct_conn_angle.ptnr1_label_comp_id 
_pdbx_struct_conn_angle.ptnr1_label_seq_id 
_pdbx_struct_conn_angle.ptnr1_auth_atom_id 
_pdbx_struct_conn_angle.ptnr1_auth_asym_id 
_pdbx_struct_conn_angle.ptnr1_auth_comp_id 
_pdbx_struct_conn_angle.ptnr1_auth_seq_id 
_pdbx_struct_conn_angle.ptnr1_PDB_ins_code 
_pdbx_struct_conn_angle.ptnr1_symmetry 
_pdbx_struct_conn_angle.ptnr2_label_atom_id 
_pdbx_struct_conn_angle.ptnr2_label_alt_id 
_pdbx_struct_conn_angle.ptnr2_label_asym_id 
_pdbx_struct_conn_angle.ptnr2_label_comp_id 
_pdbx_struct_conn_angle.ptnr2_label_seq_id 
_pdbx_struct_conn_angle.ptnr2_auth_atom_id 
_pdbx_struct_conn_angle.ptnr2_auth_asym_id 
_pdbx_struct_conn_angle.ptnr2_auth_comp_id 
_pdbx_struct_conn_angle.ptnr2_auth_seq_id 
_pdbx_struct_conn_angle.ptnr2_PDB_ins_code 
_pdbx_struct_conn_angle.ptnr2_symmetry 
_pdbx_struct_conn_angle.ptnr3_label_atom_id 
_pdbx_struct_conn_angle.ptnr3_label_alt_id 
_pdbx_struct_conn_angle.ptnr3_label_asym_id 
_pdbx_struct_conn_angle.ptnr3_label_comp_id 
_pdbx_struct_conn_angle.ptnr3_label_seq_id 
_pdbx_struct_conn_angle.ptnr3_auth_atom_id 
_pdbx_struct_conn_angle.ptnr3_auth_asym_id 
_pdbx_struct_conn_angle.ptnr3_auth_comp_id 
_pdbx_struct_conn_angle.ptnr3_auth_seq_id 
_pdbx_struct_conn_angle.ptnr3_PDB_ins_code 
_pdbx_struct_conn_angle.ptnr3_symmetry 
_pdbx_struct_conn_angle.value 
_pdbx_struct_conn_angle.value_esd 
1  O4    ? A U   22 ? A U   22  ? 1_555 MG ? D MG . ? A MG 103 ? 1_555 O     ? F HOH .  ? A HOH 214 ? 1_555 79.5  ? 
2  O4    ? A U   22 ? A U   22  ? 1_555 MG ? D MG . ? A MG 103 ? 1_555 O     ? F HOH .  ? A HOH 219 ? 1_555 108.6 ? 
3  O     ? F HOH .  ? A HOH 214 ? 1_555 MG ? D MG . ? A MG 103 ? 1_555 O     ? F HOH .  ? A HOH 219 ? 1_555 75.2  ? 
4  O4    ? A U   22 ? A U   22  ? 1_555 MG ? D MG . ? A MG 103 ? 1_555 O     ? F HOH .  ? A HOH 228 ? 1_555 123.9 ? 
5  O     ? F HOH .  ? A HOH 214 ? 1_555 MG ? D MG . ? A MG 103 ? 1_555 O     ? F HOH .  ? A HOH 228 ? 1_555 102.3 ? 
6  O     ? F HOH .  ? A HOH 219 ? 1_555 MG ? D MG . ? A MG 103 ? 1_555 O     ? F HOH .  ? A HOH 228 ? 1_555 126.3 ? 
7  "O3'" ? A U   53 ? A U   53  ? 1_555 MG ? C MG . ? A MG 102 ? 1_555 "O2'" ? A U   53 ? A U   53  ? 1_555 86.2  ? 
8  "O3'" ? A U   53 ? A U   53  ? 1_555 MG ? C MG . ? A MG 102 ? 1_555 O     ? F HOH .  ? A HOH 202 ? 1_555 67.5  ? 
9  "O2'" ? A U   53 ? A U   53  ? 1_555 MG ? C MG . ? A MG 102 ? 1_555 O     ? F HOH .  ? A HOH 202 ? 1_555 140.6 ? 
10 "O3'" ? A U   53 ? A U   53  ? 1_555 MG ? C MG . ? A MG 102 ? 1_555 O     ? F HOH .  ? A HOH 204 ? 1_555 78.2  ? 
11 "O2'" ? A U   53 ? A U   53  ? 1_555 MG ? C MG . ? A MG 102 ? 1_555 O     ? F HOH .  ? A HOH 204 ? 1_555 83.1  ? 
12 O     ? F HOH .  ? A HOH 202 ? 1_555 MG ? C MG . ? A MG 102 ? 1_555 O     ? F HOH .  ? A HOH 204 ? 1_555 63.7  ? 
# 
loop_
_pdbx_validate_close_contact.id 
_pdbx_validate_close_contact.PDB_model_num 
_pdbx_validate_close_contact.auth_atom_id_1 
_pdbx_validate_close_contact.auth_asym_id_1 
_pdbx_validate_close_contact.auth_comp_id_1 
_pdbx_validate_close_contact.auth_seq_id_1 
_pdbx_validate_close_contact.PDB_ins_code_1 
_pdbx_validate_close_contact.label_alt_id_1 
_pdbx_validate_close_contact.auth_atom_id_2 
_pdbx_validate_close_contact.auth_asym_id_2 
_pdbx_validate_close_contact.auth_comp_id_2 
_pdbx_validate_close_contact.auth_seq_id_2 
_pdbx_validate_close_contact.PDB_ins_code_2 
_pdbx_validate_close_contact.label_alt_id_2 
_pdbx_validate_close_contact.dist 
1 1 O     A HOH 216 ? ? O A HOH 227 ? ? 1.99 
2 1 O     A HOH 203 ? ? O A HOH 228 ? ? 2.00 
3 1 N7    A A   33  ? ? O A HOH 201 ? ? 2.03 
4 1 O     A HOH 202 ? ? O A HOH 204 ? ? 2.09 
5 1 "O3'" A U   53  ? ? O A HOH 202 ? ? 2.10 
6 1 O     A HOH 222 ? ? O A HOH 224 ? ? 2.17 
# 
loop_
_pdbx_validate_rmsd_angle.id 
_pdbx_validate_rmsd_angle.PDB_model_num 
_pdbx_validate_rmsd_angle.auth_atom_id_1 
_pdbx_validate_rmsd_angle.auth_asym_id_1 
_pdbx_validate_rmsd_angle.auth_comp_id_1 
_pdbx_validate_rmsd_angle.auth_seq_id_1 
_pdbx_validate_rmsd_angle.PDB_ins_code_1 
_pdbx_validate_rmsd_angle.label_alt_id_1 
_pdbx_validate_rmsd_angle.auth_atom_id_2 
_pdbx_validate_rmsd_angle.auth_asym_id_2 
_pdbx_validate_rmsd_angle.auth_comp_id_2 
_pdbx_validate_rmsd_angle.auth_seq_id_2 
_pdbx_validate_rmsd_angle.PDB_ins_code_2 
_pdbx_validate_rmsd_angle.label_alt_id_2 
_pdbx_validate_rmsd_angle.auth_atom_id_3 
_pdbx_validate_rmsd_angle.auth_asym_id_3 
_pdbx_validate_rmsd_angle.auth_comp_id_3 
_pdbx_validate_rmsd_angle.auth_seq_id_3 
_pdbx_validate_rmsd_angle.PDB_ins_code_3 
_pdbx_validate_rmsd_angle.label_alt_id_3 
_pdbx_validate_rmsd_angle.angle_value 
_pdbx_validate_rmsd_angle.angle_target_value 
_pdbx_validate_rmsd_angle.angle_deviation 
_pdbx_validate_rmsd_angle.angle_standard_deviation 
_pdbx_validate_rmsd_angle.linker_flag 
1 1 "C3'" A GTP 1  ? ? "O3'" A GTP 1  ? ? P  A G 2  ? ? 109.25 119.70 -10.45 1.20 Y 
2 1 N9    A A   33 ? ? C4    A A   33 ? ? C5 A A 33 ? ? 103.28 105.80 -2.52  0.40 N 
3 1 N1    A A   33 ? ? C6    A A   33 ? ? N6 A A 33 ? ? 122.85 118.60 4.25   0.60 N 
# 
_pdbx_entry_details.entry_id                 8XZN 
_pdbx_entry_details.has_ligand_of_interest   Y 
_pdbx_entry_details.compound_details         ? 
_pdbx_entry_details.source_details           ? 
_pdbx_entry_details.nonpolymer_details       ? 
_pdbx_entry_details.sequence_details         ? 
# 
loop_
_chem_comp_atom.comp_id 
_chem_comp_atom.atom_id 
_chem_comp_atom.type_symbol 
_chem_comp_atom.pdbx_aromatic_flag 
_chem_comp_atom.pdbx_stereo_config 
_chem_comp_atom.pdbx_ordinal 
A   OP3    O  N N 1   
A   P      P  N N 2   
A   OP1    O  N N 3   
A   OP2    O  N N 4   
A   "O5'"  O  N N 5   
A   "C5'"  C  N N 6   
A   "C4'"  C  N R 7   
A   "O4'"  O  N N 8   
A   "C3'"  C  N S 9   
A   "O3'"  O  N N 10  
A   "C2'"  C  N R 11  
A   "O2'"  O  N N 12  
A   "C1'"  C  N R 13  
A   N9     N  Y N 14  
A   C8     C  Y N 15  
A   N7     N  Y N 16  
A   C5     C  Y N 17  
A   C6     C  Y N 18  
A   N6     N  N N 19  
A   N1     N  Y N 20  
A   C2     C  Y N 21  
A   N3     N  Y N 22  
A   C4     C  Y N 23  
A   HOP3   H  N N 24  
A   HOP2   H  N N 25  
A   "H5'"  H  N N 26  
A   "H5''" H  N N 27  
A   "H4'"  H  N N 28  
A   "H3'"  H  N N 29  
A   "HO3'" H  N N 30  
A   "H2'"  H  N N 31  
A   "HO2'" H  N N 32  
A   "H1'"  H  N N 33  
A   H8     H  N N 34  
A   H61    H  N N 35  
A   H62    H  N N 36  
A   H2     H  N N 37  
C   OP3    O  N N 38  
C   P      P  N N 39  
C   OP1    O  N N 40  
C   OP2    O  N N 41  
C   "O5'"  O  N N 42  
C   "C5'"  C  N N 43  
C   "C4'"  C  N R 44  
C   "O4'"  O  N N 45  
C   "C3'"  C  N S 46  
C   "O3'"  O  N N 47  
C   "C2'"  C  N R 48  
C   "O2'"  O  N N 49  
C   "C1'"  C  N R 50  
C   N1     N  N N 51  
C   C2     C  N N 52  
C   O2     O  N N 53  
C   N3     N  N N 54  
C   C4     C  N N 55  
C   N4     N  N N 56  
C   C5     C  N N 57  
C   C6     C  N N 58  
C   HOP3   H  N N 59  
C   HOP2   H  N N 60  
C   "H5'"  H  N N 61  
C   "H5''" H  N N 62  
C   "H4'"  H  N N 63  
C   "H3'"  H  N N 64  
C   "HO3'" H  N N 65  
C   "H2'"  H  N N 66  
C   "HO2'" H  N N 67  
C   "H1'"  H  N N 68  
C   H41    H  N N 69  
C   H42    H  N N 70  
C   H5     H  N N 71  
C   H6     H  N N 72  
G   OP3    O  N N 73  
G   P      P  N N 74  
G   OP1    O  N N 75  
G   OP2    O  N N 76  
G   "O5'"  O  N N 77  
G   "C5'"  C  N N 78  
G   "C4'"  C  N R 79  
G   "O4'"  O  N N 80  
G   "C3'"  C  N S 81  
G   "O3'"  O  N N 82  
G   "C2'"  C  N R 83  
G   "O2'"  O  N N 84  
G   "C1'"  C  N R 85  
G   N9     N  Y N 86  
G   C8     C  Y N 87  
G   N7     N  Y N 88  
G   C5     C  Y N 89  
G   C6     C  N N 90  
G   O6     O  N N 91  
G   N1     N  N N 92  
G   C2     C  N N 93  
G   N2     N  N N 94  
G   N3     N  N N 95  
G   C4     C  Y N 96  
G   HOP3   H  N N 97  
G   HOP2   H  N N 98  
G   "H5'"  H  N N 99  
G   "H5''" H  N N 100 
G   "H4'"  H  N N 101 
G   "H3'"  H  N N 102 
G   "HO3'" H  N N 103 
G   "H2'"  H  N N 104 
G   "HO2'" H  N N 105 
G   "H1'"  H  N N 106 
G   H8     H  N N 107 
G   H1     H  N N 108 
G   H21    H  N N 109 
G   H22    H  N N 110 
GTP PG     P  N N 111 
GTP O1G    O  N N 112 
GTP O2G    O  N N 113 
GTP O3G    O  N N 114 
GTP O3B    O  N N 115 
GTP PB     P  N N 116 
GTP O1B    O  N N 117 
GTP O2B    O  N N 118 
GTP O3A    O  N N 119 
GTP PA     P  N N 120 
GTP O1A    O  N N 121 
GTP O2A    O  N N 122 
GTP "O5'"  O  N N 123 
GTP "C5'"  C  N N 124 
GTP "C4'"  C  N R 125 
GTP "O4'"  O  N N 126 
GTP "C3'"  C  N S 127 
GTP "O3'"  O  N N 128 
GTP "C2'"  C  N R 129 
GTP "O2'"  O  N N 130 
GTP "C1'"  C  N R 131 
GTP N9     N  Y N 132 
GTP C8     C  Y N 133 
GTP N7     N  Y N 134 
GTP C5     C  Y N 135 
GTP C6     C  N N 136 
GTP O6     O  N N 137 
GTP N1     N  N N 138 
GTP C2     C  N N 139 
GTP N2     N  N N 140 
GTP N3     N  N N 141 
GTP C4     C  Y N 142 
GTP HOG2   H  N N 143 
GTP HOG3   H  N N 144 
GTP HOB2   H  N N 145 
GTP HOA2   H  N N 146 
GTP "H5'"  H  N N 147 
GTP "H5''" H  N N 148 
GTP "H4'"  H  N N 149 
GTP "H3'"  H  N N 150 
GTP "HO3'" H  N N 151 
GTP "H2'"  H  N N 152 
GTP "HO2'" H  N N 153 
GTP "H1'"  H  N N 154 
GTP H8     H  N N 155 
GTP HN1    H  N N 156 
GTP HN21   H  N N 157 
GTP HN22   H  N N 158 
H4B N1     N  Y N 159 
H4B C2     C  Y N 160 
H4B N2     N  N N 161 
H4B N3     N  Y N 162 
H4B C4     C  Y N 163 
H4B O4     O  N N 164 
H4B C4A    C  Y N 165 
H4B C8A    C  Y N 166 
H4B N5     N  N N 167 
H4B N8     N  N N 168 
H4B C6     C  N R 169 
H4B C7     C  N N 170 
H4B C9     C  N R 171 
H4B O9     O  N N 172 
H4B C10    C  N S 173 
H4B C11    C  N N 174 
H4B O10    O  N N 175 
H4B HN21   H  N N 176 
H4B HN22   H  N N 177 
H4B HN3    H  N N 178 
H4B HN5    H  N N 179 
H4B HN8    H  N N 180 
H4B H6     H  N N 181 
H4B H71    H  N N 182 
H4B H72    H  N N 183 
H4B H9     H  N N 184 
H4B HO9    H  N N 185 
H4B H10    H  N N 186 
H4B H111   H  N N 187 
H4B H112   H  N N 188 
H4B H113   H  N N 189 
H4B HO0    H  N N 190 
HOH O      O  N N 191 
HOH H1     H  N N 192 
HOH H2     H  N N 193 
MG  MG     MG N N 194 
SPM N1     N  N N 195 
SPM C2     C  N N 196 
SPM C3     C  N N 197 
SPM C4     C  N N 198 
SPM N5     N  N N 199 
SPM C6     C  N N 200 
SPM C7     C  N N 201 
SPM C8     C  N N 202 
SPM C9     C  N N 203 
SPM N10    N  N N 204 
SPM C11    C  N N 205 
SPM C12    C  N N 206 
SPM C13    C  N N 207 
SPM N14    N  N N 208 
SPM HN11   H  N N 209 
SPM HN12   H  N N 210 
SPM H21    H  N N 211 
SPM H22    H  N N 212 
SPM H31    H  N N 213 
SPM H32    H  N N 214 
SPM H41    H  N N 215 
SPM H42    H  N N 216 
SPM HN5    H  N N 217 
SPM H61    H  N N 218 
SPM H62    H  N N 219 
SPM H71    H  N N 220 
SPM H72    H  N N 221 
SPM H81    H  N N 222 
SPM H82    H  N N 223 
SPM H91    H  N N 224 
SPM H92    H  N N 225 
SPM HN0    H  N N 226 
SPM H111   H  N N 227 
SPM H112   H  N N 228 
SPM H121   H  N N 229 
SPM H122   H  N N 230 
SPM H131   H  N N 231 
SPM H132   H  N N 232 
SPM HN41   H  N N 233 
SPM HN42   H  N N 234 
U   OP3    O  N N 235 
U   P      P  N N 236 
U   OP1    O  N N 237 
U   OP2    O  N N 238 
U   "O5'"  O  N N 239 
U   "C5'"  C  N N 240 
U   "C4'"  C  N R 241 
U   "O4'"  O  N N 242 
U   "C3'"  C  N S 243 
U   "O3'"  O  N N 244 
U   "C2'"  C  N R 245 
U   "O2'"  O  N N 246 
U   "C1'"  C  N R 247 
U   N1     N  N N 248 
U   C2     C  N N 249 
U   O2     O  N N 250 
U   N3     N  N N 251 
U   C4     C  N N 252 
U   O4     O  N N 253 
U   C5     C  N N 254 
U   C6     C  N N 255 
U   HOP3   H  N N 256 
U   HOP2   H  N N 257 
U   "H5'"  H  N N 258 
U   "H5''" H  N N 259 
U   "H4'"  H  N N 260 
U   "H3'"  H  N N 261 
U   "HO3'" H  N N 262 
U   "H2'"  H  N N 263 
U   "HO2'" H  N N 264 
U   "H1'"  H  N N 265 
U   H3     H  N N 266 
U   H5     H  N N 267 
U   H6     H  N N 268 
# 
loop_
_chem_comp_bond.comp_id 
_chem_comp_bond.atom_id_1 
_chem_comp_bond.atom_id_2 
_chem_comp_bond.value_order 
_chem_comp_bond.pdbx_aromatic_flag 
_chem_comp_bond.pdbx_stereo_config 
_chem_comp_bond.pdbx_ordinal 
A   OP3   P      sing N N 1   
A   OP3   HOP3   sing N N 2   
A   P     OP1    doub N N 3   
A   P     OP2    sing N N 4   
A   P     "O5'"  sing N N 5   
A   OP2   HOP2   sing N N 6   
A   "O5'" "C5'"  sing N N 7   
A   "C5'" "C4'"  sing N N 8   
A   "C5'" "H5'"  sing N N 9   
A   "C5'" "H5''" sing N N 10  
A   "C4'" "O4'"  sing N N 11  
A   "C4'" "C3'"  sing N N 12  
A   "C4'" "H4'"  sing N N 13  
A   "O4'" "C1'"  sing N N 14  
A   "C3'" "O3'"  sing N N 15  
A   "C3'" "C2'"  sing N N 16  
A   "C3'" "H3'"  sing N N 17  
A   "O3'" "HO3'" sing N N 18  
A   "C2'" "O2'"  sing N N 19  
A   "C2'" "C1'"  sing N N 20  
A   "C2'" "H2'"  sing N N 21  
A   "O2'" "HO2'" sing N N 22  
A   "C1'" N9     sing N N 23  
A   "C1'" "H1'"  sing N N 24  
A   N9    C8     sing Y N 25  
A   N9    C4     sing Y N 26  
A   C8    N7     doub Y N 27  
A   C8    H8     sing N N 28  
A   N7    C5     sing Y N 29  
A   C5    C6     sing Y N 30  
A   C5    C4     doub Y N 31  
A   C6    N6     sing N N 32  
A   C6    N1     doub Y N 33  
A   N6    H61    sing N N 34  
A   N6    H62    sing N N 35  
A   N1    C2     sing Y N 36  
A   C2    N3     doub Y N 37  
A   C2    H2     sing N N 38  
A   N3    C4     sing Y N 39  
C   OP3   P      sing N N 40  
C   OP3   HOP3   sing N N 41  
C   P     OP1    doub N N 42  
C   P     OP2    sing N N 43  
C   P     "O5'"  sing N N 44  
C   OP2   HOP2   sing N N 45  
C   "O5'" "C5'"  sing N N 46  
C   "C5'" "C4'"  sing N N 47  
C   "C5'" "H5'"  sing N N 48  
C   "C5'" "H5''" sing N N 49  
C   "C4'" "O4'"  sing N N 50  
C   "C4'" "C3'"  sing N N 51  
C   "C4'" "H4'"  sing N N 52  
C   "O4'" "C1'"  sing N N 53  
C   "C3'" "O3'"  sing N N 54  
C   "C3'" "C2'"  sing N N 55  
C   "C3'" "H3'"  sing N N 56  
C   "O3'" "HO3'" sing N N 57  
C   "C2'" "O2'"  sing N N 58  
C   "C2'" "C1'"  sing N N 59  
C   "C2'" "H2'"  sing N N 60  
C   "O2'" "HO2'" sing N N 61  
C   "C1'" N1     sing N N 62  
C   "C1'" "H1'"  sing N N 63  
C   N1    C2     sing N N 64  
C   N1    C6     sing N N 65  
C   C2    O2     doub N N 66  
C   C2    N3     sing N N 67  
C   N3    C4     doub N N 68  
C   C4    N4     sing N N 69  
C   C4    C5     sing N N 70  
C   N4    H41    sing N N 71  
C   N4    H42    sing N N 72  
C   C5    C6     doub N N 73  
C   C5    H5     sing N N 74  
C   C6    H6     sing N N 75  
G   OP3   P      sing N N 76  
G   OP3   HOP3   sing N N 77  
G   P     OP1    doub N N 78  
G   P     OP2    sing N N 79  
G   P     "O5'"  sing N N 80  
G   OP2   HOP2   sing N N 81  
G   "O5'" "C5'"  sing N N 82  
G   "C5'" "C4'"  sing N N 83  
G   "C5'" "H5'"  sing N N 84  
G   "C5'" "H5''" sing N N 85  
G   "C4'" "O4'"  sing N N 86  
G   "C4'" "C3'"  sing N N 87  
G   "C4'" "H4'"  sing N N 88  
G   "O4'" "C1'"  sing N N 89  
G   "C3'" "O3'"  sing N N 90  
G   "C3'" "C2'"  sing N N 91  
G   "C3'" "H3'"  sing N N 92  
G   "O3'" "HO3'" sing N N 93  
G   "C2'" "O2'"  sing N N 94  
G   "C2'" "C1'"  sing N N 95  
G   "C2'" "H2'"  sing N N 96  
G   "O2'" "HO2'" sing N N 97  
G   "C1'" N9     sing N N 98  
G   "C1'" "H1'"  sing N N 99  
G   N9    C8     sing Y N 100 
G   N9    C4     sing Y N 101 
G   C8    N7     doub Y N 102 
G   C8    H8     sing N N 103 
G   N7    C5     sing Y N 104 
G   C5    C6     sing N N 105 
G   C5    C4     doub Y N 106 
G   C6    O6     doub N N 107 
G   C6    N1     sing N N 108 
G   N1    C2     sing N N 109 
G   N1    H1     sing N N 110 
G   C2    N2     sing N N 111 
G   C2    N3     doub N N 112 
G   N2    H21    sing N N 113 
G   N2    H22    sing N N 114 
G   N3    C4     sing N N 115 
GTP PG    O1G    doub N N 116 
GTP PG    O2G    sing N N 117 
GTP PG    O3G    sing N N 118 
GTP PG    O3B    sing N N 119 
GTP O2G   HOG2   sing N N 120 
GTP O3G   HOG3   sing N N 121 
GTP O3B   PB     sing N N 122 
GTP PB    O1B    doub N N 123 
GTP PB    O2B    sing N N 124 
GTP PB    O3A    sing N N 125 
GTP O2B   HOB2   sing N N 126 
GTP O3A   PA     sing N N 127 
GTP PA    O1A    doub N N 128 
GTP PA    O2A    sing N N 129 
GTP PA    "O5'"  sing N N 130 
GTP O2A   HOA2   sing N N 131 
GTP "O5'" "C5'"  sing N N 132 
GTP "C5'" "C4'"  sing N N 133 
GTP "C5'" "H5'"  sing N N 134 
GTP "C5'" "H5''" sing N N 135 
GTP "C4'" "O4'"  sing N N 136 
GTP "C4'" "C3'"  sing N N 137 
GTP "C4'" "H4'"  sing N N 138 
GTP "O4'" "C1'"  sing N N 139 
GTP "C3'" "O3'"  sing N N 140 
GTP "C3'" "C2'"  sing N N 141 
GTP "C3'" "H3'"  sing N N 142 
GTP "O3'" "HO3'" sing N N 143 
GTP "C2'" "O2'"  sing N N 144 
GTP "C2'" "C1'"  sing N N 145 
GTP "C2'" "H2'"  sing N N 146 
GTP "O2'" "HO2'" sing N N 147 
GTP "C1'" N9     sing N N 148 
GTP "C1'" "H1'"  sing N N 149 
GTP N9    C8     sing Y N 150 
GTP N9    C4     sing Y N 151 
GTP C8    N7     doub Y N 152 
GTP C8    H8     sing N N 153 
GTP N7    C5     sing Y N 154 
GTP C5    C6     sing N N 155 
GTP C5    C4     doub Y N 156 
GTP C6    O6     doub N N 157 
GTP C6    N1     sing N N 158 
GTP N1    C2     sing N N 159 
GTP N1    HN1    sing N N 160 
GTP C2    N2     sing N N 161 
GTP C2    N3     doub N N 162 
GTP N2    HN21   sing N N 163 
GTP N2    HN22   sing N N 164 
GTP N3    C4     sing N N 165 
H4B N1    C2     doub Y N 166 
H4B N1    C8A    sing Y N 167 
H4B C2    N2     sing N N 168 
H4B C2    N3     sing Y N 169 
H4B N2    HN21   sing N N 170 
H4B N2    HN22   sing N N 171 
H4B N3    C4     sing Y N 172 
H4B N3    HN3    sing N N 173 
H4B C4    O4     doub N N 174 
H4B C4    C4A    sing Y N 175 
H4B C4A   C8A    doub Y N 176 
H4B C4A   N5     sing N N 177 
H4B C8A   N8     sing N N 178 
H4B N5    C6     sing N N 179 
H4B N5    HN5    sing N N 180 
H4B N8    C7     sing N N 181 
H4B N8    HN8    sing N N 182 
H4B C6    C7     sing N N 183 
H4B C6    C9     sing N N 184 
H4B C6    H6     sing N N 185 
H4B C7    H71    sing N N 186 
H4B C7    H72    sing N N 187 
H4B C9    O9     sing N N 188 
H4B C9    C10    sing N N 189 
H4B C9    H9     sing N N 190 
H4B O9    HO9    sing N N 191 
H4B C10   C11    sing N N 192 
H4B C10   O10    sing N N 193 
H4B C10   H10    sing N N 194 
H4B C11   H111   sing N N 195 
H4B C11   H112   sing N N 196 
H4B C11   H113   sing N N 197 
H4B O10   HO0    sing N N 198 
HOH O     H1     sing N N 199 
HOH O     H2     sing N N 200 
SPM N1    C2     sing N N 201 
SPM N1    HN11   sing N N 202 
SPM N1    HN12   sing N N 203 
SPM C2    C3     sing N N 204 
SPM C2    H21    sing N N 205 
SPM C2    H22    sing N N 206 
SPM C3    C4     sing N N 207 
SPM C3    H31    sing N N 208 
SPM C3    H32    sing N N 209 
SPM C4    N5     sing N N 210 
SPM C4    H41    sing N N 211 
SPM C4    H42    sing N N 212 
SPM N5    C6     sing N N 213 
SPM N5    HN5    sing N N 214 
SPM C6    C7     sing N N 215 
SPM C6    H61    sing N N 216 
SPM C6    H62    sing N N 217 
SPM C7    C8     sing N N 218 
SPM C7    H71    sing N N 219 
SPM C7    H72    sing N N 220 
SPM C8    C9     sing N N 221 
SPM C8    H81    sing N N 222 
SPM C8    H82    sing N N 223 
SPM C9    N10    sing N N 224 
SPM C9    H91    sing N N 225 
SPM C9    H92    sing N N 226 
SPM N10   C11    sing N N 227 
SPM N10   HN0    sing N N 228 
SPM C11   C12    sing N N 229 
SPM C11   H111   sing N N 230 
SPM C11   H112   sing N N 231 
SPM C12   C13    sing N N 232 
SPM C12   H121   sing N N 233 
SPM C12   H122   sing N N 234 
SPM C13   N14    sing N N 235 
SPM C13   H131   sing N N 236 
SPM C13   H132   sing N N 237 
SPM N14   HN41   sing N N 238 
SPM N14   HN42   sing N N 239 
U   OP3   P      sing N N 240 
U   OP3   HOP3   sing N N 241 
U   P     OP1    doub N N 242 
U   P     OP2    sing N N 243 
U   P     "O5'"  sing N N 244 
U   OP2   HOP2   sing N N 245 
U   "O5'" "C5'"  sing N N 246 
U   "C5'" "C4'"  sing N N 247 
U   "C5'" "H5'"  sing N N 248 
U   "C5'" "H5''" sing N N 249 
U   "C4'" "O4'"  sing N N 250 
U   "C4'" "C3'"  sing N N 251 
U   "C4'" "H4'"  sing N N 252 
U   "O4'" "C1'"  sing N N 253 
U   "C3'" "O3'"  sing N N 254 
U   "C3'" "C2'"  sing N N 255 
U   "C3'" "H3'"  sing N N 256 
U   "O3'" "HO3'" sing N N 257 
U   "C2'" "O2'"  sing N N 258 
U   "C2'" "C1'"  sing N N 259 
U   "C2'" "H2'"  sing N N 260 
U   "O2'" "HO2'" sing N N 261 
U   "C1'" N1     sing N N 262 
U   "C1'" "H1'"  sing N N 263 
U   N1    C2     sing N N 264 
U   N1    C6     sing N N 265 
U   C2    O2     doub N N 266 
U   C2    N3     sing N N 267 
U   N3    C4     sing N N 268 
U   N3    H3     sing N N 269 
U   C4    O4     doub N N 270 
U   C4    C5     sing N N 271 
U   C5    C6     doub N N 272 
U   C5    H5     sing N N 273 
U   C6    H6     sing N N 274 
# 
loop_
_ndb_struct_conf_na.entry_id 
_ndb_struct_conf_na.feature 
8XZN 'double helix'         
8XZN 'a-form double helix'  
8XZN 'hairpin loop'         
8XZN 'bulge loop'           
8XZN 'mismatched base pair' 
8XZN 'quadruple helix'      
# 
loop_
_ndb_struct_na_base_pair.model_number 
_ndb_struct_na_base_pair.i_label_asym_id 
_ndb_struct_na_base_pair.i_label_comp_id 
_ndb_struct_na_base_pair.i_label_seq_id 
_ndb_struct_na_base_pair.i_symmetry 
_ndb_struct_na_base_pair.j_label_asym_id 
_ndb_struct_na_base_pair.j_label_comp_id 
_ndb_struct_na_base_pair.j_label_seq_id 
_ndb_struct_na_base_pair.j_symmetry 
_ndb_struct_na_base_pair.shear 
_ndb_struct_na_base_pair.stretch 
_ndb_struct_na_base_pair.stagger 
_ndb_struct_na_base_pair.buckle 
_ndb_struct_na_base_pair.propeller 
_ndb_struct_na_base_pair.opening 
_ndb_struct_na_base_pair.pair_number 
_ndb_struct_na_base_pair.pair_name 
_ndb_struct_na_base_pair.i_auth_asym_id 
_ndb_struct_na_base_pair.i_auth_seq_id 
_ndb_struct_na_base_pair.i_PDB_ins_code 
_ndb_struct_na_base_pair.j_auth_asym_id 
_ndb_struct_na_base_pair.j_auth_seq_id 
_ndb_struct_na_base_pair.j_PDB_ins_code 
_ndb_struct_na_base_pair.hbond_type_28 
_ndb_struct_na_base_pair.hbond_type_12 
1 A GTP 1  1_555 A U 53 1_555 -2.031 -0.516 -0.666 -11.506 -1.322  -10.119 1  A_GTP1:U53_A A 1  ? A 53 ? 28 1  
1 A G   2  1_555 A C 52 1_555 -0.163 -0.181 0.038  -0.803  -9.689  2.224   2  A_G2:C52_A   A 2  ? A 52 ? 19 1  
1 A G   3  1_555 A C 51 1_555 -0.357 -0.097 -0.150 -8.467  -15.329 4.003   3  A_G3:C51_A   A 3  ? A 51 ? 19 1  
1 A U   4  1_555 A G 50 1_555 2.185  -0.582 0.175  -5.148  -11.079 1.734   4  A_U4:G50_A   A 4  ? A 50 ? 28 1  
1 A G   5  1_555 A C 49 1_555 -0.278 -0.138 -0.351 -11.753 -10.295 -0.053  5  A_G5:C49_A   A 5  ? A 49 ? 19 1  
1 A U   6  1_555 A G 48 1_555 2.416  -0.656 -0.145 -4.142  -2.641  -5.989  6  A_U6:G48_A   A 6  ? A 48 ? 28 1  
1 A G   7  1_555 A A 47 1_555 6.874  -4.749 0.214  11.322  1.891   -10.221 7  A_G7:A47_A   A 7  ? A 47 ? 11 10 
1 A A   9  1_555 A G 46 1_555 -6.904 -4.596 0.765  -13.689 -15.141 -1.075  8  A_A9:G46_A   A 9  ? A 46 ? 11 10 
1 A C   10 1_555 A G 45 1_555 0.131  -0.104 0.138  0.379   -5.891  -0.126  9  A_C10:G45_A  A 10 ? A 45 ? 19 1  
1 A C   11 1_555 A G 44 1_555 0.182  -0.184 -0.196 5.990   -9.853  -1.867  10 A_C11:G44_A  A 11 ? A 44 ? 19 1  
1 A G   12 1_555 A C 43 1_555 -0.319 -0.109 -0.016 -12.599 -18.285 1.750   11 A_G12:C43_A  A 12 ? A 43 ? 19 1  
1 A U   13 1_555 A A 42 1_555 -0.122 -0.038 0.378  -12.301 -11.668 0.800   12 A_U13:A42_A  A 13 ? A 42 ? 20 1  
1 A U   14 1_555 A A 17 1_555 -0.757 3.747  -0.211 1.903   17.606  -74.960 13 A_U14:A17_A  A 14 ? A 17 ? 23 3  
1 A G   21 1_555 A C 40 1_555 -0.300 -0.153 0.130  0.585   -15.700 1.624   14 A_G21:C40_A  A 21 ? A 40 ? 19 1  
1 A U   22 1_555 A A 39 1_555 0.012  -0.108 -0.073 1.832   -15.546 2.000   15 A_U22:A39_A  A 22 ? A 39 ? 20 1  
1 A C   23 1_555 A G 38 1_555 0.414  -0.107 -0.058 4.859   -11.112 0.006   16 A_C23:G38_A  A 23 ? A 38 ? 19 1  
1 A C   24 1_555 A G 37 1_555 0.415  -0.189 -0.086 1.626   -12.913 -0.327  17 A_C24:G37_A  A 24 ? A 37 ? 19 1  
1 A C   25 1_555 A G 36 1_555 0.379  -0.155 -0.065 0.887   -11.180 -0.535  18 A_C25:G36_A  A 25 ? A 36 ? 19 1  
1 A A   26 1_555 A U 35 1_555 0.116  -0.090 0.015  -6.257  -15.538 3.128   19 A_A26:U35_A  A 26 ? A 35 ? 20 1  
1 A G   27 1_555 A C 34 1_555 -0.346 -0.129 0.339  -5.315  -14.817 2.728   20 A_G27:C34_A  A 27 ? A 34 ? 19 1  
1 A C   28 1_555 A G 32 1_555 0.310  -0.105 -0.241 9.262   -2.137  -2.643  21 A_C28:G32_A  A 28 ? A 32 ? 19 1  
# 
loop_
_ndb_struct_na_base_pair_step.model_number 
_ndb_struct_na_base_pair_step.i_label_asym_id_1 
_ndb_struct_na_base_pair_step.i_label_comp_id_1 
_ndb_struct_na_base_pair_step.i_label_seq_id_1 
_ndb_struct_na_base_pair_step.i_symmetry_1 
_ndb_struct_na_base_pair_step.j_label_asym_id_1 
_ndb_struct_na_base_pair_step.j_label_comp_id_1 
_ndb_struct_na_base_pair_step.j_label_seq_id_1 
_ndb_struct_na_base_pair_step.j_symmetry_1 
_ndb_struct_na_base_pair_step.i_label_asym_id_2 
_ndb_struct_na_base_pair_step.i_label_comp_id_2 
_ndb_struct_na_base_pair_step.i_label_seq_id_2 
_ndb_struct_na_base_pair_step.i_symmetry_2 
_ndb_struct_na_base_pair_step.j_label_asym_id_2 
_ndb_struct_na_base_pair_step.j_label_comp_id_2 
_ndb_struct_na_base_pair_step.j_label_seq_id_2 
_ndb_struct_na_base_pair_step.j_symmetry_2 
_ndb_struct_na_base_pair_step.shift 
_ndb_struct_na_base_pair_step.slide 
_ndb_struct_na_base_pair_step.rise 
_ndb_struct_na_base_pair_step.tilt 
_ndb_struct_na_base_pair_step.roll 
_ndb_struct_na_base_pair_step.twist 
_ndb_struct_na_base_pair_step.x_displacement 
_ndb_struct_na_base_pair_step.y_displacement 
_ndb_struct_na_base_pair_step.helical_rise 
_ndb_struct_na_base_pair_step.inclination 
_ndb_struct_na_base_pair_step.tip 
_ndb_struct_na_base_pair_step.helical_twist 
_ndb_struct_na_base_pair_step.step_number 
_ndb_struct_na_base_pair_step.step_name 
_ndb_struct_na_base_pair_step.i_auth_asym_id_1 
_ndb_struct_na_base_pair_step.i_auth_seq_id_1 
_ndb_struct_na_base_pair_step.i_PDB_ins_code_1 
_ndb_struct_na_base_pair_step.j_auth_asym_id_1 
_ndb_struct_na_base_pair_step.j_auth_seq_id_1 
_ndb_struct_na_base_pair_step.j_PDB_ins_code_1 
_ndb_struct_na_base_pair_step.i_auth_asym_id_2 
_ndb_struct_na_base_pair_step.i_auth_seq_id_2 
_ndb_struct_na_base_pair_step.i_PDB_ins_code_2 
_ndb_struct_na_base_pair_step.j_auth_asym_id_2 
_ndb_struct_na_base_pair_step.j_auth_seq_id_2 
_ndb_struct_na_base_pair_step.j_PDB_ins_code_2 
1 A GTP 1  1_555 A U 53 1_555 A G 2  1_555 A C 52 1_555 0.203  -1.229 3.112 -9.138 7.148  37.510 -2.613  -1.300 2.721  10.804 
13.812  39.202 1  AA_GTP1G2:C52U53_AA A 1  ? A 53 ? A 2  ? A 52 ? 
1 A G   2  1_555 A C 52 1_555 A G 3  1_555 A C 51 1_555 0.030  -1.824 3.376 0.647  7.246  30.912 -4.628  0.060  2.885  13.364 
-1.193  31.736 2  AA_G2G3:C51C52_AA   A 2  ? A 52 ? A 3  ? A 51 ? 
1 A G   3  1_555 A C 51 1_555 A U 4  1_555 A G 50 1_555 0.060  -1.324 3.202 -1.431 3.389  41.428 -2.211  -0.231 3.086  4.779  
2.018   41.584 3  AA_G3U4:G50C51_AA   A 3  ? A 51 ? A 4  ? A 50 ? 
1 A U   4  1_555 A G 50 1_555 A G 5  1_555 A C 49 1_555 -0.306 -2.050 3.266 6.551  11.110 24.846 -6.516  1.972  2.037  23.875 
-14.079 27.948 4  AA_U4G5:C49G50_AA   A 4  ? A 50 ? A 5  ? A 49 ? 
1 A G   5  1_555 A C 49 1_555 A U 6  1_555 A G 48 1_555 -0.095 -1.239 3.146 0.154  4.914  39.174 -2.379  0.157  2.975  7.293  
-0.229  39.470 5  AA_G5U6:G48C49_AA   A 5  ? A 49 ? A 6  ? A 48 ? 
1 A U   6  1_555 A G 48 1_555 A G 7  1_555 A A 47 1_555 -0.107 -1.276 2.967 3.102  6.374  52.159 -1.808  0.299  2.794  7.211  
-3.510  52.605 6  AA_U6G7:A47G48_AA   A 6  ? A 48 ? A 7  ? A 47 ? 
1 A G   7  1_555 A A 47 1_555 A A 9  1_555 A G 46 1_555 -1.949 -0.562 5.554 6.995  17.694 5.108  -13.731 10.478 0.251  69.849 
-27.613 19.694 7  AA_G7A9:G46A47_AA   A 7  ? A 47 ? A 9  ? A 46 ? 
1 A A   9  1_555 A G 46 1_555 A C 10 1_555 A G 45 1_555 0.181  -0.493 3.078 -0.080 8.199  61.046 -0.841  -0.181 2.997  8.032  
0.078   61.541 8  AA_A9C10:G45G46_AA  A 9  ? A 46 ? A 10 ? A 45 ? 
1 A C   10 1_555 A G 45 1_555 A C 11 1_555 A G 44 1_555 0.331  -2.151 3.075 3.549  5.138  25.501 -5.963  0.116  2.619  11.423 
-7.891  26.242 9  AA_C10C11:G44G45_AA A 10 ? A 45 ? A 11 ? A 44 ? 
1 A C   11 1_555 A G 44 1_555 A G 12 1_555 A C 43 1_555 0.146  -1.765 3.581 0.086  12.806 32.830 -4.830  -0.229 2.725  21.658 
-0.145  35.175 10 AA_C11G12:C43G44_AA A 11 ? A 44 ? A 12 ? A 43 ? 
1 A G   12 1_555 A C 43 1_555 A U 13 1_555 A A 42 1_555 0.055  -1.346 3.272 -1.183 3.508  32.539 -2.979  -0.297 3.110  6.236  
2.102   32.744 11 AA_G12U13:A42C43_AA A 12 ? A 43 ? A 13 ? A 42 ? 
1 A U   13 1_555 A A 42 1_555 A U 14 1_555 A A 17 1_555 -6.408 -1.387 0.790 33.629 -4.432 12.242 -2.942  5.074  -5.521 -9.241 
-70.122 36.001 12 AA_U13U14:A17A42_AA A 13 ? A 42 ? A 14 ? A 17 ? 
1 A G   21 1_555 A C 40 1_555 A U 22 1_555 A A 39 1_555 -0.148 -1.304 3.188 -0.618 7.861  33.188 -3.388  0.160  2.817  13.526 
1.064   34.086 13 AA_G21U22:A39C40_AA A 21 ? A 40 ? A 22 ? A 39 ? 
1 A U   22 1_555 A A 39 1_555 A C 23 1_555 A G 38 1_555 -0.144 -1.185 3.132 -0.281 6.794  34.369 -2.914  0.200  2.854  11.360 
0.470   35.016 14 AA_U22C23:G38A39_AA A 22 ? A 39 ? A 23 ? A 38 ? 
1 A C   23 1_555 A G 38 1_555 A C 24 1_555 A G 37 1_555 0.238  -1.703 3.293 2.214  7.800  30.845 -4.448  -0.051 2.800  14.355 
-4.075  31.868 15 AA_C23C24:G37G38_AA A 23 ? A 38 ? A 24 ? A 37 ? 
1 A C   24 1_555 A G 37 1_555 A C 25 1_555 A G 36 1_555 0.097  -1.983 3.266 1.624  7.294  30.034 -5.031  0.111  2.722  13.807 
-3.074  30.929 16 AA_C24C25:G36G37_AA A 24 ? A 37 ? A 25 ? A 36 ? 
1 A C   25 1_555 A G 36 1_555 A A 26 1_555 A U 35 1_555 0.166  -1.807 3.357 0.477  9.329  26.926 -5.674  -0.235 2.600  19.312 
-0.987  28.472 17 AA_C25A26:U35G36_AA A 25 ? A 36 ? A 26 ? A 35 ? 
1 A A   26 1_555 A U 35 1_555 A G 27 1_555 A C 34 1_555 -0.090 -1.630 3.092 -1.243 4.736  33.648 -3.479  -0.028 2.844  8.127  
2.133   33.992 18 AA_A26G27:C34U35_AA A 26 ? A 35 ? A 27 ? A 34 ? 
1 A G   27 1_555 A C 34 1_555 A C 28 1_555 A G 32 1_555 -0.764 -0.583 2.950 7.088  5.468  27.637 -2.196  2.863  2.521  11.084 
-14.368 29.024 19 AA_G27C28:G32C34_AA A 27 ? A 34 ? A 28 ? A 32 ? 
# 
_pdbx_audit_support.funding_organization   'National Natural Science Foundation of China (NSFC)' 
_pdbx_audit_support.country                China 
_pdbx_audit_support.grant_number           ? 
_pdbx_audit_support.ordinal                1 
# 
_pdbx_entity_instance_feature.ordinal        1 
_pdbx_entity_instance_feature.comp_id        H4B 
_pdbx_entity_instance_feature.asym_id        ? 
_pdbx_entity_instance_feature.seq_num        ? 
_pdbx_entity_instance_feature.auth_comp_id   H4B 
_pdbx_entity_instance_feature.auth_asym_id   ? 
_pdbx_entity_instance_feature.auth_seq_num   ? 
_pdbx_entity_instance_feature.feature_type   'SUBJECT OF INVESTIGATION' 
_pdbx_entity_instance_feature.details        ? 
# 
_pdbx_initial_refinement_model.id               1 
_pdbx_initial_refinement_model.entity_id_list   ? 
_pdbx_initial_refinement_model.type             'experimental model' 
_pdbx_initial_refinement_model.source_name      PDB 
_pdbx_initial_refinement_model.accession_code   8XZE 
_pdbx_initial_refinement_model.details          ? 
# 
_atom_sites.entry_id                    8XZN 
_atom_sites.Cartn_transf_matrix[1][1]   ? 
_atom_sites.Cartn_transf_matrix[1][2]   ? 
_atom_sites.Cartn_transf_matrix[1][3]   ? 
_atom_sites.Cartn_transf_matrix[2][1]   ? 
_atom_sites.Cartn_transf_matrix[2][2]   ? 
_atom_sites.Cartn_transf_matrix[2][3]   ? 
_atom_sites.Cartn_transf_matrix[3][1]   ? 
_atom_sites.Cartn_transf_matrix[3][2]   ? 
_atom_sites.Cartn_transf_matrix[3][3]   ? 
_atom_sites.Cartn_transf_vector[1]      ? 
_atom_sites.Cartn_transf_vector[2]      ? 
_atom_sites.Cartn_transf_vector[3]      ? 
_atom_sites.Cartn_transform_axes        ? 
_atom_sites.fract_transf_matrix[1][1]   0.00726828 
_atom_sites.fract_transf_matrix[1][2]   -0.01298051 
_atom_sites.fract_transf_matrix[1][3]   0.01380161 
_atom_sites.fract_transf_matrix[2][1]   -0.00629752 
_atom_sites.fract_transf_matrix[2][2]   -0.01333422 
_atom_sites.fract_transf_matrix[2][3]   -0.00922449 
_atom_sites.fract_transf_matrix[3][1]   0.01367927 
_atom_sites.fract_transf_matrix[3][2]   -0.00089476 
_atom_sites.fract_transf_matrix[3][3]   -0.00804538 
_atom_sites.fract_transf_vector[1]      0.540993 
_atom_sites.fract_transf_vector[2]      0.384388 
_atom_sites.fract_transf_vector[3]      0.436816 
_atom_sites.solution_primary            ? 
_atom_sites.solution_secondary          ? 
_atom_sites.solution_hydrogens          ? 
_atom_sites.special_details             ? 
# 
loop_
_atom_type.symbol 
C  
MG 
N  
O  
P  
# 
loop_
_atom_site.group_PDB 
_atom_site.id 
_atom_site.type_symbol 
_atom_site.label_atom_id 
_atom_site.label_alt_id 
_atom_site.label_comp_id 
_atom_site.label_asym_id 
_atom_site.label_entity_id 
_atom_site.label_seq_id 
_atom_site.pdbx_PDB_ins_code 
_atom_site.Cartn_x 
_atom_site.Cartn_y 
_atom_site.Cartn_z 
_atom_site.occupancy 
_atom_site.B_iso_or_equiv 
_atom_site.pdbx_formal_charge 
_atom_site.auth_seq_id 
_atom_site.auth_comp_id 
_atom_site.auth_asym_id 
_atom_site.auth_atom_id 
_atom_site.pdbx_PDB_model_num 
HETATM 1    P  PG    . GTP A 1 1  ? 14.505  -4.634  -28.724 1.00 124.88 ? 1   GTP A PG    1 
HETATM 2    O  O1G   . GTP A 1 1  ? 13.111  -4.858  -29.263 1.00 123.34 ? 1   GTP A O1G   1 
HETATM 3    O  O2G   . GTP A 1 1  ? 15.411  -4.177  -29.842 1.00 126.16 ? 1   GTP A O2G   1 
HETATM 4    O  O3G   . GTP A 1 1  ? 15.030  -5.921  -28.123 1.00 112.87 ? 1   GTP A O3G   1 
HETATM 5    O  O3B   . GTP A 1 1  ? 14.421  -3.477  -27.606 1.00 123.78 ? 1   GTP A O3B   1 
HETATM 6    P  PB    . GTP A 1 1  ? 13.838  -3.825  -26.147 1.00 125.15 ? 1   GTP A PB    1 
HETATM 7    O  O1B   . GTP A 1 1  ? 13.799  -2.570  -25.303 1.00 121.41 ? 1   GTP A O1B   1 
HETATM 8    O  O2B   . GTP A 1 1  ? 12.465  -4.451  -26.267 1.00 119.58 ? 1   GTP A O2B   1 
HETATM 9    O  O3A   . GTP A 1 1  ? 14.946  -4.845  -25.564 1.00 110.01 ? 1   GTP A O3A   1 
HETATM 10   P  PA    . GTP A 1 1  ? 14.567  -6.107  -24.637 1.00 100.34 ? 1   GTP A PA    1 
HETATM 11   O  O1A   . GTP A 1 1  ? 15.419  -6.062  -23.391 1.00 92.81  ? 1   GTP A O1A   1 
HETATM 12   O  O2A   . GTP A 1 1  ? 13.100  -6.135  -24.272 1.00 105.26 ? 1   GTP A O2A   1 
HETATM 13   O  "O5'" . GTP A 1 1  ? 14.973  -7.391  -25.523 1.00 96.44  ? 1   GTP A "O5'" 1 
HETATM 14   C  "C5'" . GTP A 1 1  ? 14.907  -8.677  -24.947 1.00 88.60  ? 1   GTP A "C5'" 1 
HETATM 15   C  "C4'" . GTP A 1 1  ? 16.271  -9.231  -24.539 1.00 84.32  ? 1   GTP A "C4'" 1 
HETATM 16   O  "O4'" . GTP A 1 1  ? 17.339  -8.619  -25.235 1.00 84.04  ? 1   GTP A "O4'" 1 
HETATM 17   C  "C3'" . GTP A 1 1  ? 16.602  -9.023  -23.072 1.00 80.55  ? 1   GTP A "C3'" 1 
HETATM 18   O  "O3'" . GTP A 1 1  ? 15.996  -9.984  -22.239 1.00 78.59  ? 1   GTP A "O3'" 1 
HETATM 19   C  "C2'" . GTP A 1 1  ? 18.108  -9.157  -23.077 1.00 78.94  ? 1   GTP A "C2'" 1 
HETATM 20   O  "O2'" . GTP A 1 1  ? 18.446  -10.513 -22.910 1.00 76.91  ? 1   GTP A "O2'" 1 
HETATM 21   C  "C1'" . GTP A 1 1  ? 18.526  -8.673  -24.459 1.00 78.12  ? 1   GTP A "C1'" 1 
HETATM 22   N  N9    . GTP A 1 1  ? 19.090  -7.311  -24.356 1.00 76.63  ? 1   GTP A N9    1 
HETATM 23   C  C8    . GTP A 1 1  ? 18.598  -6.188  -24.974 1.00 77.01  ? 1   GTP A C8    1 
HETATM 24   N  N7    . GTP A 1 1  ? 19.373  -5.129  -24.654 1.00 69.36  ? 1   GTP A N7    1 
HETATM 25   C  C5    . GTP A 1 1  ? 20.368  -5.557  -23.847 1.00 69.89  ? 1   GTP A C5    1 
HETATM 26   C  C6    . GTP A 1 1  ? 21.429  -4.893  -23.240 1.00 64.52  ? 1   GTP A C6    1 
HETATM 27   O  O6    . GTP A 1 1  ? 21.585  -3.682  -23.398 1.00 62.78  ? 1   GTP A O6    1 
HETATM 28   N  N1    . GTP A 1 1  ? 22.305  -5.601  -22.447 1.00 64.81  ? 1   GTP A N1    1 
HETATM 29   C  C2    . GTP A 1 1  ? 22.133  -6.959  -22.266 1.00 67.62  ? 1   GTP A C2    1 
HETATM 30   N  N2    . GTP A 1 1  ? 22.983  -7.635  -21.502 1.00 64.26  ? 1   GTP A N2    1 
HETATM 31   N  N3    . GTP A 1 1  ? 21.080  -7.614  -22.872 1.00 70.21  ? 1   GTP A N3    1 
HETATM 32   C  C4    . GTP A 1 1  ? 20.207  -6.926  -23.650 1.00 72.34  ? 1   GTP A C4    1 
ATOM   33   P  P     . G   A 1 2  ? 15.220  -9.224  -21.015 1.00 82.04  ? 2   G   A P     1 
ATOM   34   O  OP1   . G   A 1 2  ? 14.400  -10.232 -20.287 1.00 76.99  ? 2   G   A OP1   1 
ATOM   35   O  OP2   . G   A 1 2  ? 14.636  -7.896  -21.327 1.00 79.34  ? 2   G   A OP2   1 
ATOM   36   O  "O5'" . G   A 1 2  ? 16.553  -8.998  -20.166 1.00 77.01  ? 2   G   A "O5'" 1 
ATOM   37   C  "C5'" . G   A 1 2  ? 17.221  -10.098 -19.565 1.00 74.69  ? 2   G   A "C5'" 1 
ATOM   38   C  "C4'" . G   A 1 2  ? 18.502  -9.688  -18.879 1.00 71.10  ? 2   G   A "C4'" 1 
ATOM   39   O  "O4'" . G   A 1 2  ? 19.404  -9.061  -19.829 1.00 69.79  ? 2   G   A "O4'" 1 
ATOM   40   C  "C3'" . G   A 1 2  ? 18.382  -8.665  -17.761 1.00 68.51  ? 2   G   A "C3'" 1 
ATOM   41   O  "O3'" . G   A 1 2  ? 17.936  -9.224  -16.536 1.00 67.63  ? 2   G   A "O3'" 1 
ATOM   42   C  "C2'" . G   A 1 2  ? 19.791  -8.088  -17.699 1.00 66.99  ? 2   G   A "C2'" 1 
ATOM   43   O  "O2'" . G   A 1 2  ? 20.676  -8.974  -17.029 1.00 66.03  ? 2   G   A "O2'" 1 
ATOM   44   C  "C1'" . G   A 1 2  ? 20.162  -8.059  -19.181 1.00 67.12  ? 2   G   A "C1'" 1 
ATOM   45   N  N9    . G   A 1 2  ? 19.816  -6.757  -19.776 1.00 64.78  ? 2   G   A N9    1 
ATOM   46   C  C8    . G   A 1 2  ? 18.780  -6.489  -20.635 1.00 67.47  ? 2   G   A C8    1 
ATOM   47   N  N7    . G   A 1 2  ? 18.712  -5.231  -20.975 1.00 65.16  ? 2   G   A N7    1 
ATOM   48   C  C5    . G   A 1 2  ? 19.759  -4.632  -20.287 1.00 60.26  ? 2   G   A C5    1 
ATOM   49   C  C6    . G   A 1 2  ? 20.175  -3.277  -20.262 1.00 57.56  ? 2   G   A C6    1 
ATOM   50   O  O6    . G   A 1 2  ? 19.686  -2.310  -20.866 1.00 55.62  ? 2   G   A O6    1 
ATOM   51   N  N1    . G   A 1 2  ? 21.276  -3.100  -19.429 1.00 53.51  ? 2   G   A N1    1 
ATOM   52   C  C2    . G   A 1 2  ? 21.903  -4.096  -18.718 1.00 58.03  ? 2   G   A C2    1 
ATOM   53   N  N2    . G   A 1 2  ? 22.953  -3.707  -17.975 1.00 54.04  ? 2   G   A N2    1 
ATOM   54   N  N3    . G   A 1 2  ? 21.526  -5.369  -18.734 1.00 57.91  ? 2   G   A N3    1 
ATOM   55   C  C4    . G   A 1 2  ? 20.451  -5.560  -19.535 1.00 62.23  ? 2   G   A C4    1 
ATOM   56   P  P     . G   A 1 3  ? 16.982  -8.386  -15.550 1.00 70.59  ? 3   G   A P     1 
ATOM   57   O  OP1   . G   A 1 3  ? 16.474  -9.305  -14.499 1.00 68.96  ? 3   G   A OP1   1 
ATOM   58   O  OP2   . G   A 1 3  ? 16.000  -7.633  -16.370 1.00 70.25  ? 3   G   A OP2   1 
ATOM   59   O  "O5'" . G   A 1 3  ? 17.988  -7.372  -14.836 1.00 65.57  ? 3   G   A "O5'" 1 
ATOM   60   C  "C5'" . G   A 1 3  ? 19.136  -7.863  -14.157 1.00 64.80  ? 3   G   A "C5'" 1 
ATOM   61   C  "C4'" . G   A 1 3  ? 20.109  -6.764  -13.815 1.00 61.92  ? 3   G   A "C4'" 1 
ATOM   62   O  "O4'" . G   A 1 3  ? 20.688  -6.203  -15.025 1.00 59.43  ? 3   G   A "O4'" 1 
ATOM   63   C  "C3'" . G   A 1 3  ? 19.529  -5.559  -13.096 1.00 57.04  ? 3   G   A "C3'" 1 
ATOM   64   O  "O3'" . G   A 1 3  ? 19.344  -5.772  -11.710 1.00 55.81  ? 3   G   A "O3'" 1 
ATOM   65   C  "C2'" . G   A 1 3  ? 20.549  -4.478  -13.403 1.00 54.21  ? 3   G   A "C2'" 1 
ATOM   66   O  "O2'" . G   A 1 3  ? 21.695  -4.645  -12.585 1.00 55.40  ? 3   G   A "O2'" 1 
ATOM   67   C  "C1'" . G   A 1 3  ? 20.921  -4.821  -14.846 1.00 56.66  ? 3   G   A "C1'" 1 
ATOM   68   N  N9    . G   A 1 3  ? 20.085  -4.068  -15.804 1.00 55.83  ? 3   G   A N9    1 
ATOM   69   C  C8    . G   A 1 3  ? 19.054  -4.548  -16.578 1.00 55.91  ? 3   G   A C8    1 
ATOM   70   N  N7    . G   A 1 3  ? 18.492  -3.623  -17.315 1.00 55.39  ? 3   G   A N7    1 
ATOM   71   C  C5    . G   A 1 3  ? 19.188  -2.461  -17.009 1.00 50.58  ? 3   G   A C5    1 
ATOM   72   C  C6    . G   A 1 3  ? 19.026  -1.137  -17.495 1.00 48.49  ? 3   G   A C6    1 
ATOM   73   O  O6    . G   A 1 3  ? 18.213  -0.711  -18.323 1.00 48.21  ? 3   G   A O6    1 
ATOM   74   N  N1    . G   A 1 3  ? 19.928  -0.263  -16.913 1.00 45.39  ? 3   G   A N1    1 
ATOM   75   C  C2    . G   A 1 3  ? 20.880  -0.613  -15.992 1.00 49.85  ? 3   G   A C2    1 
ATOM   76   N  N2    . G   A 1 3  ? 21.660  0.384   -15.558 1.00 44.25  ? 3   G   A N2    1 
ATOM   77   N  N3    . G   A 1 3  ? 21.049  -1.844  -15.529 1.00 50.66  ? 3   G   A N3    1 
ATOM   78   C  C4    . G   A 1 3  ? 20.172  -2.715  -16.076 1.00 52.15  ? 3   G   A C4    1 
ATOM   79   P  P     . U   A 1 4  ? 18.058  -5.151  -10.981 1.00 60.51  ? 4   U   A P     1 
ATOM   80   O  OP1   . U   A 1 4  ? 18.036  -5.562  -9.554  1.00 62.19  ? 4   U   A OP1   1 
ATOM   81   O  OP2   . U   A 1 4  ? 16.902  -5.417  -11.877 1.00 55.25  ? 4   U   A OP2   1 
ATOM   82   O  "O5'" . U   A 1 4  ? 18.342  -3.583  -10.987 1.00 56.39  ? 4   U   A "O5'" 1 
ATOM   83   C  "C5'" . U   A 1 4  ? 19.415  -3.038  -10.240 1.00 52.92  ? 4   U   A "C5'" 1 
ATOM   84   C  "C4'" . U   A 1 4  ? 19.675  -1.603  -10.619 1.00 50.29  ? 4   U   A "C4'" 1 
ATOM   85   O  "O4'" . U   A 1 4  ? 19.940  -1.509  -12.044 1.00 50.95  ? 4   U   A "O4'" 1 
ATOM   86   C  "C3'" . U   A 1 4  ? 18.527  -0.634  -10.412 1.00 49.18  ? 4   U   A "C3'" 1 
ATOM   87   O  "O3'" . U   A 1 4  ? 18.356  -0.230  -9.069  1.00 50.01  ? 4   U   A "O3'" 1 
ATOM   88   C  "C2'" . U   A 1 4  ? 18.898  0.499   -11.351 1.00 45.63  ? 4   U   A "C2'" 1 
ATOM   89   O  "O2'" . U   A 1 4  ? 19.969  1.257   -10.817 1.00 42.97  ? 4   U   A "O2'" 1 
ATOM   90   C  "C1'" . U   A 1 4  ? 19.436  -0.285  -12.542 1.00 48.76  ? 4   U   A "C1'" 1 
ATOM   91   N  N1    . U   A 1 4  ? 18.380  -0.568  -13.539 1.00 45.66  ? 4   U   A N1    1 
ATOM   92   C  C2    . U   A 1 4  ? 17.974  0.488   -14.330 1.00 44.08  ? 4   U   A C2    1 
ATOM   93   O  O2    . U   A 1 4  ? 18.459  1.597   -14.240 1.00 43.34  ? 4   U   A O2    1 
ATOM   94   N  N3    . U   A 1 4  ? 16.994  0.191   -15.241 1.00 44.54  ? 4   U   A N3    1 
ATOM   95   C  C4    . U   A 1 4  ? 16.378  -1.025  -15.446 1.00 49.03  ? 4   U   A C4    1 
ATOM   96   O  O4    . U   A 1 4  ? 15.503  -1.126  -16.314 1.00 46.40  ? 4   U   A O4    1 
ATOM   97   C  C5    . U   A 1 4  ? 16.841  -2.068  -14.574 1.00 48.09  ? 4   U   A C5    1 
ATOM   98   C  C6    . U   A 1 4  ? 17.799  -1.810  -13.676 1.00 47.95  ? 4   U   A C6    1 
ATOM   99   P  P     . G   A 1 5  ? 16.886  0.099   -8.516  1.00 52.03  ? 5   G   A P     1 
ATOM   100  O  OP1   . G   A 1 5  ? 16.981  0.094   -7.041  1.00 54.00  ? 5   G   A OP1   1 
ATOM   101  O  OP2   . G   A 1 5  ? 15.892  -0.769  -9.194  1.00 49.26  ? 5   G   A OP2   1 
ATOM   102  O  "O5'" . G   A 1 5  ? 16.661  1.612   -8.928  1.00 48.95  ? 5   G   A "O5'" 1 
ATOM   103  C  "C5'" . G   A 1 5  ? 17.525  2.609   -8.404  1.00 50.16  ? 5   G   A "C5'" 1 
ATOM   104  C  "C4'" . G   A 1 5  ? 17.305  3.948   -9.054  1.00 44.83  ? 5   G   A "C4'" 1 
ATOM   105  O  "O4'" . G   A 1 5  ? 17.673  3.881   -10.454 1.00 45.74  ? 5   G   A "O4'" 1 
ATOM   106  C  "C3'" . G   A 1 5  ? 15.875  4.460   -9.083  1.00 45.60  ? 5   G   A "C3'" 1 
ATOM   107  O  "O3'" . G   A 1 5  ? 15.445  4.999   -7.847  1.00 41.55  ? 5   G   A "O3'" 1 
ATOM   108  C  "C2'" . G   A 1 5  ? 15.933  5.471   -10.220 1.00 45.28  ? 5   G   A "C2'" 1 
ATOM   109  O  "O2'" . G   A 1 5  ? 16.633  6.638   -9.808  1.00 44.88  ? 5   G   A "O2'" 1 
ATOM   110  C  "C1'" . G   A 1 5  ? 16.825  4.726   -11.212 1.00 45.34  ? 5   G   A "C1'" 1 
ATOM   111  N  N9    . G   A 1 5  ? 16.038  3.882   -12.130 1.00 41.06  ? 5   G   A N9    1 
ATOM   112  C  C8    . G   A 1 5  ? 15.853  2.522   -12.040 1.00 40.41  ? 5   G   A C8    1 
ATOM   113  N  N7    . G   A 1 5  ? 15.109  2.050   -13.009 1.00 40.93  ? 5   G   A N7    1 
ATOM   114  C  C5    . G   A 1 5  ? 14.798  3.161   -13.786 1.00 39.21  ? 5   G   A C5    1 
ATOM   115  C  C6    . G   A 1 5  ? 14.025  3.271   -14.974 1.00 40.01  ? 5   G   A C6    1 
ATOM   116  O  O6    . G   A 1 5  ? 13.444  2.395   -15.624 1.00 40.25  ? 5   G   A O6    1 
ATOM   117  N  N1    . G   A 1 5  ? 13.968  4.570   -15.430 1.00 39.49  ? 5   G   A N1    1 
ATOM   118  C  C2    . G   A 1 5  ? 14.567  5.644   -14.833 1.00 40.60  ? 5   G   A C2    1 
ATOM   119  N  N2    . G   A 1 5  ? 14.374  6.815   -15.455 1.00 40.21  ? 5   G   A N2    1 
ATOM   120  N  N3    . G   A 1 5  ? 15.299  5.563   -13.732 1.00 42.28  ? 5   G   A N3    1 
ATOM   121  C  C4    . G   A 1 5  ? 15.376  4.294   -13.269 1.00 38.99  ? 5   G   A C4    1 
ATOM   122  P  P     . U   A 1 6  ? 13.910  4.886   -7.403  1.00 47.28  ? 6   U   A P     1 
ATOM   123  O  OP1   . U   A 1 6  ? 13.757  5.556   -6.093  1.00 42.36  ? 6   U   A OP1   1 
ATOM   124  O  OP2   . U   A 1 6  ? 13.402  3.507   -7.567  1.00 44.55  ? 6   U   A OP2   1 
ATOM   125  O  "O5'" . U   A 1 6  ? 13.146  5.773   -8.475  1.00 43.13  ? 6   U   A "O5'" 1 
ATOM   126  C  "C5'" . U   A 1 6  ? 13.369  7.170   -8.556  1.00 44.10  ? 6   U   A "C5'" 1 
ATOM   127  C  "C4'" . U   A 1 6  ? 12.694  7.752   -9.769  1.00 38.30  ? 6   U   A "C4'" 1 
ATOM   128  O  "O4'" . U   A 1 6  ? 13.228  7.129   -10.964 1.00 39.35  ? 6   U   A "O4'" 1 
ATOM   129  C  "C3'" . U   A 1 6  ? 11.202  7.515   -9.890  1.00 38.73  ? 6   U   A "C3'" 1 
ATOM   130  O  "O3'" . U   A 1 6  ? 10.432  8.347   -9.047  1.00 41.81  ? 6   U   A "O3'" 1 
ATOM   131  C  "C2'" . U   A 1 6  ? 10.981  7.726   -11.384 1.00 38.21  ? 6   U   A "C2'" 1 
ATOM   132  O  "O2'" . U   A 1 6  ? 11.081  9.102   -11.719 1.00 36.33  ? 6   U   A "O2'" 1 
ATOM   133  C  "C1'" . U   A 1 6  ? 12.218  7.037   -11.945 1.00 38.33  ? 6   U   A "C1'" 1 
ATOM   134  N  N1    . U   A 1 6  ? 11.967  5.609   -12.241 1.00 38.43  ? 6   U   A N1    1 
ATOM   135  C  C2    . U   A 1 6  ? 11.320  5.364   -13.428 1.00 40.53  ? 6   U   A C2    1 
ATOM   136  O  O2    . U   A 1 6  ? 10.981  6.292   -14.161 1.00 38.07  ? 6   U   A O2    1 
ATOM   137  N  N3    . U   A 1 6  ? 11.098  4.034   -13.695 1.00 37.75  ? 6   U   A N3    1 
ATOM   138  C  C4    . U   A 1 6  ? 11.466  2.967   -12.879 1.00 38.52  ? 6   U   A C4    1 
ATOM   139  O  O4    . U   A 1 6  ? 11.217  1.822   -13.217 1.00 42.07  ? 6   U   A O4    1 
ATOM   140  C  C5    . U   A 1 6  ? 12.133  3.311   -11.676 1.00 39.22  ? 6   U   A C5    1 
ATOM   141  C  C6    . U   A 1 6  ? 12.354  4.601   -11.398 1.00 40.06  ? 6   U   A C6    1 
ATOM   142  P  P     . G   A 1 7  ? 9.165   7.771   -8.252  1.00 41.45  ? 7   G   A P     1 
ATOM   143  O  OP1   . G   A 1 7  ? 8.628   8.909   -7.463  1.00 39.85  ? 7   G   A OP1   1 
ATOM   144  O  OP2   . G   A 1 7  ? 9.503   6.477   -7.600  1.00 39.56  ? 7   G   A OP2   1 
ATOM   145  O  "O5'" . G   A 1 7  ? 8.100   7.431   -9.384  1.00 36.83  ? 7   G   A "O5'" 1 
ATOM   146  C  "C5'" . G   A 1 7  ? 7.699   8.427   -10.318 1.00 39.03  ? 7   G   A "C5'" 1 
ATOM   147  C  "C4'" . G   A 1 7  ? 6.991   7.823   -11.498 1.00 36.26  ? 7   G   A "C4'" 1 
ATOM   148  O  "O4'" . G   A 1 7  ? 7.887   6.937   -12.215 1.00 38.27  ? 7   G   A "O4'" 1 
ATOM   149  C  "C3'" . G   A 1 7  ? 5.780   6.974   -11.161 1.00 37.88  ? 7   G   A "C3'" 1 
ATOM   150  O  "O3'" . G   A 1 7  ? 4.645   7.811   -10.955 1.00 38.80  ? 7   G   A "O3'" 1 
ATOM   151  C  "C2'" . G   A 1 7  ? 5.697   6.005   -12.342 1.00 40.44  ? 7   G   A "C2'" 1 
ATOM   152  O  "O2'" . G   A 1 7  ? 5.031   6.584   -13.452 1.00 40.04  ? 7   G   A "O2'" 1 
ATOM   153  C  "C1'" . G   A 1 7  ? 7.180   5.822   -12.702 1.00 39.36  ? 7   G   A "C1'" 1 
ATOM   154  N  N9    . G   A 1 7  ? 7.772   4.617   -12.094 1.00 40.79  ? 7   G   A N9    1 
ATOM   155  C  C8    . G   A 1 7  ? 8.450   4.531   -10.902 1.00 40.96  ? 7   G   A C8    1 
ATOM   156  N  N7    . G   A 1 7  ? 8.868   3.312   -10.646 1.00 40.88  ? 7   G   A N7    1 
ATOM   157  C  C5    . G   A 1 7  ? 8.438   2.567   -11.736 1.00 41.00  ? 7   G   A C5    1 
ATOM   158  C  C6    . G   A 1 7  ? 8.592   1.185   -12.015 1.00 40.73  ? 7   G   A C6    1 
ATOM   159  O  O6    . G   A 1 7  ? 9.161   0.316   -11.342 1.00 43.07  ? 7   G   A O6    1 
ATOM   160  N  N1    . G   A 1 7  ? 8.014   0.851   -13.221 1.00 41.17  ? 7   G   A N1    1 
ATOM   161  C  C2    . G   A 1 7  ? 7.376   1.723   -14.064 1.00 40.93  ? 7   G   A C2    1 
ATOM   162  N  N2    . G   A 1 7  ? 6.901   1.183   -15.184 1.00 40.86  ? 7   G   A N2    1 
ATOM   163  N  N3    . G   A 1 7  ? 7.203   3.014   -13.813 1.00 39.69  ? 7   G   A N3    1 
ATOM   164  C  C4    . G   A 1 7  ? 7.765   3.358   -12.639 1.00 38.44  ? 7   G   A C4    1 
ATOM   165  P  P     . U   A 1 8  ? 3.146   7.291   -10.772 1.00 41.27  ? 8   U   A P     1 
ATOM   166  O  OP1   . U   A 1 8  ? 2.543   8.200   -9.768  1.00 40.75  ? 8   U   A OP1   1 
ATOM   167  O  OP2   . U   A 1 8  ? 3.037   5.813   -10.599 1.00 39.50  ? 8   U   A OP2   1 
ATOM   168  O  "O5'" . U   A 1 8  ? 2.472   7.633   -12.156 1.00 40.94  ? 8   U   A "O5'" 1 
ATOM   169  C  "C5'" . U   A 1 8  ? 2.767   8.872   -12.781 1.00 42.83  ? 8   U   A "C5'" 1 
ATOM   170  C  "C4'" . U   A 1 8  ? 2.111   8.983   -14.125 1.00 43.11  ? 8   U   A "C4'" 1 
ATOM   171  O  "O4'" . U   A 1 8  ? 2.807   8.160   -15.091 1.00 44.18  ? 8   U   A "O4'" 1 
ATOM   172  C  "C3'" . U   A 1 8  ? 0.673   8.516   -14.215 1.00 46.11  ? 8   U   A "C3'" 1 
ATOM   173  O  "O3'" . U   A 1 8  ? -0.231  9.481   -13.706 1.00 47.49  ? 8   U   A "O3'" 1 
ATOM   174  C  "C2'" . U   A 1 8  ? 0.509   8.264   -15.708 1.00 46.33  ? 8   U   A "C2'" 1 
ATOM   175  O  "O2'" . U   A 1 8  ? 0.271   9.486   -16.398 1.00 47.28  ? 8   U   A "O2'" 1 
ATOM   176  C  "C1'" . U   A 1 8  ? 1.905   7.764   -16.101 1.00 44.24  ? 8   U   A "C1'" 1 
ATOM   177  N  N1    . U   A 1 8  ? 1.976   6.298   -16.284 1.00 43.74  ? 8   U   A N1    1 
ATOM   178  C  C2    . U   A 1 8  ? 1.356   5.793   -17.399 1.00 45.04  ? 8   U   A C2    1 
ATOM   179  O  O2    . U   A 1 8  ? 0.757   6.508   -18.184 1.00 47.74  ? 8   U   A O2    1 
ATOM   180  N  N3    . U   A 1 8  ? 1.425   4.434   -17.549 1.00 45.43  ? 8   U   A N3    1 
ATOM   181  C  C4    . U   A 1 8  ? 2.072   3.543   -16.729 1.00 44.48  ? 8   U   A C4    1 
ATOM   182  O  O4    . U   A 1 8  ? 2.064   2.342   -17.012 1.00 43.43  ? 8   U   A O4    1 
ATOM   183  C  C5    . U   A 1 8  ? 2.702   4.146   -15.597 1.00 43.04  ? 8   U   A C5    1 
ATOM   184  C  C6    . U   A 1 8  ? 2.644   5.474   -15.422 1.00 44.84  ? 8   U   A C6    1 
ATOM   185  P  P     . A   A 1 9  ? -1.558  9.044   -12.914 1.00 48.01  ? 9   A   A P     1 
ATOM   186  O  OP1   . A   A 1 9  ? -2.265  10.307  -12.586 1.00 52.45  ? 9   A   A OP1   1 
ATOM   187  O  OP2   . A   A 1 9  ? -1.207  8.088   -11.843 1.00 46.33  ? 9   A   A OP2   1 
ATOM   188  O  "O5'" . A   A 1 9  ? -2.430  8.282   -13.990 1.00 47.33  ? 9   A   A "O5'" 1 
ATOM   189  C  "C5'" . A   A 1 9  ? -2.847  8.949   -15.170 1.00 51.34  ? 9   A   A "C5'" 1 
ATOM   190  C  "C4'" . A   A 1 9  ? -3.392  7.963   -16.157 1.00 51.42  ? 9   A   A "C4'" 1 
ATOM   191  O  "O4'" . A   A 1 9  ? -2.334  7.118   -16.668 1.00 47.49  ? 9   A   A "O4'" 1 
ATOM   192  C  "C3'" . A   A 1 9  ? -4.376  6.988   -15.563 1.00 53.08  ? 9   A   A "C3'" 1 
ATOM   193  O  "O3'" . A   A 1 9  ? -5.651  7.572   -15.411 1.00 58.98  ? 9   A   A "O3'" 1 
ATOM   194  C  "C2'" . A   A 1 9  ? -4.322  5.819   -16.534 1.00 50.49  ? 9   A   A "C2'" 1 
ATOM   195  O  "O2'" . A   A 1 9  ? -5.098  6.096   -17.688 1.00 55.55  ? 9   A   A "O2'" 1 
ATOM   196  C  "C1'" . A   A 1 9  ? -2.841  5.826   -16.929 1.00 48.44  ? 9   A   A "C1'" 1 
ATOM   197  N  N9    . A   A 1 9  ? -2.053  4.836   -16.171 1.00 47.76  ? 9   A   A N9    1 
ATOM   198  C  C8    . A   A 1 9  ? -1.219  5.022   -15.097 1.00 46.87  ? 9   A   A C8    1 
ATOM   199  N  N7    . A   A 1 9  ? -0.674  3.908   -14.663 1.00 45.43  ? 9   A   A N7    1 
ATOM   200  C  C5    . A   A 1 9  ? -1.176  2.929   -15.522 1.00 45.72  ? 9   A   A C5    1 
ATOM   201  C  C6    . A   A 1 9  ? -0.995  1.537   -15.620 1.00 46.12  ? 9   A   A C6    1 
ATOM   202  N  N6    . A   A 1 9  ? -0.211  0.814   -14.813 1.00 45.72  ? 9   A   A N6    1 
ATOM   203  N  N1    . A   A 1 9  ? -1.656  0.881   -16.599 1.00 46.82  ? 9   A   A N1    1 
ATOM   204  C  C2    . A   A 1 9  ? -2.447  1.573   -17.421 1.00 48.39  ? 9   A   A C2    1 
ATOM   205  N  N3    . A   A 1 9  ? -2.698  2.880   -17.430 1.00 48.51  ? 9   A   A N3    1 
ATOM   206  C  C4    . A   A 1 9  ? -2.023  3.500   -16.448 1.00 45.19  ? 9   A   A C4    1 
ATOM   207  P  P     . C   A 1 10 ? -6.614  7.047   -14.255 1.00 58.04  ? 10  C   A P     1 
ATOM   208  O  OP1   . C   A 1 10 ? -7.922  7.751   -14.346 1.00 62.20  ? 10  C   A OP1   1 
ATOM   209  O  OP2   . C   A 1 10 ? -5.873  7.097   -12.971 1.00 55.27  ? 10  C   A OP2   1 
ATOM   210  O  "O5'" . C   A 1 10 ? -6.865  5.558   -14.734 1.00 54.95  ? 10  C   A "O5'" 1 
ATOM   211  C  "C5'" . C   A 1 10 ? -7.419  4.598   -13.876 1.00 57.06  ? 10  C   A "C5'" 1 
ATOM   212  C  "C4'" . C   A 1 10 ? -7.056  3.220   -14.340 1.00 55.73  ? 10  C   A "C4'" 1 
ATOM   213  O  "O4'" . C   A 1 10 ? -5.681  3.206   -14.822 1.00 56.49  ? 10  C   A "O4'" 1 
ATOM   214  C  "C3'" . C   A 1 10 ? -7.079  2.192   -13.235 1.00 55.55  ? 10  C   A "C3'" 1 
ATOM   215  O  "O3'" . C   A 1 10 ? -8.386  1.712   -12.995 1.00 61.71  ? 10  C   A "O3'" 1 
ATOM   216  C  "C2'" . C   A 1 10 ? -6.075  1.152   -13.713 1.00 53.59  ? 10  C   A "C2'" 1 
ATOM   217  O  "O2'" . C   A 1 10 ? -6.645  0.307   -14.703 1.00 58.21  ? 10  C   A "O2'" 1 
ATOM   218  C  "C1'" . C   A 1 10 ? -5.022  2.043   -14.369 1.00 51.56  ? 10  C   A "C1'" 1 
ATOM   219  N  N1    . C   A 1 10 ? -3.990  2.470   -13.398 1.00 48.19  ? 10  C   A N1    1 
ATOM   220  C  C2    . C   A 1 10 ? -3.036  1.552   -12.956 1.00 45.83  ? 10  C   A C2    1 
ATOM   221  O  O2    . C   A 1 10 ? -3.076  0.390   -13.391 1.00 47.53  ? 10  C   A O2    1 
ATOM   222  N  N3    . C   A 1 10 ? -2.094  1.954   -12.072 1.00 41.47  ? 10  C   A N3    1 
ATOM   223  C  C4    . C   A 1 10 ? -2.071  3.200   -11.611 1.00 43.17  ? 10  C   A C4    1 
ATOM   224  N  N4    . C   A 1 10 ? -1.127  3.537   -10.722 1.00 38.04  ? 10  C   A N4    1 
ATOM   225  C  C5    . C   A 1 10 ? -3.038  4.154   -12.043 1.00 47.62  ? 10  C   A C5    1 
ATOM   226  C  C6    . C   A 1 10 ? -3.960  3.753   -12.926 1.00 49.63  ? 10  C   A C6    1 
ATOM   227  P  P     . C   A 1 11 ? -8.960  1.722   -11.502 1.00 65.54  ? 11  C   A P     1 
ATOM   228  O  OP1   . C   A 1 11 ? -10.387 1.325   -11.639 1.00 67.69  ? 11  C   A OP1   1 
ATOM   229  O  OP2   . C   A 1 11 ? -8.589  2.974   -10.796 1.00 61.60  ? 11  C   A OP2   1 
ATOM   230  O  "O5'" . C   A 1 11 ? -8.164  0.528   -10.816 1.00 56.78  ? 11  C   A "O5'" 1 
ATOM   231  C  "C5'" . C   A 1 11 ? -8.251  -0.754  -11.404 1.00 54.71  ? 11  C   A "C5'" 1 
ATOM   232  C  "C4'" . C   A 1 11 ? -7.088  -1.646  -11.068 1.00 54.38  ? 11  C   A "C4'" 1 
ATOM   233  O  "O4'" . C   A 1 11 ? -5.814  -1.056  -11.426 1.00 51.11  ? 11  C   A "O4'" 1 
ATOM   234  C  "C3'" . C   A 1 11 ? -6.890  -2.023  -9.620  1.00 48.17  ? 11  C   A "C3'" 1 
ATOM   235  O  "O3'" . C   A 1 11 ? -7.850  -2.943  -9.157  1.00 50.06  ? 11  C   A "O3'" 1 
ATOM   236  C  "C2'" . C   A 1 11 ? -5.499  -2.613  -9.669  1.00 47.92  ? 11  C   A "C2'" 1 
ATOM   237  O  "O2'" . C   A 1 11 ? -5.548  -3.877  -10.301 1.00 50.02  ? 11  C   A "O2'" 1 
ATOM   238  C  "C1'" . C   A 1 11 ? -4.806  -1.644  -10.627 1.00 47.10  ? 11  C   A "C1'" 1 
ATOM   239  N  N1    . C   A 1 11 ? -4.055  -0.596  -9.896  1.00 45.84  ? 11  C   A N1    1 
ATOM   240  C  C2    . C   A 1 11 ? -2.829  -0.973  -9.318  1.00 44.08  ? 11  C   A C2    1 
ATOM   241  O  O2    . C   A 1 11 ? -2.438  -2.138  -9.448  1.00 44.27  ? 11  C   A O2    1 
ATOM   242  N  N3    . C   A 1 11 ? -2.092  -0.073  -8.636  1.00 41.25  ? 11  C   A N3    1 
ATOM   243  C  C4    . C   A 1 11 ? -2.533  1.171   -8.507  1.00 42.23  ? 11  C   A C4    1 
ATOM   244  N  N4    . C   A 1 11 ? -1.773  2.029   -7.824  1.00 41.07  ? 11  C   A N4    1 
ATOM   245  C  C5    . C   A 1 11 ? -3.773  1.589   -9.077  1.00 45.32  ? 11  C   A C5    1 
ATOM   246  C  C6    . C   A 1 11 ? -4.500  0.686   -9.761  1.00 46.11  ? 11  C   A C6    1 
ATOM   247  P  P     . G   A 1 12 ? -8.202  -3.017  -7.599  1.00 48.25  ? 12  G   A P     1 
ATOM   248  O  OP1   . G   A 1 12 ? -9.429  -3.834  -7.492  1.00 54.16  ? 12  G   A OP1   1 
ATOM   249  O  OP2   . G   A 1 12 ? -8.164  -1.663  -7.014  1.00 45.78  ? 12  G   A OP2   1 
ATOM   250  O  "O5'" . G   A 1 12 ? -7.015  -3.843  -6.943  1.00 44.85  ? 12  G   A "O5'" 1 
ATOM   251  C  "C5'" . G   A 1 12 ? -6.619  -5.106  -7.454  1.00 46.89  ? 12  G   A "C5'" 1 
ATOM   252  C  "C4'" . G   A 1 12 ? -5.354  -5.583  -6.786  1.00 46.32  ? 12  G   A "C4'" 1 
ATOM   253  O  "O4'" . G   A 1 12 ? -4.230  -4.778  -7.226  1.00 45.92  ? 12  G   A "O4'" 1 
ATOM   254  C  "C3'" . G   A 1 12 ? -5.318  -5.455  -5.272  1.00 44.46  ? 12  G   A "C3'" 1 
ATOM   255  O  "O3'" . G   A 1 12 ? -5.995  -6.505  -4.605  1.00 46.15  ? 12  G   A "O3'" 1 
ATOM   256  C  "C2'" . G   A 1 12 ? -3.827  -5.418  -4.980  1.00 43.24  ? 12  G   A "C2'" 1 
ATOM   257  O  "O2'" . G   A 1 12 ? -3.282  -6.719  -5.101  1.00 47.00  ? 12  G   A "O2'" 1 
ATOM   258  C  "C1'" . G   A 1 12 ? -3.319  -4.596  -6.157  1.00 43.64  ? 12  G   A "C1'" 1 
ATOM   259  N  N9    . G   A 1 12 ? -3.230  -3.154  -5.841  1.00 40.35  ? 12  G   A N9    1 
ATOM   260  C  C8    . G   A 1 12 ? -4.060  -2.147  -6.261  1.00 41.47  ? 12  G   A C8    1 
ATOM   261  N  N7    . G   A 1 12 ? -3.712  -0.966  -5.819  1.00 40.09  ? 12  G   A N7    1 
ATOM   262  C  C5    . G   A 1 12 ? -2.568  -1.200  -5.052  1.00 38.39  ? 12  G   A C5    1 
ATOM   263  C  C6    . G   A 1 12 ? -1.736  -0.313  -4.315  1.00 39.70  ? 12  G   A C6    1 
ATOM   264  O  O6    . G   A 1 12 ? -1.825  0.921   -4.196  1.00 38.66  ? 12  G   A O6    1 
ATOM   265  N  N1    . G   A 1 12 ? -0.690  -0.980  -3.681  1.00 37.13  ? 12  G   A N1    1 
ATOM   266  C  C2    . G   A 1 12 ? -0.478  -2.335  -3.756  1.00 39.59  ? 12  G   A C2    1 
ATOM   267  N  N2    . G   A 1 12 ? 0.580   -2.836  -3.083  1.00 38.23  ? 12  G   A N2    1 
ATOM   268  N  N3    . G   A 1 12 ? -1.250  -3.166  -4.434  1.00 38.34  ? 12  G   A N3    1 
ATOM   269  C  C4    . G   A 1 12 ? -2.269  -2.544  -5.058  1.00 41.14  ? 12  G   A C4    1 
ATOM   270  P  P     . U   A 1 13 ? -6.760  -6.204  -3.239  1.00 49.61  ? 13  U   A P     1 
ATOM   271  O  OP1   . U   A 1 13 ? -7.548  -7.421  -2.878  1.00 52.61  ? 13  U   A OP1   1 
ATOM   272  O  OP2   . U   A 1 13 ? -7.453  -4.904  -3.358  1.00 43.04  ? 13  U   A OP2   1 
ATOM   273  O  "O5'" . U   A 1 13 ? -5.591  -6.004  -2.172  1.00 44.27  ? 13  U   A "O5'" 1 
ATOM   274  C  "C5'" . U   A 1 13 ? -4.592  -6.999  -1.990  1.00 45.36  ? 13  U   A "C5'" 1 
ATOM   275  C  "C4'" . U   A 1 13 ? -3.472  -6.534  -1.085  1.00 42.64  ? 13  U   A "C4'" 1 
ATOM   276  O  "O4'" . U   A 1 13 ? -2.649  -5.540  -1.745  1.00 43.17  ? 13  U   A "O4'" 1 
ATOM   277  C  "C3'" . U   A 1 13 ? -3.869  -5.862  0.216   1.00 46.43  ? 13  U   A "C3'" 1 
ATOM   278  O  "O3'" . U   A 1 13 ? -4.298  -6.784  1.202   1.00 47.61  ? 13  U   A "O3'" 1 
ATOM   279  C  "C2'" . U   A 1 13 ? -2.593  -5.114  0.586   1.00 43.09  ? 13  U   A "C2'" 1 
ATOM   280  O  "O2'" . U   A 1 13 ? -1.609  -6.012  1.083   1.00 40.43  ? 13  U   A "O2'" 1 
ATOM   281  C  "C1'" . U   A 1 13 ? -2.140  -4.627  -0.792  1.00 40.43  ? 13  U   A "C1'" 1 
ATOM   282  N  N1    . U   A 1 13 ? -2.679  -3.279  -1.095  1.00 39.08  ? 13  U   A N1    1 
ATOM   283  C  C2    . U   A 1 13 ? -1.995  -2.222  -0.541  1.00 38.96  ? 13  U   A C2    1 
ATOM   284  O  O2    . U   A 1 13 ? -1.015  -2.394  0.141   1.00 37.56  ? 13  U   A O2    1 
ATOM   285  N  N3    . U   A 1 13 ? -2.495  -0.976  -0.800  1.00 38.26  ? 13  U   A N3    1 
ATOM   286  C  C4    . U   A 1 13 ? -3.608  -0.702  -1.570  1.00 37.68  ? 13  U   A C4    1 
ATOM   287  O  O4    . U   A 1 13 ? -3.924  0.470   -1.721  1.00 39.80  ? 13  U   A O4    1 
ATOM   288  C  C5    . U   A 1 13 ? -4.284  -1.840  -2.117  1.00 37.77  ? 13  U   A C5    1 
ATOM   289  C  C6    . U   A 1 13 ? -3.805  -3.069  -1.855  1.00 42.00  ? 13  U   A C6    1 
ATOM   290  P  P     . U   A 1 14 ? -5.303  -6.311  2.363   1.00 49.91  ? 14  U   A P     1 
ATOM   291  O  OP1   . U   A 1 14 ? -6.456  -7.251  2.398   1.00 51.62  ? 14  U   A OP1   1 
ATOM   292  O  OP2   . U   A 1 14 ? -5.563  -4.858  2.280   1.00 48.07  ? 14  U   A OP2   1 
ATOM   293  O  "O5'" . U   A 1 14 ? -4.435  -6.507  3.665   1.00 45.81  ? 14  U   A "O5'" 1 
ATOM   294  C  "C5'" . U   A 1 14 ? -3.849  -7.765  3.945   1.00 52.38  ? 14  U   A "C5'" 1 
ATOM   295  C  "C4'" . U   A 1 14 ? -2.964  -7.670  5.151   1.00 53.78  ? 14  U   A "C4'" 1 
ATOM   296  O  "O4'" . U   A 1 14 ? -1.802  -6.872  4.813   1.00 49.76  ? 14  U   A "O4'" 1 
ATOM   297  C  "C3'" . U   A 1 14 ? -3.607  -7.005  6.364   1.00 55.21  ? 14  U   A "C3'" 1 
ATOM   298  O  "O3'" . U   A 1 14 ? -3.135  -7.625  7.549   1.00 60.98  ? 14  U   A "O3'" 1 
ATOM   299  C  "C2'" . U   A 1 14 ? -3.071  -5.579  6.314   1.00 53.56  ? 14  U   A "C2'" 1 
ATOM   300  O  "O2'" . U   A 1 14 ? -2.986  -4.966  7.584   1.00 48.57  ? 14  U   A "O2'" 1 
ATOM   301  C  "C1'" . U   A 1 14 ? -1.684  -5.783  5.706   1.00 48.59  ? 14  U   A "C1'" 1 
ATOM   302  N  N1    . U   A 1 14 ? -1.204  -4.620  4.949   1.00 44.19  ? 14  U   A N1    1 
ATOM   303  C  C2    . U   A 1 14 ? 0.087   -4.198  5.166   1.00 42.08  ? 14  U   A C2    1 
ATOM   304  O  O2    . U   A 1 14 ? 0.847   -4.731  5.940   1.00 42.84  ? 14  U   A O2    1 
ATOM   305  N  N3    . U   A 1 14 ? 0.482   -3.106  4.449   1.00 41.33  ? 14  U   A N3    1 
ATOM   306  C  C4    . U   A 1 14 ? -0.272  -2.411  3.546   1.00 41.05  ? 14  U   A C4    1 
ATOM   307  O  O4    . U   A 1 14 ? 0.251   -1.450  2.999   1.00 40.27  ? 14  U   A O4    1 
ATOM   308  C  C5    . U   A 1 14 ? -1.604  -2.898  3.358   1.00 43.77  ? 14  U   A C5    1 
ATOM   309  C  C6    . U   A 1 14 ? -2.029  -3.968  4.051   1.00 43.97  ? 14  U   A C6    1 
ATOM   310  P  P     . C   A 1 15 ? -4.179  -8.148  8.648   1.00 64.67  ? 15  C   A P     1 
ATOM   311  O  OP1   . C   A 1 15 ? -5.017  -9.191  8.007   1.00 70.12  ? 15  C   A OP1   1 
ATOM   312  O  OP2   . C   A 1 15 ? -4.815  -6.983  9.305   1.00 63.62  ? 15  C   A OP2   1 
ATOM   313  O  "O5'" . C   A 1 15 ? -3.231  -8.844  9.713   1.00 71.96  ? 15  C   A "O5'" 1 
ATOM   314  C  "C5'" . C   A 1 15 ? -2.040  -9.470  9.278   1.00 72.34  ? 15  C   A "C5'" 1 
ATOM   315  C  "C4'" . C   A 1 15 ? -2.171  -10.968 9.318   1.00 78.72  ? 15  C   A "C4'" 1 
ATOM   316  O  "O4'" . C   A 1 15 ? -3.550  -11.371 9.112   1.00 82.23  ? 15  C   A "O4'" 1 
ATOM   317  C  "C3'" . C   A 1 15 ? -1.431  -11.730 8.242   1.00 77.64  ? 15  C   A "C3'" 1 
ATOM   318  O  "O3'" . C   A 1 15 ? -0.038  -11.775 8.429   1.00 75.33  ? 15  C   A "O3'" 1 
ATOM   319  C  "C2'" . C   A 1 15 ? -2.127  -13.082 8.282   1.00 82.29  ? 15  C   A "C2'" 1 
ATOM   320  O  "O2'" . C   A 1 15 ? -1.720  -13.825 9.423   1.00 81.41  ? 15  C   A "O2'" 1 
ATOM   321  C  "C1'" . C   A 1 15 ? -3.579  -12.646 8.494   1.00 84.69  ? 15  C   A "C1'" 1 
ATOM   322  N  N1    . C   A 1 15 ? -4.308  -12.567 7.206   1.00 88.52  ? 15  C   A N1    1 
ATOM   323  C  C2    . C   A 1 15 ? -5.244  -13.576 6.943   1.00 92.48  ? 15  C   A C2    1 
ATOM   324  O  O2    . C   A 1 15 ? -5.442  -14.450 7.804   1.00 94.83  ? 15  C   A O2    1 
ATOM   325  N  N3    . C   A 1 15 ? -5.923  -13.563 5.772   1.00 95.27  ? 15  C   A N3    1 
ATOM   326  C  C4    . C   A 1 15 ? -5.682  -12.604 4.872   1.00 97.18  ? 15  C   A C4    1 
ATOM   327  N  N4    . C   A 1 15 ? -6.375  -12.632 3.729   1.00 101.66 ? 15  C   A N4    1 
ATOM   328  C  C5    . C   A 1 15 ? -4.719  -11.573 5.106   1.00 88.22  ? 15  C   A C5    1 
ATOM   329  C  C6    . C   A 1 15 ? -4.059  -11.596 6.269   1.00 83.59  ? 15  C   A C6    1 
ATOM   330  P  P     . A   A 1 16 ? 0.900   -11.579 7.151   1.00 72.49  ? 16  A   A P     1 
ATOM   331  O  OP1   . A   A 1 16 ? 0.718   -12.763 6.270   1.00 69.45  ? 16  A   A OP1   1 
ATOM   332  O  OP2   . A   A 1 16 ? 2.256   -11.244 7.665   1.00 64.61  ? 16  A   A OP2   1 
ATOM   333  O  "O5'" . A   A 1 16 ? 0.215   -10.367 6.366   1.00 69.09  ? 16  A   A "O5'" 1 
ATOM   334  C  "C5'" . A   A 1 16 ? 0.616   -9.024  6.587   1.00 57.28  ? 16  A   A "C5'" 1 
ATOM   335  C  "C4'" . A   A 1 16 ? 1.984   -8.782  6.013   1.00 55.53  ? 16  A   A "C4'" 1 
ATOM   336  O  "O4'" . A   A 1 16 ? 1.909   -8.579  4.584   1.00 51.02  ? 16  A   A "O4'" 1 
ATOM   337  C  "C3'" . A   A 1 16 ? 2.725   -7.565  6.525   1.00 50.02  ? 16  A   A "C3'" 1 
ATOM   338  O  "O3'" . A   A 1 16 ? 3.341   -7.837  7.771   1.00 56.18  ? 16  A   A "O3'" 1 
ATOM   339  C  "C2'" . A   A 1 16 ? 3.732   -7.293  5.413   1.00 47.65  ? 16  A   A "C2'" 1 
ATOM   340  O  "O2'" . A   A 1 16 ? 4.878   -8.115  5.581   1.00 49.95  ? 16  A   A "O2'" 1 
ATOM   341  C  "C1'" . A   A 1 16 ? 2.972   -7.756  4.167   1.00 46.43  ? 16  A   A "C1'" 1 
ATOM   342  N  N9    . A   A 1 16 ? 2.425   -6.661  3.343   1.00 45.15  ? 16  A   A N9    1 
ATOM   343  C  C8    . A   A 1 16 ? 1.103   -6.499  2.998   1.00 43.16  ? 16  A   A C8    1 
ATOM   344  N  N7    . A   A 1 16 ? 0.885   -5.461  2.225   1.00 41.50  ? 16  A   A N7    1 
ATOM   345  C  C5    . A   A 1 16 ? 2.147   -4.926  2.030   1.00 40.69  ? 16  A   A C5    1 
ATOM   346  C  C6    . A   A 1 16 ? 2.598   -3.815  1.297   1.00 40.22  ? 16  A   A C6    1 
ATOM   347  N  N6    . A   A 1 16 ? 1.776   -3.034  0.597   1.00 38.72  ? 16  A   A N6    1 
ATOM   348  N  N1    . A   A 1 16 ? 3.921   -3.523  1.310   1.00 40.85  ? 16  A   A N1    1 
ATOM   349  C  C2    . A   A 1 16 ? 4.741   -4.322  2.007   1.00 40.99  ? 16  A   A C2    1 
ATOM   350  N  N3    . A   A 1 16 ? 4.426   -5.394  2.732   1.00 41.84  ? 16  A   A N3    1 
ATOM   351  C  C4    . A   A 1 16 ? 3.108   -5.654  2.704   1.00 40.90  ? 16  A   A C4    1 
ATOM   352  P  P     . A   A 1 17 ? 3.470   -6.723  8.928   1.00 54.82  ? 17  A   A P     1 
ATOM   353  O  OP1   . A   A 1 17 ? 3.748   -7.457  10.185  1.00 55.81  ? 17  A   A OP1   1 
ATOM   354  O  OP2   . A   A 1 17 ? 2.344   -5.763  8.845   1.00 52.61  ? 17  A   A OP2   1 
ATOM   355  O  "O5'" . A   A 1 17 ? 4.875   -6.039  8.666   1.00 51.75  ? 17  A   A "O5'" 1 
ATOM   356  C  "C5'" . A   A 1 17 ? 5.016   -5.161  7.596   1.00 50.40  ? 17  A   A "C5'" 1 
ATOM   357  C  "C4'" . A   A 1 17 ? 6.420   -4.721  7.350   1.00 49.12  ? 17  A   A "C4'" 1 
ATOM   358  O  "O4'" . A   A 1 17 ? 6.525   -4.575  5.916   1.00 44.87  ? 17  A   A "O4'" 1 
ATOM   359  C  "C3'" . A   A 1 17 ? 6.707   -3.335  7.923   1.00 45.87  ? 17  A   A "C3'" 1 
ATOM   360  O  "O3'" . A   A 1 17 ? 7.387   -3.368  9.166   1.00 49.23  ? 17  A   A "O3'" 1 
ATOM   361  C  "C2'" . A   A 1 17 ? 7.448   -2.606  6.811   1.00 44.14  ? 17  A   A "C2'" 1 
ATOM   362  O  "O2'" . A   A 1 17 ? 8.846   -2.869  6.851   1.00 48.00  ? 17  A   A "O2'" 1 
ATOM   363  C  "C1'" . A   A 1 17 ? 6.851   -3.258  5.577   1.00 43.98  ? 17  A   A "C1'" 1 
ATOM   364  N  N9    . A   A 1 17 ? 5.595   -2.610  5.140   1.00 41.53  ? 17  A   A N9    1 
ATOM   365  C  C8    . A   A 1 17 ? 4.309   -3.076  5.231   1.00 41.35  ? 17  A   A C8    1 
ATOM   366  N  N7    . A   A 1 17 ? 3.389   -2.275  4.720   1.00 40.99  ? 17  A   A N7    1 
ATOM   367  C  C5    . A   A 1 17 ? 4.142   -1.211  4.264   1.00 39.57  ? 17  A   A C5    1 
ATOM   368  C  C6    . A   A 1 17 ? 3.800   -0.016  3.609   1.00 36.02  ? 17  A   A C6    1 
ATOM   369  N  N6    . A   A 1 17 ? 2.550   0.332   3.295   1.00 37.78  ? 17  A   A N6    1 
ATOM   370  N  N1    . A   A 1 17 ? 4.804   0.822   3.292   1.00 41.54  ? 17  A   A N1    1 
ATOM   371  C  C2    . A   A 1 17 ? 6.067   0.501   3.600   1.00 39.10  ? 17  A   A C2    1 
ATOM   372  N  N3    . A   A 1 17 ? 6.509   -0.597  4.207   1.00 40.55  ? 17  A   A N3    1 
ATOM   373  C  C4    . A   A 1 17 ? 5.494   -1.408  4.513   1.00 39.63  ? 17  A   A C4    1 
ATOM   374  P  P     . C   A 1 18 ? 6.719   -2.658  10.439  1.00 43.73  ? 18  C   A P     1 
ATOM   375  O  OP1   . C   A 1 18 ? 7.755   -2.537  11.484  1.00 42.99  ? 18  C   A OP1   1 
ATOM   376  O  OP2   . C   A 1 18 ? 5.445   -3.347  10.726  1.00 38.87  ? 18  C   A OP2   1 
ATOM   377  O  "O5'" . C   A 1 18 ? 6.419   -1.181  9.919   1.00 39.87  ? 18  C   A "O5'" 1 
ATOM   378  C  "C5'" . C   A 1 18 ? 7.457   -0.319  9.476   1.00 38.45  ? 18  C   A "C5'" 1 
ATOM   379  C  "C4'" . C   A 1 18 ? 6.907   0.873   8.733   1.00 43.00  ? 18  C   A "C4'" 1 
ATOM   380  O  "O4'" . C   A 1 18 ? 6.150   0.436   7.577   1.00 44.51  ? 18  C   A "O4'" 1 
ATOM   381  C  "C3'" . C   A 1 18 ? 5.927   1.741   9.505   1.00 38.54  ? 18  C   A "C3'" 1 
ATOM   382  O  "O3'" . C   A 1 18 ? 6.599   2.652   10.350  1.00 41.23  ? 18  C   A "O3'" 1 
ATOM   383  C  "C2'" . C   A 1 18 ? 5.144   2.422   8.388   1.00 40.29  ? 18  C   A "C2'" 1 
ATOM   384  O  "O2'" . C   A 1 18 ? 5.898   3.477   7.817   1.00 35.32  ? 18  C   A "O2'" 1 
ATOM   385  C  "C1'" . C   A 1 18 ? 5.068   1.311   7.351   1.00 39.44  ? 18  C   A "C1'" 1 
ATOM   386  N  N1    . C   A 1 18 ? 3.817   0.531   7.423   1.00 37.80  ? 18  C   A N1    1 
ATOM   387  C  C2    . C   A 1 18 ? 2.708   1.034   6.752   1.00 38.10  ? 18  C   A C2    1 
ATOM   388  O  O2    . C   A 1 18 ? 2.842   2.129   6.188   1.00 35.61  ? 18  C   A O2    1 
ATOM   389  N  N3    . C   A 1 18 ? 1.555   0.337   6.753   1.00 37.70  ? 18  C   A N3    1 
ATOM   390  C  C4    . C   A 1 18 ? 1.497   -0.833  7.390   1.00 37.76  ? 18  C   A C4    1 
ATOM   391  N  N4    . C   A 1 18 ? 0.347   -1.498  7.386   1.00 37.32  ? 18  C   A N4    1 
ATOM   392  C  C5    . C   A 1 18 ? 2.621   -1.373  8.084   1.00 37.57  ? 18  C   A C5    1 
ATOM   393  C  C6    . C   A 1 18 ? 3.755   -0.673  8.069   1.00 39.41  ? 18  C   A C6    1 
ATOM   394  P  P     . U   A 1 19 ? 5.816   3.490   11.467  1.00 39.89  ? 19  U   A P     1 
ATOM   395  O  OP1   . U   A 1 19 ? 4.654   4.182   10.854  1.00 37.88  ? 19  U   A OP1   1 
ATOM   396  O  OP2   . U   A 1 19 ? 6.855   4.271   12.173  1.00 40.37  ? 19  U   A OP2   1 
ATOM   397  O  "O5'" . U   A 1 19 ? 5.216   2.383   12.419  1.00 37.20  ? 19  U   A "O5'" 1 
ATOM   398  C  "C5'" . U   A 1 19 ? 6.063   1.501   13.151  1.00 38.60  ? 19  U   A "C5'" 1 
ATOM   399  C  "C4'" . U   A 1 19 ? 5.638   1.420   14.596  1.00 38.01  ? 19  U   A "C4'" 1 
ATOM   400  O  "O4'" . U   A 1 19 ? 5.924   2.683   15.236  1.00 37.33  ? 19  U   A "O4'" 1 
ATOM   401  C  "C3'" . U   A 1 19 ? 4.150   1.142   14.840  1.00 39.17  ? 19  U   A "C3'" 1 
ATOM   402  O  "O3'" . U   A 1 19 ? 4.003   0.242   15.928  1.00 37.06  ? 19  U   A "O3'" 1 
ATOM   403  C  "C2'" . U   A 1 19 ? 3.587   2.499   15.236  1.00 39.25  ? 19  U   A "C2'" 1 
ATOM   404  O  "O2'" . U   A 1 19 ? 2.452   2.418   16.078  1.00 38.39  ? 19  U   A "O2'" 1 
ATOM   405  C  "C1'" . U   A 1 19 ? 4.782   3.132   15.938  1.00 41.04  ? 19  U   A "C1'" 1 
ATOM   406  N  N1    . U   A 1 19 ? 4.801   4.597   15.924  1.00 38.25  ? 19  U   A N1    1 
ATOM   407  C  C2    . U   A 1 19 ? 5.109   5.196   17.125  1.00 43.10  ? 19  U   A C2    1 
ATOM   408  O  O2    . U   A 1 19 ? 5.363   4.546   18.126  1.00 43.91  ? 19  U   A O2    1 
ATOM   409  N  N3    . U   A 1 19 ? 5.128   6.564   17.111  1.00 42.56  ? 19  U   A N3    1 
ATOM   410  C  C4    . U   A 1 19 ? 4.869   7.379   16.025  1.00 45.85  ? 19  U   A C4    1 
ATOM   411  O  O4    . U   A 1 19 ? 4.936   8.601   16.174  1.00 45.39  ? 19  U   A O4    1 
ATOM   412  C  C5    . U   A 1 19 ? 4.546   6.684   14.815  1.00 45.30  ? 19  U   A C5    1 
ATOM   413  C  C6    . U   A 1 19 ? 4.518   5.340   14.805  1.00 42.21  ? 19  U   A C6    1 
ATOM   414  P  P     . C   A 1 20 ? 3.494   -1.234  15.637  1.00 41.60  ? 20  C   A P     1 
ATOM   415  O  OP1   . C   A 1 20 ? 3.417   -1.990  16.915  1.00 38.72  ? 20  C   A OP1   1 
ATOM   416  O  OP2   . C   A 1 20 ? 4.305   -1.751  14.494  1.00 41.37  ? 20  C   A OP2   1 
ATOM   417  O  "O5'" . C   A 1 20 ? 2.050   -1.018  15.017  1.00 41.11  ? 20  C   A "O5'" 1 
ATOM   418  C  "C5'" . C   A 1 20 ? 0.934   -0.719  15.839  1.00 38.61  ? 20  C   A "C5'" 1 
ATOM   419  C  "C4'" . C   A 1 20 ? -0.256  -1.524  15.413  1.00 38.43  ? 20  C   A "C4'" 1 
ATOM   420  O  "O4'" . C   A 1 20 ? -1.348  -1.329  16.344  1.00 41.94  ? 20  C   A "O4'" 1 
ATOM   421  C  "C3'" . C   A 1 20 ? -0.842  -1.175  14.053  1.00 35.61  ? 20  C   A "C3'" 1 
ATOM   422  O  "O3'" . C   A 1 20 ? -0.108  -1.812  13.017  1.00 40.71  ? 20  C   A "O3'" 1 
ATOM   423  C  "C2'" . C   A 1 20 ? -2.294  -1.639  14.179  1.00 42.43  ? 20  C   A "C2'" 1 
ATOM   424  O  "O2'" . C   A 1 20 ? -2.405  -3.030  13.936  1.00 41.53  ? 20  C   A "O2'" 1 
ATOM   425  C  "C1'" . C   A 1 20 ? -2.579  -1.402  15.668  1.00 38.35  ? 20  C   A "C1'" 1 
ATOM   426  N  N1    . C   A 1 20 ? -3.326  -0.163  15.954  1.00 43.70  ? 20  C   A N1    1 
ATOM   427  C  C2    . C   A 1 20 ? -4.722  -0.227  16.010  1.00 46.52  ? 20  C   A C2    1 
ATOM   428  O  O2    . C   A 1 20 ? -5.292  -1.300  15.776  1.00 48.36  ? 20  C   A O2    1 
ATOM   429  N  N3    . C   A 1 20 ? -5.407  0.884   16.312  1.00 45.58  ? 20  C   A N3    1 
ATOM   430  C  C4    . C   A 1 20 ? -4.769  2.020   16.567  1.00 45.76  ? 20  C   A C4    1 
ATOM   431  N  N4    . C   A 1 20 ? -5.515  3.089   16.855  1.00 53.08  ? 20  C   A N4    1 
ATOM   432  C  C5    . C   A 1 20 ? -3.349  2.114   16.527  1.00 45.20  ? 20  C   A C5    1 
ATOM   433  C  C6    . C   A 1 20 ? -2.670  1.001   16.236  1.00 39.17  ? 20  C   A C6    1 
ATOM   434  P  P     . G   A 1 21 ? -0.277  -1.426  11.467  1.00 41.24  ? 21  G   A P     1 
ATOM   435  O  OP1   . G   A 1 21 ? -1.713  -1.382  11.144  1.00 39.54  ? 21  G   A OP1   1 
ATOM   436  O  OP2   . G   A 1 21 ? 0.677   -2.282  10.716  1.00 41.59  ? 21  G   A OP2   1 
ATOM   437  O  "O5'" . G   A 1 21 ? 0.260   0.071   11.360  1.00 37.95  ? 21  G   A "O5'" 1 
ATOM   438  C  "C5'" . G   A 1 21 ? 1.642   0.375   11.473  1.00 35.42  ? 21  G   A "C5'" 1 
ATOM   439  C  "C4'" . G   A 1 21 ? 1.892   1.835   11.193  1.00 37.66  ? 21  G   A "C4'" 1 
ATOM   440  O  "O4'" . G   A 1 21 ? 1.890   2.064   9.766   1.00 37.65  ? 21  G   A "O4'" 1 
ATOM   441  C  "C3'" . G   A 1 21 ? 0.830   2.790   11.718  1.00 36.25  ? 21  G   A "C3'" 1 
ATOM   442  O  "O3'" . G   A 1 21 ? 1.028   3.104   13.073  1.00 36.19  ? 21  G   A "O3'" 1 
ATOM   443  C  "C2'" . G   A 1 21 ? 0.990   3.991   10.804  1.00 37.22  ? 21  G   A "C2'" 1 
ATOM   444  O  "O2'" . G   A 1 21 ? 2.146   4.740   11.164  1.00 36.66  ? 21  G   A "O2'" 1 
ATOM   445  C  "C1'" . G   A 1 21 ? 1.281   3.302   9.479   1.00 36.85  ? 21  G   A "C1'" 1 
ATOM   446  N  N9    . G   A 1 21 ? 0.063   3.028   8.709   1.00 35.15  ? 21  G   A N9    1 
ATOM   447  C  C8    . G   A 1 21 ? -0.581  1.827   8.566   1.00 34.29  ? 21  G   A C8    1 
ATOM   448  N  N7    . G   A 1 21 ? -1.626  1.914   7.783   1.00 36.53  ? 21  G   A N7    1 
ATOM   449  C  C5    . G   A 1 21 ? -1.652  3.252   7.380   1.00 36.53  ? 21  G   A C5    1 
ATOM   450  C  C6    . G   A 1 21 ? -2.550  3.951   6.534   1.00 35.41  ? 21  G   A C6    1 
ATOM   451  O  O6    . G   A 1 21 ? -3.519  3.526   5.913   1.00 36.74  ? 21  G   A O6    1 
ATOM   452  N  N1    . G   A 1 21 ? -2.215  5.289   6.425   1.00 37.27  ? 21  G   A N1    1 
ATOM   453  C  C2    . G   A 1 21 ? -1.154  5.880   7.041   1.00 38.61  ? 21  G   A C2    1 
ATOM   454  N  N2    . G   A 1 21 ? -1.026  7.187   6.808   1.00 38.56  ? 21  G   A N2    1 
ATOM   455  N  N3    . G   A 1 21 ? -0.290  5.252   7.827   1.00 37.47  ? 21  G   A N3    1 
ATOM   456  C  C4    . G   A 1 21 ? -0.617  3.950   7.949   1.00 35.92  ? 21  G   A C4    1 
ATOM   457  P  P     . U   A 1 22 ? -0.221  3.436   14.023  1.00 35.01  ? 22  U   A P     1 
ATOM   458  O  OP1   . U   A 1 22 ? 0.394   3.539   15.387  1.00 36.50  ? 22  U   A OP1   1 
ATOM   459  O  OP2   . U   A 1 22 ? -1.373  2.567   13.719  1.00 33.74  ? 22  U   A OP2   1 
ATOM   460  O  "O5'" . U   A 1 22 ? -0.653  4.883   13.541  1.00 35.94  ? 22  U   A "O5'" 1 
ATOM   461  C  "C5'" . U   A 1 22 ? 0.205   5.999   13.642  1.00 37.94  ? 22  U   A "C5'" 1 
ATOM   462  C  "C4'" . U   A 1 22 ? -0.433  7.197   12.995  1.00 35.99  ? 22  U   A "C4'" 1 
ATOM   463  O  "O4'" . U   A 1 22 ? -0.519  6.974   11.568  1.00 38.60  ? 22  U   A "O4'" 1 
ATOM   464  C  "C3'" . U   A 1 22 ? -1.877  7.488   13.401  1.00 37.82  ? 22  U   A "C3'" 1 
ATOM   465  O  "O3'" . U   A 1 22 ? -1.984  8.188   14.628  1.00 40.56  ? 22  U   A "O3'" 1 
ATOM   466  C  "C2'" . U   A 1 22 ? -2.388  8.280   12.209  1.00 40.73  ? 22  U   A "C2'" 1 
ATOM   467  O  "O2'" . U   A 1 22 ? -1.836  9.585   12.235  1.00 39.99  ? 22  U   A "O2'" 1 
ATOM   468  C  "C1'" . U   A 1 22 ? -1.716  7.540   11.063  1.00 39.39  ? 22  U   A "C1'" 1 
ATOM   469  N  N1    . U   A 1 22 ? -2.557  6.463   10.484  1.00 39.07  ? 22  U   A N1    1 
ATOM   470  C  C2    . U   A 1 22 ? -3.474  6.865   9.527   1.00 39.55  ? 22  U   A C2    1 
ATOM   471  O  O2    . U   A 1 22 ? -3.602  8.033   9.203   1.00 37.52  ? 22  U   A O2    1 
ATOM   472  N  N3    . U   A 1 22 ? -4.232  5.861   8.979   1.00 36.59  ? 22  U   A N3    1 
ATOM   473  C  C4    . U   A 1 22 ? -4.167  4.520   9.270   1.00 38.41  ? 22  U   A C4    1 
ATOM   474  O  O4    . U   A 1 22 ? -4.923  3.753   8.664   1.00 39.20  ? 22  U   A O4    1 
ATOM   475  C  C5    . U   A 1 22 ? -3.194  4.167   10.278  1.00 36.60  ? 22  U   A C5    1 
ATOM   476  C  C6    . U   A 1 22 ? -2.451  5.134   10.833  1.00 35.66  ? 22  U   A C6    1 
ATOM   477  P  P     . C   A 1 23 ? -3.243  7.973   15.588  1.00 42.62  ? 23  C   A P     1 
ATOM   478  O  OP1   . C   A 1 23 ? -2.843  8.552   16.912  1.00 44.50  ? 23  C   A OP1   1 
ATOM   479  O  OP2   . C   A 1 23 ? -3.765  6.592   15.540  1.00 38.51  ? 23  C   A OP2   1 
ATOM   480  O  "O5'" . C   A 1 23 ? -4.409  8.842   14.930  1.00 43.34  ? 23  C   A "O5'" 1 
ATOM   481  C  "C5'" . C   A 1 23 ? -4.263  10.238  14.702  1.00 41.35  ? 23  C   A "C5'" 1 
ATOM   482  C  "C4'" . C   A 1 23 ? -5.352  10.752  13.789  1.00 42.98  ? 23  C   A "C4'" 1 
ATOM   483  O  "O4'" . C   A 1 23 ? -5.172  10.209  12.456  1.00 41.97  ? 23  C   A "O4'" 1 
ATOM   484  C  "C3'" . C   A 1 23 ? -6.772  10.353  14.147  1.00 42.95  ? 23  C   A "C3'" 1 
ATOM   485  O  "O3'" . C   A 1 23 ? -7.343  11.135  15.179  1.00 45.99  ? 23  C   A "O3'" 1 
ATOM   486  C  "C2'" . C   A 1 23 ? -7.493  10.487  12.816  1.00 43.71  ? 23  C   A "C2'" 1 
ATOM   487  O  "O2'" . C   A 1 23 ? -7.722  11.859  12.521  1.00 46.32  ? 23  C   A "O2'" 1 
ATOM   488  C  "C1'" . C   A 1 23 ? -6.426  9.976   11.857  1.00 40.53  ? 23  C   A "C1'" 1 
ATOM   489  N  N1    . C   A 1 23 ? -6.576  8.530   11.585  1.00 43.02  ? 23  C   A N1    1 
ATOM   490  C  C2    . C   A 1 23 ? -7.455  8.161   10.569  1.00 42.16  ? 23  C   A C2    1 
ATOM   491  O  O2    . C   A 1 23 ? -8.077  9.064   9.961   1.00 44.79  ? 23  C   A O2    1 
ATOM   492  N  N3    . C   A 1 23 ? -7.626  6.853   10.288  1.00 40.25  ? 23  C   A N3    1 
ATOM   493  C  C4    . C   A 1 23 ? -6.939  5.923   10.964  1.00 40.82  ? 23  C   A C4    1 
ATOM   494  N  N4    . C   A 1 23 ? -7.141  4.641   10.655  1.00 38.80  ? 23  C   A N4    1 
ATOM   495  C  C5    . C   A 1 23 ? -6.030  6.268   12.007  1.00 41.08  ? 23  C   A C5    1 
ATOM   496  C  C6    . C   A 1 23 ? -5.882  7.575   12.285  1.00 42.43  ? 23  C   A C6    1 
ATOM   497  P  P     . C   A 1 24 ? -8.469  10.489  16.117  1.00 50.72  ? 24  C   A P     1 
ATOM   498  O  OP1   . C   A 1 24 ? -8.664  11.469  17.206  1.00 52.27  ? 24  C   A OP1   1 
ATOM   499  O  OP2   . C   A 1 24 ? -8.096  9.083   16.484  1.00 46.89  ? 24  C   A OP2   1 
ATOM   500  O  "O5'" . C   A 1 24 ? -9.745  10.317  15.168  1.00 47.40  ? 24  C   A "O5'" 1 
ATOM   501  C  "C5'" . C   A 1 24 ? -10.433 11.436  14.635  1.00 51.68  ? 24  C   A "C5'" 1 
ATOM   502  C  "C4'" . C   A 1 24 ? -11.453 11.042  13.591  1.00 49.37  ? 24  C   A "C4'" 1 
ATOM   503  O  "O4'" . C   A 1 24 ? -10.811 10.353  12.487  1.00 50.35  ? 24  C   A "O4'" 1 
ATOM   504  C  "C3'" . C   A 1 24 ? -12.551 10.078  14.010  1.00 52.71  ? 24  C   A "C3'" 1 
ATOM   505  O  "O3'" . C   A 1 24 ? -13.572 10.680  14.784  1.00 56.30  ? 24  C   A "O3'" 1 
ATOM   506  C  "C2'" . C   A 1 24 ? -13.038 9.563   12.667  1.00 51.88  ? 24  C   A "C2'" 1 
ATOM   507  O  "O2'" . C   A 1 24 ? -13.811 10.553  12.011  1.00 55.55  ? 24  C   A "O2'" 1 
ATOM   508  C  "C1'" . C   A 1 24 ? -11.719 9.432   11.910  1.00 49.86  ? 24  C   A "C1'" 1 
ATOM   509  N  N1    . C   A 1 24 ? -11.176 8.059   12.029  1.00 48.17  ? 24  C   A N1    1 
ATOM   510  C  C2    . C   A 1 24 ? -11.710 7.075   11.189  1.00 47.23  ? 24  C   A C2    1 
ATOM   511  O  O2    . C   A 1 24 ? -12.587 7.391   10.370  1.00 47.47  ? 24  C   A O2    1 
ATOM   512  N  N3    . C   A 1 24 ? -11.255 5.807   11.280  1.00 45.66  ? 24  C   A N3    1 
ATOM   513  C  C4    . C   A 1 24 ? -10.317 5.507   12.174  1.00 45.30  ? 24  C   A C4    1 
ATOM   514  N  N4    . C   A 1 24 ? -9.903  4.244   12.222  1.00 43.79  ? 24  C   A N4    1 
ATOM   515  C  C5    . C   A 1 24 ? -9.758  6.485   13.048  1.00 46.56  ? 24  C   A C5    1 
ATOM   516  C  C6    . C   A 1 24 ? -10.213 7.738   12.946  1.00 47.17  ? 24  C   A C6    1 
ATOM   517  P  P     . C   A 1 25 ? -14.391 9.816   15.865  1.00 58.96  ? 25  C   A P     1 
ATOM   518  O  OP1   . C   A 1 25 ? -15.230 10.828  16.566  1.00 63.88  ? 25  C   A OP1   1 
ATOM   519  O  OP2   . C   A 1 25 ? -13.503 8.954   16.681  1.00 54.04  ? 25  C   A OP2   1 
ATOM   520  O  "O5'" . C   A 1 25 ? -15.313 8.851   14.994  1.00 53.90  ? 25  C   A "O5'" 1 
ATOM   521  C  "C5'" . C   A 1 25 ? -16.372 9.377   14.212  1.00 58.45  ? 25  C   A "C5'" 1 
ATOM   522  C  "C4'" . C   A 1 25 ? -16.982 8.343   13.297  1.00 53.91  ? 25  C   A "C4'" 1 
ATOM   523  O  "O4'" . C   A 1 25 ? -15.961 7.756   12.447  1.00 56.46  ? 25  C   A "O4'" 1 
ATOM   524  C  "C3'" . C   A 1 25 ? -17.627 7.132   13.948  1.00 55.97  ? 25  C   A "C3'" 1 
ATOM   525  O  "O3'" . C   A 1 25 ? -18.896 7.389   14.536  1.00 59.31  ? 25  C   A "O3'" 1 
ATOM   526  C  "C2'" . C   A 1 25 ? -17.671 6.144   12.791  1.00 53.13  ? 25  C   A "C2'" 1 
ATOM   527  O  "O2'" . C   A 1 25 ? -18.684 6.505   11.865  1.00 52.95  ? 25  C   A "O2'" 1 
ATOM   528  C  "C1'" . C   A 1 25 ? -16.327 6.425   12.120  1.00 53.09  ? 25  C   A "C1'" 1 
ATOM   529  N  N1    . C   A 1 25 ? -15.273 5.485   12.574  1.00 48.79  ? 25  C   A N1    1 
ATOM   530  C  C2    . C   A 1 25 ? -15.235 4.185   12.037  1.00 46.28  ? 25  C   A C2    1 
ATOM   531  O  O2    . C   A 1 25 ? -16.084 3.851   11.200  1.00 48.42  ? 25  C   A O2    1 
ATOM   532  N  N3    . C   A 1 25 ? -14.279 3.320   12.450  1.00 45.62  ? 25  C   A N3    1 
ATOM   533  C  C4    . C   A 1 25 ? -13.387 3.715   13.361  1.00 46.02  ? 25  C   A C4    1 
ATOM   534  N  N4    . C   A 1 25 ? -12.456 2.858   13.761  1.00 47.41  ? 25  C   A N4    1 
ATOM   535  C  C5    . C   A 1 25 ? -13.402 5.021   13.924  1.00 49.13  ? 25  C   A C5    1 
ATOM   536  C  C6    . C   A 1 25 ? -14.350 5.860   13.505  1.00 48.49  ? 25  C   A C6    1 
ATOM   537  P  P     . A   A 1 26 ? -19.348 6.554   15.836  1.00 60.51  ? 26  A   A P     1 
ATOM   538  O  OP1   . A   A 1 26 ? -20.619 7.142   16.318  1.00 62.51  ? 26  A   A OP1   1 
ATOM   539  O  OP2   . A   A 1 26 ? -18.221 6.432   16.789  1.00 61.06  ? 26  A   A OP2   1 
ATOM   540  O  "O5'" . A   A 1 26 ? -19.652 5.096   15.270  1.00 52.77  ? 26  A   A "O5'" 1 
ATOM   541  C  "C5'" . A   A 1 26 ? -20.726 4.896   14.369  1.00 54.29  ? 26  A   A "C5'" 1 
ATOM   542  C  "C4'" . A   A 1 26 ? -20.667 3.549   13.697  1.00 51.98  ? 26  A   A "C4'" 1 
ATOM   543  O  "O4'" . A   A 1 26 ? -19.389 3.363   13.033  1.00 53.09  ? 26  A   A "O4'" 1 
ATOM   544  C  "C3'" . A   A 1 26 ? -20.789 2.322   14.584  1.00 47.95  ? 26  A   A "C3'" 1 
ATOM   545  O  "O3'" . A   A 1 26 ? -22.123 2.078   15.002  1.00 50.92  ? 26  A   A "O3'" 1 
ATOM   546  C  "C2'" . A   A 1 26 ? -20.217 1.238   13.685  1.00 49.44  ? 26  A   A "C2'" 1 
ATOM   547  O  "O2'" . A   A 1 26 ? -21.143 0.919   12.663  1.00 48.63  ? 26  A   A "O2'" 1 
ATOM   548  C  "C1'" . A   A 1 26 ? -19.060 1.985   13.023  1.00 50.19  ? 26  A   A "C1'" 1 
ATOM   549  N  N9    . A   A 1 26 ? -17.788 1.779   13.746  1.00 47.76  ? 26  A   A N9    1 
ATOM   550  C  C8    . A   A 1 26 ? -17.099 2.664   14.530  1.00 47.45  ? 26  A   A C8    1 
ATOM   551  N  N7    . A   A 1 26 ? -16.001 2.165   15.047  1.00 45.91  ? 26  A   A N7    1 
ATOM   552  C  C5    . A   A 1 26 ? -15.976 0.860   14.573  1.00 45.21  ? 26  A   A C5    1 
ATOM   553  C  C6    . A   A 1 26 ? -15.062 -0.192  14.756  1.00 44.50  ? 26  A   A C6    1 
ATOM   554  N  N6    . A   A 1 26 ? -13.951 -0.097  15.492  1.00 41.72  ? 26  A   A N6    1 
ATOM   555  N  N1    . A   A 1 26 ? -15.339 -1.356  14.138  1.00 44.86  ? 26  A   A N1    1 
ATOM   556  C  C2    . A   A 1 26 ? -16.442 -1.464  13.385  1.00 47.64  ? 26  A   A C2    1 
ATOM   557  N  N3    . A   A 1 26 ? -17.372 -0.542  13.137  1.00 46.45  ? 26  A   A N3    1 
ATOM   558  C  C4    . A   A 1 26 ? -17.067 0.607   13.770  1.00 46.22  ? 26  A   A C4    1 
ATOM   559  P  P     . G   A 1 27 ? -22.460 1.214   16.320  1.00 48.86  ? 27  G   A P     1 
ATOM   560  O  OP1   . G   A 1 27 ? -23.928 1.325   16.505  1.00 49.82  ? 27  G   A OP1   1 
ATOM   561  O  OP2   . G   A 1 27 ? -21.585 1.544   17.458  1.00 41.55  ? 27  G   A OP2   1 
ATOM   562  O  "O5'" . G   A 1 27 ? -22.119 -0.288  15.912  1.00 47.88  ? 27  G   A "O5'" 1 
ATOM   563  C  "C5'" . G   A 1 27 ? -22.758 -0.924  14.815  1.00 47.55  ? 27  G   A "C5'" 1 
ATOM   564  C  "C4'" . G   A 1 27 ? -22.195 -2.305  14.590  1.00 46.20  ? 27  G   A "C4'" 1 
ATOM   565  O  "O4'" . G   A 1 27 ? -20.794 -2.223  14.217  1.00 48.88  ? 27  G   A "O4'" 1 
ATOM   566  C  "C3'" . G   A 1 27 ? -22.212 -3.214  15.804  1.00 47.21  ? 27  G   A "C3'" 1 
ATOM   567  O  "O3'" . G   A 1 27 ? -23.452 -3.871  15.908  1.00 47.27  ? 27  G   A "O3'" 1 
ATOM   568  C  "C2'" . G   A 1 27 ? -21.080 -4.178  15.532  1.00 44.92  ? 27  G   A "C2'" 1 
ATOM   569  O  "O2'" . G   A 1 27 ? -21.531 -5.163  14.619  1.00 46.56  ? 27  G   A "O2'" 1 
ATOM   570  C  "C1'" . G   A 1 27 ? -20.080 -3.285  14.801  1.00 47.61  ? 27  G   A "C1'" 1 
ATOM   571  N  N9    . G   A 1 27 ? -19.022 -2.710  15.655  1.00 45.23  ? 27  G   A N9    1 
ATOM   572  C  C8    . G   A 1 27 ? -18.965 -1.425  16.144  1.00 45.63  ? 27  G   A C8    1 
ATOM   573  N  N7    . G   A 1 27 ? -17.872 -1.185  16.815  1.00 42.70  ? 27  G   A N7    1 
ATOM   574  C  C5    . G   A 1 27 ? -17.150 -2.372  16.755  1.00 42.34  ? 27  G   A C5    1 
ATOM   575  C  C6    . G   A 1 27 ? -15.871 -2.728  17.283  1.00 44.54  ? 27  G   A C6    1 
ATOM   576  O  O6    . G   A 1 27 ? -15.074 -2.067  17.963  1.00 44.06  ? 27  G   A O6    1 
ATOM   577  N  N1    . G   A 1 27 ? -15.530 -4.039  16.986  1.00 43.31  ? 27  G   A N1    1 
ATOM   578  C  C2    . G   A 1 27 ? -16.311 -4.895  16.260  1.00 43.91  ? 27  G   A C2    1 
ATOM   579  N  N2    . G   A 1 27 ? -15.798 -6.114  16.078  1.00 42.13  ? 27  G   A N2    1 
ATOM   580  N  N3    . G   A 1 27 ? -17.494 -4.582  15.751  1.00 45.14  ? 27  G   A N3    1 
ATOM   581  C  C4    . G   A 1 27 ? -17.848 -3.313  16.033  1.00 43.99  ? 27  G   A C4    1 
ATOM   582  P  P     . C   A 1 28 ? -24.067 -4.215  17.332  1.00 50.41  ? 28  C   A P     1 
ATOM   583  O  OP1   . C   A 1 28 ? -25.490 -4.540  17.061  1.00 50.62  ? 28  C   A OP1   1 
ATOM   584  O  OP2   . C   A 1 28 ? -23.670 -3.218  18.355  1.00 46.72  ? 28  C   A OP2   1 
ATOM   585  O  "O5'" . C   A 1 28 ? -23.297 -5.543  17.753  1.00 47.41  ? 28  C   A "O5'" 1 
ATOM   586  C  "C5'" . C   A 1 28 ? -23.196 -6.656  16.875  1.00 43.85  ? 28  C   A "C5'" 1 
ATOM   587  C  "C4'" . C   A 1 28 ? -22.238 -7.684  17.429  1.00 47.47  ? 28  C   A "C4'" 1 
ATOM   588  O  "O4'" . C   A 1 28 ? -20.898 -7.105  17.490  1.00 44.84  ? 28  C   A "O4'" 1 
ATOM   589  C  "C3'" . C   A 1 28 ? -22.562 -8.158  18.847  1.00 41.37  ? 28  C   A "C3'" 1 
ATOM   590  O  "O3'" . C   A 1 28 ? -22.167 -9.523  19.011  1.00 46.37  ? 28  C   A "O3'" 1 
ATOM   591  C  "C2'" . C   A 1 28 ? -21.650 -7.281  19.695  1.00 41.70  ? 28  C   A "C2'" 1 
ATOM   592  O  "O2'" . C   A 1 28 ? -21.354 -7.788  20.978  1.00 42.02  ? 28  C   A "O2'" 1 
ATOM   593  C  "C1'" . C   A 1 28 ? -20.409 -7.206  18.812  1.00 45.21  ? 28  C   A "C1'" 1 
ATOM   594  N  N1    . C   A 1 28 ? -19.550 -6.058  19.116  1.00 43.41  ? 28  C   A N1    1 
ATOM   595  C  C2    . C   A 1 28 ? -18.170 -6.249  19.294  1.00 46.27  ? 28  C   A C2    1 
ATOM   596  O  O2    . C   A 1 28 ? -17.680 -7.386  19.148  1.00 44.65  ? 28  C   A O2    1 
ATOM   597  N  N3    . C   A 1 28 ? -17.397 -5.176  19.596  1.00 42.74  ? 28  C   A N3    1 
ATOM   598  C  C4    . C   A 1 28 ? -17.939 -3.960  19.747  1.00 43.92  ? 28  C   A C4    1 
ATOM   599  N  N4    . C   A 1 28 ? -17.131 -2.938  20.065  1.00 40.91  ? 28  C   A N4    1 
ATOM   600  C  C5    . C   A 1 28 ? -19.337 -3.744  19.584  1.00 43.86  ? 28  C   A C5    1 
ATOM   601  C  C6    . C   A 1 28 ? -20.096 -4.810  19.276  1.00 45.74  ? 28  C   A C6    1 
ATOM   602  P  P     . U   A 1 29 ? -22.987 -10.718 18.312  1.00 45.66  ? 29  U   A P     1 
ATOM   603  O  OP1   . U   A 1 29 ? -22.175 -11.307 17.243  1.00 43.87  ? 29  U   A OP1   1 
ATOM   604  O  OP2   . U   A 1 29 ? -24.352 -10.224 18.046  1.00 49.49  ? 29  U   A OP2   1 
ATOM   605  O  "O5'" . U   A 1 29 ? -23.105 -11.812 19.466  1.00 46.62  ? 29  U   A "O5'" 1 
ATOM   606  C  "C5'" . U   A 1 29 ? -23.601 -11.478 20.749  1.00 43.74  ? 29  U   A "C5'" 1 
ATOM   607  C  "C4'" . U   A 1 29 ? -23.181 -12.501 21.771  1.00 45.14  ? 29  U   A "C4'" 1 
ATOM   608  O  "O4'" . U   A 1 29 ? -23.417 -13.824 21.238  1.00 43.29  ? 29  U   A "O4'" 1 
ATOM   609  C  "C3'" . U   A 1 29 ? -21.701 -12.509 22.123  1.00 40.82  ? 29  U   A "C3'" 1 
ATOM   610  O  "O3'" . U   A 1 29 ? -21.359 -11.523 23.079  1.00 42.39  ? 29  U   A "O3'" 1 
ATOM   611  C  "C2'" . U   A 1 29 ? -21.477 -13.937 22.610  1.00 40.82  ? 29  U   A "C2'" 1 
ATOM   612  O  "O2'" . U   A 1 29 ? -21.921 -14.097 23.950  1.00 41.89  ? 29  U   A "O2'" 1 
ATOM   613  C  "C1'" . U   A 1 29 ? -22.421 -14.719 21.703  1.00 41.21  ? 29  U   A "C1'" 1 
ATOM   614  N  N1    . U   A 1 29 ? -21.730 -15.287 20.533  1.00 39.80  ? 29  U   A N1    1 
ATOM   615  C  C2    . U   A 1 29 ? -21.026 -16.443 20.739  1.00 40.70  ? 29  U   A C2    1 
ATOM   616  O  O2    . U   A 1 29 ? -20.924 -16.963 21.837  1.00 41.98  ? 29  U   A O2    1 
ATOM   617  N  N3    . U   A 1 29 ? -20.420 -16.948 19.622  1.00 43.02  ? 29  U   A N3    1 
ATOM   618  C  C4    . U   A 1 29 ? -20.472 -16.427 18.348  1.00 41.17  ? 29  U   A C4    1 
ATOM   619  O  O4    . U   A 1 29 ? -19.877 -17.015 17.452  1.00 41.60  ? 29  U   A O4    1 
ATOM   620  C  C5    . U   A 1 29 ? -21.254 -15.235 18.204  1.00 40.88  ? 29  U   A C5    1 
ATOM   621  C  C6    . U   A 1 29 ? -21.849 -14.720 19.284  1.00 38.92  ? 29  U   A C6    1 
ATOM   622  P  P     . U   A 1 30 ? -20.070 -10.604 22.827  1.00 44.76  ? 30  U   A P     1 
ATOM   623  O  OP1   . U   A 1 30 ? -19.896 -9.733  24.013  1.00 46.70  ? 30  U   A OP1   1 
ATOM   624  O  OP2   . U   A 1 30 ? -20.135 -10.041 21.453  1.00 44.68  ? 30  U   A OP2   1 
ATOM   625  O  "O5'" . U   A 1 30 ? -18.885 -11.652 22.775  1.00 43.42  ? 30  U   A "O5'" 1 
ATOM   626  C  "C5'" . U   A 1 30 ? -18.528 -12.392 23.934  1.00 46.99  ? 30  U   A "C5'" 1 
ATOM   627  C  "C4'" . U   A 1 30 ? -17.052 -12.663 23.945  1.00 44.55  ? 30  U   A "C4'" 1 
ATOM   628  O  "O4'" . U   A 1 30 ? -16.760 -13.700 22.979  1.00 44.43  ? 30  U   A "O4'" 1 
ATOM   629  C  "C3'" . U   A 1 30 ? -16.193 -11.464 23.557  1.00 43.41  ? 30  U   A "C3'" 1 
ATOM   630  O  "O3'" . U   A 1 30 ? -14.961 -11.524 24.262  1.00 46.26  ? 30  U   A "O3'" 1 
ATOM   631  C  "C2'" . U   A 1 30 ? -15.920 -11.702 22.078  1.00 43.20  ? 30  U   A "C2'" 1 
ATOM   632  O  "O2'" . U   A 1 30 ? -14.737 -11.103 21.605  1.00 44.98  ? 30  U   A "O2'" 1 
ATOM   633  C  "C1'" . U   A 1 30 ? -15.834 -13.219 22.023  1.00 45.02  ? 30  U   A "C1'" 1 
ATOM   634  N  N1    . U   A 1 30 ? -16.189 -13.783 20.718  1.00 45.49  ? 30  U   A N1    1 
ATOM   635  C  C2    . U   A 1 30 ? -15.198 -14.450 20.048  1.00 44.43  ? 30  U   A C2    1 
ATOM   636  O  O2    . U   A 1 30 ? -14.076 -14.580 20.491  1.00 47.30  ? 30  U   A O2    1 
ATOM   637  N  N3    . U   A 1 30 ? -15.560 -14.976 18.841  1.00 46.11  ? 30  U   A N3    1 
ATOM   638  C  C4    . U   A 1 30 ? -16.792 -14.904 18.249  1.00 44.70  ? 30  U   A C4    1 
ATOM   639  O  O4    . U   A 1 30 ? -16.942 -15.436 17.153  1.00 48.85  ? 30  U   A O4    1 
ATOM   640  C  C5    . U   A 1 30 ? -17.776 -14.192 19.000  1.00 46.81  ? 30  U   A C5    1 
ATOM   641  C  C6    . U   A 1 30 ? -17.450 -13.663 20.185  1.00 46.09  ? 30  U   A C6    1 
ATOM   642  P  P     . C   A 1 31 ? -14.688 -10.504 25.458  1.00 47.51  ? 31  C   A P     1 
ATOM   643  O  OP1   . C   A 1 31 ? -13.345 -10.835 25.993  1.00 47.82  ? 31  C   A OP1   1 
ATOM   644  O  OP2   . C   A 1 31 ? -15.869 -10.418 26.341  1.00 44.40  ? 31  C   A OP2   1 
ATOM   645  O  "O5'" . C   A 1 31 ? -14.586 -9.093  24.738  1.00 44.25  ? 31  C   A "O5'" 1 
ATOM   646  C  "C5'" . C   A 1 31 ? -13.395 -8.702  24.060  1.00 46.40  ? 31  C   A "C5'" 1 
ATOM   647  C  "C4'" . C   A 1 31 ? -13.199 -7.209  24.138  1.00 45.80  ? 31  C   A "C4'" 1 
ATOM   648  O  "O4'" . C   A 1 31 ? -14.213 -6.569  23.324  1.00 43.78  ? 31  C   A "O4'" 1 
ATOM   649  C  "C3'" . C   A 1 31 ? -13.346 -6.620  25.544  1.00 49.58  ? 31  C   A "C3'" 1 
ATOM   650  O  "O3'" . C   A 1 31 ? -12.445 -5.520  25.717  1.00 49.35  ? 31  C   A "O3'" 1 
ATOM   651  C  "C2'" . C   A 1 31 ? -14.786 -6.120  25.546  1.00 47.81  ? 31  C   A "C2'" 1 
ATOM   652  O  "O2'" . C   A 1 31 ? -15.053 -5.091  26.475  1.00 52.06  ? 31  C   A "O2'" 1 
ATOM   653  C  "C1'" . C   A 1 31 ? -14.938 -5.644  24.104  1.00 46.39  ? 31  C   A "C1'" 1 
ATOM   654  N  N1    . C   A 1 31 ? -16.323 -5.611  23.616  1.00 48.45  ? 31  C   A N1    1 
ATOM   655  C  C2    . C   A 1 31 ? -16.985 -4.385  23.519  1.00 46.49  ? 31  C   A C2    1 
ATOM   656  O  O2    . C   A 1 31 ? -16.391 -3.352  23.854  1.00 47.35  ? 31  C   A O2    1 
ATOM   657  N  N3    . C   A 1 31 ? -18.256 -4.357  23.077  1.00 46.13  ? 31  C   A N3    1 
ATOM   658  C  C4    . C   A 1 31 ? -18.871 -5.490  22.730  1.00 46.89  ? 31  C   A C4    1 
ATOM   659  N  N4    . C   A 1 31 ? -20.134 -5.411  22.295  1.00 45.30  ? 31  C   A N4    1 
ATOM   660  C  C5    . C   A 1 31 ? -18.221 -6.751  22.814  1.00 43.99  ? 31  C   A C5    1 
ATOM   661  C  C6    . C   A 1 31 ? -16.962 -6.765  23.256  1.00 44.68  ? 31  C   A C6    1 
ATOM   662  P  P     . G   A 1 32 ? -10.926 -5.773  26.222  1.00 52.65  ? 32  G   A P     1 
ATOM   663  O  OP1   . G   A 1 32 ? -10.868 -6.796  27.295  1.00 51.78  ? 32  G   A OP1   1 
ATOM   664  O  OP2   . G   A 1 32 ? -10.314 -4.442  26.433  1.00 53.77  ? 32  G   A OP2   1 
ATOM   665  O  "O5'" . G   A 1 32 ? -10.200 -6.386  24.945  1.00 47.56  ? 32  G   A "O5'" 1 
ATOM   666  C  "C5'" . G   A 1 32 ? -9.573  -7.656  24.990  1.00 45.05  ? 32  G   A "C5'" 1 
ATOM   667  C  "C4'" . G   A 1 32 ? -9.143  -8.068  23.610  1.00 46.77  ? 32  G   A "C4'" 1 
ATOM   668  O  "O4'" . G   A 1 32 ? -10.311 -8.127  22.752  1.00 48.51  ? 32  G   A "O4'" 1 
ATOM   669  C  "C3'" . G   A 1 32 ? -8.207  -7.092  22.915  1.00 47.79  ? 32  G   A "C3'" 1 
ATOM   670  O  "O3'" . G   A 1 32 ? -6.851  -7.327  23.221  1.00 48.65  ? 32  G   A "O3'" 1 
ATOM   671  C  "C2'" . G   A 1 32 ? -8.524  -7.286  21.444  1.00 46.92  ? 32  G   A "C2'" 1 
ATOM   672  O  "O2'" . G   A 1 32 ? -7.863  -8.439  20.953  1.00 45.49  ? 32  G   A "O2'" 1 
ATOM   673  C  "C1'" . G   A 1 32 ? -10.021 -7.566  21.491  1.00 44.72  ? 32  G   A "C1'" 1 
ATOM   674  N  N9    . G   A 1 32 ? -10.825 -6.341  21.381  1.00 46.48  ? 32  G   A N9    1 
ATOM   675  C  C8    . G   A 1 32 ? -10.488 -5.045  21.706  1.00 44.35  ? 32  G   A C8    1 
ATOM   676  N  N7    . G   A 1 32 ? -11.483 -4.219  21.503  1.00 45.50  ? 32  G   A N7    1 
ATOM   677  C  C5    . G   A 1 32 ? -12.534 -5.017  21.047  1.00 45.49  ? 32  G   A C5    1 
ATOM   678  C  C6    . G   A 1 32 ? -13.868 -4.709  20.666  1.00 45.63  ? 32  G   A C6    1 
ATOM   679  O  O6    . G   A 1 32 ? -14.445 -3.623  20.651  1.00 44.60  ? 32  G   A O6    1 
ATOM   680  N  N1    . G   A 1 32 ? -14.578 -5.838  20.268  1.00 45.25  ? 32  G   A N1    1 
ATOM   681  C  C2    . G   A 1 32 ? -14.069 -7.115  20.235  1.00 45.60  ? 32  G   A C2    1 
ATOM   682  N  N2    . G   A 1 32 ? -14.897 -8.088  19.823  1.00 46.79  ? 32  G   A N2    1 
ATOM   683  N  N3    . G   A 1 32 ? -12.838 -7.414  20.580  1.00 46.32  ? 32  G   A N3    1 
ATOM   684  C  C4    . G   A 1 32 ? -12.134 -6.329  20.972  1.00 47.65  ? 32  G   A C4    1 
ATOM   685  P  P     . A   A 1 33 ? -5.990  -6.180  23.936  1.00 45.17  ? 33  A   A P     1 
ATOM   686  O  OP1   . A   A 1 33 ? -4.627  -6.755  24.039  1.00 45.33  ? 33  A   A OP1   1 
ATOM   687  O  OP2   . A   A 1 33 ? -6.723  -5.687  25.125  1.00 43.71  ? 33  A   A OP2   1 
ATOM   688  O  "O5'" . A   A 1 33 ? -6.044  -4.976  22.902  1.00 44.01  ? 33  A   A "O5'" 1 
ATOM   689  C  "C5'" . A   A 1 33 ? -5.495  -5.106  21.603  1.00 41.50  ? 33  A   A "C5'" 1 
ATOM   690  C  "C4'" . A   A 1 33 ? -6.187  -4.177  20.644  1.00 44.29  ? 33  A   A "C4'" 1 
ATOM   691  O  "O4'" . A   A 1 33 ? -5.776  -2.815  20.893  1.00 40.68  ? 33  A   A "O4'" 1 
ATOM   692  C  "C3'" . A   A 1 33 ? -5.885  -4.395  19.181  1.00 43.58  ? 33  A   A "C3'" 1 
ATOM   693  O  "O3'" . A   A 1 33 ? -6.686  -5.415  18.643  1.00 46.01  ? 33  A   A "O3'" 1 
ATOM   694  C  "C2'" . A   A 1 33 ? -6.156  -3.024  18.568  1.00 45.73  ? 33  A   A "C2'" 1 
ATOM   695  O  "O2'" . A   A 1 33 ? -7.550  -2.820  18.397  1.00 42.29  ? 33  A   A "O2'" 1 
ATOM   696  C  "C1'" . A   A 1 33 ? -5.689  -2.102  19.686  1.00 41.23  ? 33  A   A "C1'" 1 
ATOM   697  N  N9    . A   A 1 33 ? -4.286  -1.739  19.539  1.00 45.51  ? 33  A   A N9    1 
ATOM   698  C  C8    . A   A 1 33 ? -3.256  -2.628  19.316  1.00 42.12  ? 33  A   A C8    1 
ATOM   699  N  N7    . A   A 1 33 ? -2.110  -2.057  19.261  1.00 48.69  ? 33  A   A N7    1 
ATOM   700  C  C5    . A   A 1 33 ? -2.398  -0.733  19.489  1.00 44.55  ? 33  A   A C5    1 
ATOM   701  C  C6    . A   A 1 33 ? -1.544  0.349   19.538  1.00 51.41  ? 33  A   A C6    1 
ATOM   702  N  N6    . A   A 1 33 ? -0.216  0.190   19.377  1.00 45.85  ? 33  A   A N6    1 
ATOM   703  N  N1    . A   A 1 33 ? -2.116  1.552   19.760  1.00 45.10  ? 33  A   A N1    1 
ATOM   704  C  C2    . A   A 1 33 ? -3.446  1.617   19.925  1.00 49.67  ? 33  A   A C2    1 
ATOM   705  N  N3    . A   A 1 33 ? -4.370  0.648   19.906  1.00 48.13  ? 33  A   A N3    1 
ATOM   706  C  C4    . A   A 1 33 ? -3.742  -0.510  19.686  1.00 45.24  ? 33  A   A C4    1 
ATOM   707  P  P     . C   A 1 34 ? -6.179  -6.235  17.374  1.00 57.43  ? 34  C   A P     1 
ATOM   708  O  OP1   . C   A 1 34 ? -5.088  -7.110  17.881  1.00 53.04  ? 34  C   A OP1   1 
ATOM   709  O  OP2   . C   A 1 34 ? -5.972  -5.286  16.254  1.00 47.86  ? 34  C   A OP2   1 
ATOM   710  O  "O5'" . C   A 1 34 ? -7.414  -7.156  17.008  1.00 52.98  ? 34  C   A "O5'" 1 
ATOM   711  C  "C5'" . C   A 1 34 ? -7.584  -8.415  17.627  1.00 47.78  ? 34  C   A "C5'" 1 
ATOM   712  C  "C4'" . C   A 1 34 ? -8.942  -8.952  17.295  1.00 49.55  ? 34  C   A "C4'" 1 
ATOM   713  O  "O4'" . C   A 1 34 ? -9.897  -8.431  18.254  1.00 49.74  ? 34  C   A "O4'" 1 
ATOM   714  C  "C3'" . C   A 1 34 ? -9.486  -8.507  15.943  1.00 49.77  ? 34  C   A "C3'" 1 
ATOM   715  O  "O3'" . C   A 1 34 ? -9.028  -9.302  14.860  1.00 52.46  ? 34  C   A "O3'" 1 
ATOM   716  C  "C2'" . C   A 1 34 ? -10.984 -8.569  16.156  1.00 48.51  ? 34  C   A "C2'" 1 
ATOM   717  O  "O2'" . C   A 1 34 ? -11.416 -9.915  16.109  1.00 47.53  ? 34  C   A "O2'" 1 
ATOM   718  C  "C1'" . C   A 1 34 ? -11.098 -8.092  17.601  1.00 48.68  ? 34  C   A "C1'" 1 
ATOM   719  N  N1    . C   A 1 34 ? -11.300 -6.630  17.718  1.00 45.48  ? 34  C   A N1    1 
ATOM   720  C  C2    . C   A 1 34 ? -12.569 -6.112  17.455  1.00 46.94  ? 34  C   A C2    1 
ATOM   721  O  O2    . C   A 1 34 ? -13.472 -6.882  17.099  1.00 46.78  ? 34  C   A O2    1 
ATOM   722  N  N3    . C   A 1 34 ? -12.785 -4.788  17.576  1.00 45.05  ? 34  C   A N3    1 
ATOM   723  C  C4    . C   A 1 34 ? -11.813 -3.965  17.959  1.00 48.11  ? 34  C   A C4    1 
ATOM   724  N  N4    . C   A 1 34 ? -12.103 -2.657  18.067  1.00 44.02  ? 34  C   A N4    1 
ATOM   725  C  C5    . C   A 1 34 ? -10.508 -4.461  18.250  1.00 44.72  ? 34  C   A C5    1 
ATOM   726  C  C6    . C   A 1 34 ? -10.311 -5.785  18.127  1.00 47.69  ? 34  C   A C6    1 
ATOM   727  P  P     . U   A 1 35 ? -8.830  -8.664  13.393  1.00 54.36  ? 35  U   A P     1 
ATOM   728  O  OP1   . U   A 1 35 ? -8.243  -9.707  12.519  1.00 57.84  ? 35  U   A OP1   1 
ATOM   729  O  OP2   . U   A 1 35 ? -8.108  -7.378  13.537  1.00 55.94  ? 35  U   A OP2   1 
ATOM   730  O  "O5'" . U   A 1 35 ? -10.310 -8.379  12.875  1.00 54.05  ? 35  U   A "O5'" 1 
ATOM   731  C  "C5'" . U   A 1 35 ? -11.222 -9.440  12.630  1.00 51.66  ? 35  U   A "C5'" 1 
ATOM   732  C  "C4'" . U   A 1 35 ? -12.589 -8.925  12.249  1.00 52.86  ? 35  U   A "C4'" 1 
ATOM   733  O  "O4'" . U   A 1 35 ? -13.216 -8.277  13.389  1.00 49.95  ? 35  U   A "O4'" 1 
ATOM   734  C  "C3'" . U   A 1 35 ? -12.633 -7.857  11.168  1.00 54.73  ? 35  U   A "C3'" 1 
ATOM   735  O  "O3'" . U   A 1 35 ? -12.487 -8.356  9.856   1.00 57.52  ? 35  U   A "O3'" 1 
ATOM   736  C  "C2'" . U   A 1 35 ? -13.981 -7.213  11.416  1.00 49.32  ? 35  U   A "C2'" 1 
ATOM   737  O  "O2'" . U   A 1 35 ? -15.009 -8.077  10.969  1.00 56.13  ? 35  U   A "O2'" 1 
ATOM   738  C  "C1'" . U   A 1 35 ? -14.017 -7.195  12.942  1.00 49.81  ? 35  U   A "C1'" 1 
ATOM   739  N  N1    . U   A 1 35 ? -13.473 -5.924  13.489  1.00 47.94  ? 35  U   A N1    1 
ATOM   740  C  C2    . U   A 1 35 ? -14.322 -4.822  13.584  1.00 47.38  ? 35  U   A C2    1 
ATOM   741  O  O2    . U   A 1 35 ? -15.495 -4.827  13.261  1.00 48.59  ? 35  U   A O2    1 
ATOM   742  N  N3    . U   A 1 35 ? -13.746 -3.687  14.088  1.00 46.71  ? 35  U   A N3    1 
ATOM   743  C  C4    . U   A 1 35 ? -12.441 -3.524  14.496  1.00 45.96  ? 35  U   A C4    1 
ATOM   744  O  O4    . U   A 1 35 ? -12.091 -2.431  14.941  1.00 43.51  ? 35  U   A O4    1 
ATOM   745  C  C5    . U   A 1 35 ? -11.615 -4.692  14.370  1.00 47.26  ? 35  U   A C5    1 
ATOM   746  C  C6    . U   A 1 35 ? -12.151 -5.819  13.876  1.00 49.27  ? 35  U   A C6    1 
ATOM   747  P  P     . G   A 1 36 ? -11.694 -7.482  8.768   1.00 59.03  ? 36  G   A P     1 
ATOM   748  O  OP1   . G   A 1 36 ? -11.391 -8.369  7.614   1.00 61.01  ? 36  G   A OP1   1 
ATOM   749  O  OP2   . G   A 1 36 ? -10.582 -6.767  9.439   1.00 52.17  ? 36  G   A OP2   1 
ATOM   750  O  "O5'" . G   A 1 36 ? -12.752 -6.381  8.322   1.00 56.75  ? 36  G   A "O5'" 1 
ATOM   751  C  "C5'" . G   A 1 36 ? -14.013 -6.760  7.806   1.00 57.74  ? 36  G   A "C5'" 1 
ATOM   752  C  "C4'" . G   A 1 36 ? -14.993 -5.613  7.803   1.00 56.95  ? 36  G   A "C4'" 1 
ATOM   753  O  "O4'" . G   A 1 36 ? -15.263 -5.174  9.161   1.00 60.22  ? 36  G   A "O4'" 1 
ATOM   754  C  "C3'" . G   A 1 36 ? -14.558 -4.338  7.104   1.00 58.32  ? 36  G   A "C3'" 1 
ATOM   755  O  "O3'" . G   A 1 36 ? -14.606 -4.410  5.690   1.00 57.80  ? 36  G   A "O3'" 1 
ATOM   756  C  "C2'" . G   A 1 36 ? -15.514 -3.318  7.706   1.00 54.28  ? 36  G   A "C2'" 1 
ATOM   757  O  "O2'" . G   A 1 36 ? -16.816 -3.459  7.157   1.00 60.54  ? 36  G   A "O2'" 1 
ATOM   758  C  "C1'" . G   A 1 36 ? -15.564 -3.793  9.158   1.00 54.65  ? 36  G   A "C1'" 1 
ATOM   759  N  N9    . G   A 1 36 ? -14.577 -3.074  9.974   1.00 49.35  ? 36  G   A N9    1 
ATOM   760  C  C8    . G   A 1 36 ? -13.362 -3.493  10.445  1.00 50.55  ? 36  G   A C8    1 
ATOM   761  N  N7    . G   A 1 36 ? -12.742 -2.559  11.129  1.00 50.24  ? 36  G   A N7    1 
ATOM   762  C  C5    . G   A 1 36 ? -13.598 -1.463  11.092  1.00 48.95  ? 36  G   A C5    1 
ATOM   763  C  C6    . G   A 1 36 ? -13.473 -0.161  11.646  1.00 47.67  ? 36  G   A C6    1 
ATOM   764  O  O6    . G   A 1 36 ? -12.544 0.306   12.315  1.00 49.67  ? 36  G   A O6    1 
ATOM   765  N  N1    . G   A 1 36 ? -14.579 0.624   11.360  1.00 49.71  ? 36  G   A N1    1 
ATOM   766  C  C2    . G   A 1 36 ? -15.666 0.234   10.629  1.00 48.88  ? 36  G   A C2    1 
ATOM   767  N  N2    . G   A 1 36 ? -16.632 1.148   10.464  1.00 50.86  ? 36  G   A N2    1 
ATOM   768  N  N3    . G   A 1 36 ? -15.802 -0.974  10.112  1.00 51.51  ? 36  G   A N3    1 
ATOM   769  C  C4    . G   A 1 36 ? -14.729 -1.759  10.373  1.00 49.47  ? 36  G   A C4    1 
ATOM   770  P  P     . G   A 1 37 ? -13.598 -3.520  4.809   1.00 63.17  ? 37  G   A P     1 
ATOM   771  O  OP1   . G   A 1 37 ? -13.676 -3.991  3.405   1.00 63.82  ? 37  G   A OP1   1 
ATOM   772  O  OP2   . G   A 1 37 ? -12.290 -3.410  5.476   1.00 58.78  ? 37  G   A OP2   1 
ATOM   773  O  "O5'" . G   A 1 37 ? -14.213 -2.055  4.877   1.00 58.99  ? 37  G   A "O5'" 1 
ATOM   774  C  "C5'" . G   A 1 37 ? -15.554 -1.812  4.512   1.00 56.38  ? 37  G   A "C5'" 1 
ATOM   775  C  "C4'" . G   A 1 37 ? -15.955 -0.404  4.844   1.00 52.60  ? 37  G   A "C4'" 1 
ATOM   776  O  "O4'" . G   A 1 37 ? -15.961 -0.208  6.281   1.00 54.25  ? 37  G   A "O4'" 1 
ATOM   777  C  "C3'" . G   A 1 37 ? -15.028 0.688   4.351   1.00 55.14  ? 37  G   A "C3'" 1 
ATOM   778  O  "O3'" . G   A 1 37 ? -15.157 0.966   2.971   1.00 56.04  ? 37  G   A "O3'" 1 
ATOM   779  C  "C2'" . G   A 1 37 ? -15.412 1.852   5.246   1.00 52.24  ? 37  G   A "C2'" 1 
ATOM   780  O  "O2'" . G   A 1 37 ? -16.658 2.391   4.829   1.00 51.67  ? 37  G   A "O2'" 1 
ATOM   781  C  "C1'" . G   A 1 37 ? -15.625 1.131   6.577   1.00 50.66  ? 37  G   A "C1'" 1 
ATOM   782  N  N9    . G   A 1 37 ? -14.413 1.145   7.409   1.00 49.36  ? 37  G   A N9    1 
ATOM   783  C  C8    . G   A 1 37 ? -13.516 0.131   7.625   1.00 50.49  ? 37  G   A C8    1 
ATOM   784  N  N7    . G   A 1 37 ? -12.540 0.482   8.423   1.00 49.30  ? 37  G   A N7    1 
ATOM   785  C  C5    . G   A 1 37 ? -12.813 1.801   8.754   1.00 47.28  ? 37  G   A C5    1 
ATOM   786  C  C6    . G   A 1 37 ? -12.114 2.713   9.585   1.00 46.06  ? 37  G   A C6    1 
ATOM   787  O  O6    . G   A 1 37 ? -11.077 2.530   10.233  1.00 48.14  ? 37  G   A O6    1 
ATOM   788  N  N1    . G   A 1 37 ? -12.741 3.950   9.629   1.00 46.22  ? 37  G   A N1    1 
ATOM   789  C  C2    . G   A 1 37 ? -13.896 4.268   8.956   1.00 46.53  ? 37  G   A C2    1 
ATOM   790  N  N2    . G   A 1 37 ? -14.362 5.516   9.110   1.00 47.20  ? 37  G   A N2    1 
ATOM   791  N  N3    . G   A 1 37 ? -14.557 3.423   8.184   1.00 48.15  ? 37  G   A N3    1 
ATOM   792  C  C4    . G   A 1 37 ? -13.963 2.224   8.130   1.00 47.87  ? 37  G   A C4    1 
ATOM   793  P  P     . G   A 1 38 ? -13.873 1.473   2.169   1.00 53.07  ? 38  G   A P     1 
ATOM   794  O  OP1   . G   A 1 38 ? -14.157 1.421   0.707   1.00 57.93  ? 38  G   A OP1   1 
ATOM   795  O  OP2   . G   A 1 38 ? -12.703 0.720   2.680   1.00 55.39  ? 38  G   A OP2   1 
ATOM   796  O  "O5'" . G   A 1 38 ? -13.746 2.992   2.614   1.00 51.16  ? 38  G   A "O5'" 1 
ATOM   797  C  "C5'" . G   A 1 38 ? -14.815 3.896   2.379   1.00 51.57  ? 38  G   A "C5'" 1 
ATOM   798  C  "C4'" . G   A 1 38 ? -14.560 5.241   3.005   1.00 50.51  ? 38  G   A "C4'" 1 
ATOM   799  O  "O4'" . G   A 1 38 ? -14.548 5.115   4.450   1.00 49.28  ? 38  G   A "O4'" 1 
ATOM   800  C  "C3'" . G   A 1 38 ? -13.228 5.898   2.686   1.00 50.68  ? 38  G   A "C3'" 1 
ATOM   801  O  "O3'" . G   A 1 38 ? -13.206 6.533   1.416   1.00 48.63  ? 38  G   A "O3'" 1 
ATOM   802  C  "C2'" . G   A 1 38 ? -13.064 6.865   3.852   1.00 48.50  ? 38  G   A "C2'" 1 
ATOM   803  O  "O2'" . G   A 1 38 ? -13.881 8.009   3.666   1.00 52.46  ? 38  G   A "O2'" 1 
ATOM   804  C  "C1'" . G   A 1 38 ? -13.642 6.045   5.006   1.00 48.04  ? 38  G   A "C1'" 1 
ATOM   805  N  N9    . G   A 1 38 ? -12.579 5.307   5.718   1.00 45.09  ? 38  G   A N9    1 
ATOM   806  C  C8    . G   A 1 38 ? -12.282 3.970   5.611   1.00 45.60  ? 38  G   A C8    1 
ATOM   807  N  N7    . G   A 1 38 ? -11.268 3.615   6.350   1.00 45.91  ? 38  G   A N7    1 
ATOM   808  C  C5    . G   A 1 38 ? -10.868 4.788   6.978   1.00 43.48  ? 38  G   A C5    1 
ATOM   809  C  C6    . G   A 1 38 ? -9.814  5.029   7.897   1.00 40.93  ? 38  G   A C6    1 
ATOM   810  O  O6    . G   A 1 38 ? -8.998  4.226   8.359   1.00 43.21  ? 38  G   A O6    1 
ATOM   811  N  N1    . G   A 1 38 ? -9.754  6.353   8.288   1.00 40.72  ? 38  G   A N1    1 
ATOM   812  C  C2    . G   A 1 38 ? -10.602 7.341   7.848   1.00 43.39  ? 38  G   A C2    1 
ATOM   813  N  N2    . G   A 1 38 ? -10.386 8.574   8.344   1.00 41.76  ? 38  G   A N2    1 
ATOM   814  N  N3    . G   A 1 38 ? -11.593 7.124   6.997   1.00 43.86  ? 38  G   A N3    1 
ATOM   815  C  C4    . G   A 1 38 ? -11.667 5.838   6.602   1.00 42.57  ? 38  G   A C4    1 
ATOM   816  P  P     . A   A 1 39 ? -11.826 6.687   0.603   1.00 52.71  ? 39  A   A P     1 
ATOM   817  O  OP1   . A   A 1 39 ? -12.136 7.148   -0.774  1.00 56.08  ? 39  A   A OP1   1 
ATOM   818  O  OP2   . A   A 1 39 ? -11.001 5.475   0.793   1.00 51.78  ? 39  A   A OP2   1 
ATOM   819  O  "O5'" . A   A 1 39 ? -11.041 7.850   1.351   1.00 49.96  ? 39  A   A "O5'" 1 
ATOM   820  C  "C5'" . A   A 1 39 ? -11.600 9.141   1.518   1.00 48.54  ? 39  A   A "C5'" 1 
ATOM   821  C  "C4'" . A   A 1 39 ? -10.757 9.963   2.455   1.00 50.73  ? 39  A   A "C4'" 1 
ATOM   822  O  "O4'" . A   A 1 39 ? -10.841 9.410   3.796   1.00 46.41  ? 39  A   A "O4'" 1 
ATOM   823  C  "C3'" . A   A 1 39 ? -9.265  9.977   2.159   1.00 46.89  ? 39  A   A "C3'" 1 
ATOM   824  O  "O3'" . A   A 1 39 ? -8.908  10.911  1.159   1.00 46.22  ? 39  A   A "O3'" 1 
ATOM   825  C  "C2'" . A   A 1 39 ? -8.664  10.303  3.516   1.00 44.05  ? 39  A   A "C2'" 1 
ATOM   826  O  "O2'" . A   A 1 39 ? -8.821  11.687  3.795   1.00 45.19  ? 39  A   A "O2'" 1 
ATOM   827  C  "C1'" . A   A 1 39 ? -9.587  9.517   4.443   1.00 44.00  ? 39  A   A "C1'" 1 
ATOM   828  N  N9    . A   A 1 39 ? -9.064  8.157   4.705   1.00 42.63  ? 39  A   A N9    1 
ATOM   829  C  C8    . A   A 1 39 ? -9.404  6.964   4.105   1.00 42.85  ? 39  A   A C8    1 
ATOM   830  N  N7    . A   A 1 39 ? -8.731  5.925   4.569   1.00 42.97  ? 39  A   A N7    1 
ATOM   831  C  C5    . A   A 1 39 ? -7.897  6.474   5.532   1.00 39.36  ? 39  A   A C5    1 
ATOM   832  C  C6    . A   A 1 39 ? -6.934  5.910   6.391   1.00 39.11  ? 39  A   A C6    1 
ATOM   833  N  N6    . A   A 1 39 ? -6.652  4.619   6.428   1.00 38.89  ? 39  A   A N6    1 
ATOM   834  N  N1    . A   A 1 39 ? -6.270  6.727   7.226   1.00 36.67  ? 39  A   A N1    1 
ATOM   835  C  C2    . A   A 1 39 ? -6.551  8.034   7.196   1.00 39.59  ? 39  A   A C2    1 
ATOM   836  N  N3    . A   A 1 39 ? -7.447  8.683   6.450   1.00 41.24  ? 39  A   A N3    1 
ATOM   837  C  C4    . A   A 1 39 ? -8.089  7.837   5.628   1.00 40.25  ? 39  A   A C4    1 
ATOM   838  P  P     . C   A 1 40 ? -7.704  10.598  0.144   1.00 48.01  ? 40  C   A P     1 
ATOM   839  O  OP1   . C   A 1 40 ? -7.784  11.632  -0.928  1.00 53.05  ? 40  C   A OP1   1 
ATOM   840  O  OP2   . C   A 1 40 ? -7.733  9.158   -0.211  1.00 47.75  ? 40  C   A OP2   1 
ATOM   841  O  "O5'" . C   A 1 40 ? -6.391  10.884  0.981   1.00 46.37  ? 40  C   A "O5'" 1 
ATOM   842  C  "C5'" . C   A 1 40 ? -6.194  12.129  1.622   1.00 46.88  ? 40  C   A "C5'" 1 
ATOM   843  C  "C4'" . C   A 1 40 ? -5.080  12.036  2.623   1.00 44.17  ? 40  C   A "C4'" 1 
ATOM   844  O  "O4'" . C   A 1 40 ? -5.466  11.154  3.711   1.00 44.94  ? 40  C   A "O4'" 1 
ATOM   845  C  "C3'" . C   A 1 40 ? -3.785  11.430  2.112   1.00 44.28  ? 40  C   A "C3'" 1 
ATOM   846  O  "O3'" . C   A 1 40 ? -2.986  12.346  1.398   1.00 43.87  ? 40  C   A "O3'" 1 
ATOM   847  C  "C2'" . C   A 1 40 ? -3.124  10.959  3.392   1.00 41.21  ? 40  C   A "C2'" 1 
ATOM   848  O  "O2'" . C   A 1 40 ? -2.553  12.065  4.068   1.00 42.74  ? 40  C   A "O2'" 1 
ATOM   849  C  "C1'" . C   A 1 40 ? -4.330  10.467  4.187   1.00 40.06  ? 40  C   A "C1'" 1 
ATOM   850  N  N1    . C   A 1 40 ? -4.538  9.017   4.001   1.00 39.54  ? 40  C   A N1    1 
ATOM   851  C  C2    . C   A 1 40 ? -3.795  8.166   4.819   1.00 39.08  ? 40  C   A C2    1 
ATOM   852  O  O2    . C   A 1 40 ? -3.005  8.654   5.634   1.00 39.09  ? 40  C   A O2    1 
ATOM   853  N  N3    . C   A 1 40 ? -3.938  6.839   4.686   1.00 36.74  ? 40  C   A N3    1 
ATOM   854  C  C4    . C   A 1 40 ? -4.773  6.329   3.812   1.00 35.90  ? 40  C   A C4    1 
ATOM   855  N  N4    . C   A 1 40 ? -4.853  4.994   3.768   1.00 36.43  ? 40  C   A N4    1 
ATOM   856  C  C5    . C   A 1 40 ? -5.563  7.162   2.957   1.00 40.79  ? 40  C   A C5    1 
ATOM   857  C  C6    . C   A 1 40 ? -5.404  8.494   3.086   1.00 38.93  ? 40  C   A C6    1 
ATOM   858  P  P     . U   A 1 41 ? -2.043  11.853  0.198   1.00 47.21  ? 41  U   A P     1 
ATOM   859  O  OP1   . U   A 1 41 ? -1.479  13.109  -0.374  1.00 50.85  ? 41  U   A OP1   1 
ATOM   860  O  OP2   . U   A 1 41 ? -2.763  10.876  -0.660  1.00 41.34  ? 41  U   A OP2   1 
ATOM   861  O  "O5'" . U   A 1 41 ? -0.845  11.086  0.893   1.00 42.52  ? 41  U   A "O5'" 1 
ATOM   862  C  "C5'" . U   A 1 41 ? -0.039  11.728  1.862   1.00 43.96  ? 41  U   A "C5'" 1 
ATOM   863  C  "C4'" . U   A 1 41 ? 0.711   10.719  2.684   1.00 42.95  ? 41  U   A "C4'" 1 
ATOM   864  O  "O4'" . U   A 1 41 ? -0.226  9.909   3.446   1.00 43.56  ? 41  U   A "O4'" 1 
ATOM   865  C  "C3'" . U   A 1 41 ? 1.504   9.697   1.902   1.00 43.96  ? 41  U   A "C3'" 1 
ATOM   866  O  "O3'" . U   A 1 41 ? 2.717   10.220  1.382   1.00 46.15  ? 41  U   A "O3'" 1 
ATOM   867  C  "C2'" . U   A 1 41 ? 1.657   8.571   2.923   1.00 40.77  ? 41  U   A "C2'" 1 
ATOM   868  O  "O2'" . U   A 1 41 ? 2.610   8.905   3.920   1.00 38.84  ? 41  U   A "O2'" 1 
ATOM   869  C  "C1'" . U   A 1 41 ? 0.277   8.594   3.577   1.00 40.43  ? 41  U   A "C1'" 1 
ATOM   870  N  N1    . U   A 1 41 ? -0.646  7.660   2.903   1.00 39.42  ? 41  U   A N1    1 
ATOM   871  C  C2    . U   A 1 41 ? -0.555  6.335   3.276   1.00 37.72  ? 41  U   A C2    1 
ATOM   872  O  O2    . U   A 1 41 ? 0.234   5.975   4.138   1.00 38.54  ? 41  U   A O2    1 
ATOM   873  N  N3    . U   A 1 41 ? -1.400  5.484   2.607   1.00 36.68  ? 41  U   A N3    1 
ATOM   874  C  C4    . U   A 1 41 ? -2.310  5.824   1.619   1.00 36.51  ? 41  U   A C4    1 
ATOM   875  O  O4    . U   A 1 41 ? -3.025  4.962   1.084   1.00 36.11  ? 41  U   A O4    1 
ATOM   876  C  C5    . U   A 1 41 ? -2.331  7.212   1.297   1.00 39.65  ? 41  U   A C5    1 
ATOM   877  C  C6    . U   A 1 41 ? -1.516  8.063   1.922   1.00 40.11  ? 41  U   A C6    1 
ATOM   878  P  P     . A   A 1 42 ? 3.467   9.488   0.168   1.00 48.18  ? 42  A   A P     1 
ATOM   879  O  OP1   . A   A 1 42 ? 4.682   10.231  -0.240  1.00 52.06  ? 42  A   A OP1   1 
ATOM   880  O  OP2   . A   A 1 42 ? 2.536   8.995   -0.867  1.00 45.06  ? 42  A   A OP2   1 
ATOM   881  O  "O5'" . A   A 1 42 ? 4.110   8.274   0.912   1.00 47.73  ? 42  A   A "O5'" 1 
ATOM   882  C  "C5'" . A   A 1 42 ? 3.808   7.016   0.456   1.00 41.13  ? 42  A   A "C5'" 1 
ATOM   883  C  "C4'" . A   A 1 42 ? 4.223   6.003   1.450   1.00 42.03  ? 42  A   A "C4'" 1 
ATOM   884  O  "O4'" . A   A 1 42 ? 3.041   5.617   2.207   1.00 41.78  ? 42  A   A "O4'" 1 
ATOM   885  C  "C3'" . A   A 1 42 ? 4.688   4.760   0.733   1.00 37.12  ? 42  A   A "C3'" 1 
ATOM   886  O  "O3'" . A   A 1 42 ? 6.102   4.756   0.602   1.00 39.34  ? 42  A   A "O3'" 1 
ATOM   887  C  "C2'" . A   A 1 42 ? 4.084   3.615   1.537   1.00 37.52  ? 42  A   A "C2'" 1 
ATOM   888  O  "O2'" . A   A 1 42 ? 4.909   3.286   2.636   1.00 39.64  ? 42  A   A "O2'" 1 
ATOM   889  C  "C1'" . A   A 1 42 ? 2.798   4.248   2.057   1.00 39.59  ? 42  A   A "C1'" 1 
ATOM   890  N  N9    . A   A 1 42 ? 1.655   4.145   1.128   1.00 37.28  ? 42  A   A N9    1 
ATOM   891  C  C8    . A   A 1 42 ? 1.091   5.174   0.399   1.00 35.82  ? 42  A   A C8    1 
ATOM   892  N  N7    . A   A 1 42 ? 0.048   4.840   -0.319  1.00 36.43  ? 42  A   A N7    1 
ATOM   893  C  C5    . A   A 1 42 ? -0.102  3.485   -0.034  1.00 36.34  ? 42  A   A C5    1 
ATOM   894  C  C6    . A   A 1 42 ? -1.030  2.529   -0.467  1.00 37.20  ? 42  A   A C6    1 
ATOM   895  N  N6    . A   A 1 42 ? -2.032  2.777   -1.317  1.00 37.68  ? 42  A   A N6    1 
ATOM   896  N  N1    . A   A 1 42 ? -0.904  1.275   0.020   1.00 37.74  ? 42  A   A N1    1 
ATOM   897  C  C2    . A   A 1 42 ? 0.092   1.019   0.873   1.00 37.13  ? 42  A   A C2    1 
ATOM   898  N  N3    . A   A 1 42 ? 1.014   1.839   1.359   1.00 36.65  ? 42  A   A N3    1 
ATOM   899  C  C4    . A   A 1 42 ? 0.867   3.060   0.862   1.00 36.41  ? 42  A   A C4    1 
ATOM   900  P  P     . C   A 1 43 ? 6.795   4.514   -0.835  1.00 41.98  ? 43  C   A P     1 
ATOM   901  O  OP1   . C   A 1 43 ? 8.222   4.872   -0.636  1.00 42.01  ? 43  C   A OP1   1 
ATOM   902  O  OP2   . C   A 1 43 ? 5.998   5.154   -1.913  1.00 38.67  ? 43  C   A OP2   1 
ATOM   903  O  "O5'" . C   A 1 43 ? 6.706   2.941   -1.027  1.00 40.77  ? 43  C   A "O5'" 1 
ATOM   904  C  "C5'" . C   A 1 43 ? 7.187   2.070   -0.021  1.00 36.66  ? 43  C   A "C5'" 1 
ATOM   905  C  "C4'" . C   A 1 43 ? 6.479   0.746   -0.052  1.00 39.53  ? 43  C   A "C4'" 1 
ATOM   906  O  "O4'" . C   A 1 43 ? 5.089   0.924   0.302   1.00 39.89  ? 43  C   A "O4'" 1 
ATOM   907  C  "C3'" . C   A 1 43 ? 6.405   0.054   -1.400  1.00 39.24  ? 43  C   A "C3'" 1 
ATOM   908  O  "O3'" . C   A 1 43 ? 7.609   -0.576  -1.769  1.00 41.46  ? 43  C   A "O3'" 1 
ATOM   909  C  "C2'" . C   A 1 43 ? 5.247   -0.900  -1.193  1.00 41.03  ? 43  C   A "C2'" 1 
ATOM   910  O  "O2'" . C   A 1 43 ? 5.634   -1.963  -0.332  1.00 39.05  ? 43  C   A "O2'" 1 
ATOM   911  C  "C1'" . C   A 1 43 ? 4.299   -0.012  -0.399  1.00 37.98  ? 43  C   A "C1'" 1 
ATOM   912  N  N1    . C   A 1 43 ? 3.352   0.732   -1.252  1.00 36.46  ? 43  C   A N1    1 
ATOM   913  C  C2    . C   A 1 43 ? 2.230   0.055   -1.711  1.00 37.60  ? 43  C   A C2    1 
ATOM   914  O  O2    . C   A 1 43 ? 2.141   -1.140  -1.431  1.00 36.52  ? 43  C   A O2    1 
ATOM   915  N  N3    . C   A 1 43 ? 1.312   0.692   -2.477  1.00 36.38  ? 43  C   A N3    1 
ATOM   916  C  C4    . C   A 1 43 ? 1.484   1.996   -2.754  1.00 39.28  ? 43  C   A C4    1 
ATOM   917  N  N4    . C   A 1 43 ? 0.567   2.616   -3.515  1.00 36.28  ? 43  C   A N4    1 
ATOM   918  C  C5    . C   A 1 43 ? 2.616   2.718   -2.271  1.00 37.19  ? 43  C   A C5    1 
ATOM   919  C  C6    . C   A 1 43 ? 3.521   2.054   -1.536  1.00 37.03  ? 43  C   A C6    1 
ATOM   920  P  P     . G   A 1 44 ? 8.091   -0.470  -3.283  1.00 41.36  ? 44  G   A P     1 
ATOM   921  O  OP1   . G   A 1 44 ? 9.452   -1.056  -3.263  1.00 43.74  ? 44  G   A OP1   1 
ATOM   922  O  OP2   . G   A 1 44 ? 7.825   0.862   -3.872  1.00 39.81  ? 44  G   A OP2   1 
ATOM   923  O  "O5'" . G   A 1 44 ? 7.197   -1.535  -4.045  1.00 40.50  ? 44  G   A "O5'" 1 
ATOM   924  C  "C5'" . G   A 1 44 ? 7.306   -2.901  -3.687  1.00 44.33  ? 44  G   A "C5'" 1 
ATOM   925  C  "C4'" . G   A 1 44 ? 6.215   -3.726  -4.303  1.00 43.01  ? 44  G   A "C4'" 1 
ATOM   926  O  "O4'" . G   A 1 44 ? 4.927   -3.291  -3.817  1.00 42.76  ? 44  G   A "O4'" 1 
ATOM   927  C  "C3'" . G   A 1 44 ? 6.081   -3.607  -5.801  1.00 40.87  ? 44  G   A "C3'" 1 
ATOM   928  O  "O3'" . G   A 1 44 ? 7.063   -4.344  -6.508  1.00 43.00  ? 44  G   A "O3'" 1 
ATOM   929  C  "C2'" . G   A 1 44 ? 4.659   -4.083  -6.030  1.00 41.28  ? 44  G   A "C2'" 1 
ATOM   930  O  "O2'" . G   A 1 44 ? 4.581   -5.497  -5.892  1.00 43.88  ? 44  G   A "O2'" 1 
ATOM   931  C  "C1'" . G   A 1 44 ? 3.957   -3.459  -4.830  1.00 39.11  ? 44  G   A "C1'" 1 
ATOM   932  N  N9    . G   A 1 44 ? 3.374   -2.145  -5.139  1.00 39.79  ? 44  G   A N9    1 
ATOM   933  C  C8    . G   A 1 44 ? 3.822   -0.912  -4.728  1.00 40.24  ? 44  G   A C8    1 
ATOM   934  N  N7    . G   A 1 44 ? 3.060   0.064   -5.158  1.00 39.66  ? 44  G   A N7    1 
ATOM   935  C  C5    . G   A 1 44 ? 2.050   -0.558  -5.884  1.00 37.66  ? 44  G   A C5    1 
ATOM   936  C  C6    . G   A 1 44 ? 0.937   -0.024  -6.592  1.00 41.25  ? 44  G   A C6    1 
ATOM   937  O  O6    . G   A 1 44 ? 0.573   1.149   -6.705  1.00 41.71  ? 44  G   A O6    1 
ATOM   938  N  N1    . G   A 1 44 ? 0.172   -1.025  -7.193  1.00 40.08  ? 44  G   A N1    1 
ATOM   939  C  C2    . G   A 1 44 ? 0.456   -2.367  -7.110  1.00 40.92  ? 44  G   A C2    1 
ATOM   940  N  N2    . G   A 1 44 ? -0.376  -3.195  -7.752  1.00 39.98  ? 44  G   A N2    1 
ATOM   941  N  N3    . G   A 1 44 ? 1.499   -2.871  -6.463  1.00 40.85  ? 44  G   A N3    1 
ATOM   942  C  C4    . G   A 1 44 ? 2.236   -1.919  -5.876  1.00 38.02  ? 44  G   A C4    1 
ATOM   943  P  P     . G   A 1 45 ? 7.555   -3.792  -7.916  1.00 44.47  ? 45  G   A P     1 
ATOM   944  O  OP1   . G   A 1 45 ? 8.701   -4.637  -8.343  1.00 46.61  ? 45  G   A OP1   1 
ATOM   945  O  OP2   . G   A 1 45 ? 7.772   -2.322  -7.849  1.00 41.75  ? 45  G   A OP2   1 
ATOM   946  O  "O5'" . G   A 1 45 ? 6.325   -4.056  -8.876  1.00 42.93  ? 45  G   A "O5'" 1 
ATOM   947  C  "C5'" . G   A 1 45 ? 5.877   -5.371  -9.136  1.00 41.37  ? 45  G   A "C5'" 1 
ATOM   948  C  "C4'" . G   A 1 45 ? 4.633   -5.366  -9.979  1.00 41.15  ? 45  G   A "C4'" 1 
ATOM   949  O  "O4'" . G   A 1 45 ? 3.568   -4.681  -9.280  1.00 42.05  ? 45  G   A "O4'" 1 
ATOM   950  C  "C3'" . G   A 1 45 ? 4.724   -4.630  -11.305 1.00 41.19  ? 45  G   A "C3'" 1 
ATOM   951  O  "O3'" . G   A 1 45 ? 5.386   -5.373  -12.312 1.00 41.41  ? 45  G   A "O3'" 1 
ATOM   952  C  "C2'" . G   A 1 45 ? 3.263   -4.354  -11.620 1.00 42.20  ? 45  G   A "C2'" 1 
ATOM   953  O  "O2'" . G   A 1 45 ? 2.649   -5.500  -12.174 1.00 41.02  ? 45  G   A "O2'" 1 
ATOM   954  C  "C1'" . G   A 1 45 ? 2.683   -4.108  -10.219 1.00 44.00  ? 45  G   A "C1'" 1 
ATOM   955  N  N9    . G   A 1 45 ? 2.538   -2.666  -9.953  1.00 40.01  ? 45  G   A N9    1 
ATOM   956  C  C8    . G   A 1 45 ? 3.343   -1.850  -9.207  1.00 38.12  ? 45  G   A C8    1 
ATOM   957  N  N7    . G   A 1 45 ? 2.934   -0.614  -9.228  1.00 39.34  ? 45  G   A N7    1 
ATOM   958  C  C5    . G   A 1 45 ? 1.806   -0.617  -10.024 1.00 40.88  ? 45  G   A C5    1 
ATOM   959  C  C6    . G   A 1 45 ? 0.933   0.431   -10.404 1.00 40.44  ? 45  G   A C6    1 
ATOM   960  O  O6    . G   A 1 45 ? 0.999   1.620   -10.095 1.00 42.18  ? 45  G   A O6    1 
ATOM   961  N  N1    . G   A 1 45 ? -0.094  -0.008  -11.231 1.00 40.45  ? 45  G   A N1    1 
ATOM   962  C  C2    . G   A 1 45 ? -0.253  -1.305  -11.647 1.00 41.24  ? 45  G   A C2    1 
ATOM   963  N  N2    . G   A 1 45 ? -1.304  -1.554  -12.450 1.00 42.67  ? 45  G   A N2    1 
ATOM   964  N  N3    . G   A 1 45 ? 0.552   -2.289  -11.292 1.00 43.49  ? 45  G   A N3    1 
ATOM   965  C  C4    . G   A 1 45 ? 1.551   -1.879  -10.486 1.00 40.91  ? 45  G   A C4    1 
ATOM   966  P  P     . G   A 1 46 ? 6.380   -4.647  -13.347 1.00 43.70  ? 46  G   A P     1 
ATOM   967  O  OP1   . G   A 1 46 ? 6.772   -5.705  -14.312 1.00 49.19  ? 46  G   A OP1   1 
ATOM   968  O  OP2   . G   A 1 46 ? 7.452   -3.946  -12.621 1.00 40.38  ? 46  G   A OP2   1 
ATOM   969  O  "O5'" . G   A 1 46 ? 5.466   -3.560  -14.063 1.00 43.51  ? 46  G   A "O5'" 1 
ATOM   970  C  "C5'" . G   A 1 46 ? 4.424   -3.933  -14.954 1.00 47.36  ? 46  G   A "C5'" 1 
ATOM   971  C  "C4'" . G   A 1 46 ? 3.568   -2.748  -15.332 1.00 42.74  ? 46  G   A "C4'" 1 
ATOM   972  O  "O4'" . G   A 1 46 ? 2.945   -2.189  -14.145 1.00 45.03  ? 46  G   A "O4'" 1 
ATOM   973  C  "C3'" . G   A 1 46 ? 4.295   -1.571  -15.963 1.00 45.24  ? 46  G   A "C3'" 1 
ATOM   974  O  "O3'" . G   A 1 46 ? 4.520   -1.753  -17.351 1.00 45.07  ? 46  G   A "O3'" 1 
ATOM   975  C  "C2'" . G   A 1 46 ? 3.366   -0.403  -15.652 1.00 44.70  ? 46  G   A "C2'" 1 
ATOM   976  O  "O2'" . G   A 1 46 ? 2.280   -0.368  -16.568 1.00 47.48  ? 46  G   A "O2'" 1 
ATOM   977  C  "C1'" . G   A 1 46 ? 2.842   -0.787  -14.263 1.00 40.92  ? 46  G   A "C1'" 1 
ATOM   978  N  N9    . G   A 1 46 ? 3.659   -0.151  -13.210 1.00 42.17  ? 46  G   A N9    1 
ATOM   979  C  C8    . G   A 1 46 ? 4.797   -0.627  -12.598 1.00 42.81  ? 46  G   A C8    1 
ATOM   980  N  N7    . G   A 1 46 ? 5.319   0.206   -11.730 1.00 39.57  ? 46  G   A N7    1 
ATOM   981  C  C5    . G   A 1 46 ? 4.460   1.296   -11.773 1.00 40.90  ? 46  G   A C5    1 
ATOM   982  C  C6    . G   A 1 46 ? 4.515   2.521   -11.068 1.00 39.39  ? 46  G   A C6    1 
ATOM   983  O  O6    . G   A 1 46 ? 5.367   2.852   -10.245 1.00 38.29  ? 46  G   A O6    1 
ATOM   984  N  N1    . G   A 1 46 ? 3.447   3.371   -11.400 1.00 36.61  ? 46  G   A N1    1 
ATOM   985  C  C2    . G   A 1 46 ? 2.472   3.068   -12.316 1.00 37.67  ? 46  G   A C2    1 
ATOM   986  N  N2    . G   A 1 46 ? 1.532   3.998   -12.540 1.00 40.68  ? 46  G   A N2    1 
ATOM   987  N  N3    . G   A 1 46 ? 2.425   1.934   -12.994 1.00 40.47  ? 46  G   A N3    1 
ATOM   988  C  C4    . G   A 1 46 ? 3.449   1.107   -12.682 1.00 40.82  ? 46  G   A C4    1 
ATOM   989  P  P     . A   A 1 47 ? 6.007   -1.897  -17.943 1.00 46.50  ? 47  A   A P     1 
ATOM   990  O  OP1   . A   A 1 47 ? 6.199   -3.322  -18.315 1.00 49.16  ? 47  A   A OP1   1 
ATOM   991  O  OP2   . A   A 1 47 ? 7.007   -1.251  -17.062 1.00 45.50  ? 47  A   A OP2   1 
ATOM   992  O  "O5'" . A   A 1 47 ? 5.950   -1.077  -19.297 1.00 45.78  ? 47  A   A "O5'" 1 
ATOM   993  C  "C5'" . A   A 1 47 ? 5.153   -1.525  -20.379 1.00 47.57  ? 47  A   A "C5'" 1 
ATOM   994  C  "C4'" . A   A 1 47 ? 4.490   -0.366  -21.068 1.00 47.67  ? 47  A   A "C4'" 1 
ATOM   995  O  "O4'" . A   A 1 47 ? 3.647   0.333   -20.115 1.00 48.87  ? 47  A   A "O4'" 1 
ATOM   996  C  "C3'" . A   A 1 47 ? 5.423   0.713   -21.594 1.00 47.27  ? 47  A   A "C3'" 1 
ATOM   997  O  "O3'" . A   A 1 47 ? 5.967   0.394   -22.861 1.00 46.98  ? 47  A   A "O3'" 1 
ATOM   998  C  "C2'" . A   A 1 47 ? 4.524   1.936   -21.617 1.00 46.83  ? 47  A   A "C2'" 1 
ATOM   999  O  "O2'" . A   A 1 47 ? 3.649   1.872   -22.730 1.00 46.91  ? 47  A   A "O2'" 1 
ATOM   1000 C  "C1'" . A   A 1 47 ? 3.704   1.721   -20.347 1.00 44.78  ? 47  A   A "C1'" 1 
ATOM   1001 N  N9    . A   A 1 47 ? 4.356   2.334   -19.181 1.00 46.04  ? 47  A   A N9    1 
ATOM   1002 C  C8    . A   A 1 47 ? 4.956   1.683   -18.134 1.00 45.75  ? 47  A   A C8    1 
ATOM   1003 N  N7    . A   A 1 47 ? 5.473   2.493   -17.244 1.00 41.78  ? 47  A   A N7    1 
ATOM   1004 C  C5    . A   A 1 47 ? 5.190   3.754   -17.740 1.00 43.48  ? 47  A   A C5    1 
ATOM   1005 C  C6    . A   A 1 47 ? 5.470   5.038   -17.253 1.00 41.32  ? 47  A   A C6    1 
ATOM   1006 N  N6    . A   A 1 47 ? 6.123   5.285   -16.113 1.00 41.70  ? 47  A   A N6    1 
ATOM   1007 N  N1    . A   A 1 47 ? 5.050   6.073   -17.996 1.00 43.34  ? 47  A   A N1    1 
ATOM   1008 C  C2    . A   A 1 47 ? 4.391   5.843   -19.139 1.00 43.32  ? 47  A   A C2    1 
ATOM   1009 N  N3    . A   A 1 47 ? 4.067   4.686   -19.701 1.00 45.22  ? 47  A   A N3    1 
ATOM   1010 C  C4    . A   A 1 47 ? 4.499   3.672   -18.933 1.00 42.79  ? 47  A   A C4    1 
ATOM   1011 P  P     . G   A 1 48 ? 7.498   0.715   -23.193 1.00 47.83  ? 48  G   A P     1 
ATOM   1012 O  OP1   . G   A 1 48 ? 7.702   0.443   -24.640 1.00 53.76  ? 48  G   A OP1   1 
ATOM   1013 O  OP2   . G   A 1 48 ? 8.361   0.027   -22.197 1.00 52.95  ? 48  G   A OP2   1 
ATOM   1014 O  "O5'" . G   A 1 48 ? 7.641   2.275   -22.955 1.00 45.33  ? 48  G   A "O5'" 1 
ATOM   1015 C  "C5'" . G   A 1 48 ? 7.010   3.204   -23.810 1.00 44.34  ? 48  G   A "C5'" 1 
ATOM   1016 C  "C4'" . G   A 1 48 ? 7.148   4.598   -23.268 1.00 46.51  ? 48  G   A "C4'" 1 
ATOM   1017 O  "O4'" . G   A 1 48 ? 6.549   4.666   -21.952 1.00 45.85  ? 48  G   A "O4'" 1 
ATOM   1018 C  "C3'" . G   A 1 48 ? 8.568   5.084   -23.051 1.00 45.32  ? 48  G   A "C3'" 1 
ATOM   1019 O  "O3'" . G   A 1 48 ? 9.148   5.579   -24.233 1.00 45.79  ? 48  G   A "O3'" 1 
ATOM   1020 C  "C2'" . G   A 1 48 ? 8.392   6.153   -21.985 1.00 45.82  ? 48  G   A "C2'" 1 
ATOM   1021 O  "O2'" . G   A 1 48 ? 7.895   7.354   -22.556 1.00 45.93  ? 48  G   A "O2'" 1 
ATOM   1022 C  "C1'" . G   A 1 48 ? 7.290   5.542   -21.132 1.00 42.33  ? 48  G   A "C1'" 1 
ATOM   1023 N  N9    . G   A 1 48 ? 7.845   4.770   -20.009 1.00 41.96  ? 48  G   A N9    1 
ATOM   1024 C  C8    . G   A 1 48 ? 7.931   3.409   -19.878 1.00 43.07  ? 48  G   A C8    1 
ATOM   1025 N  N7    . G   A 1 48 ? 8.473   3.043   -18.745 1.00 40.76  ? 48  G   A N7    1 
ATOM   1026 C  C5    . G   A 1 48 ? 8.751   4.240   -18.099 1.00 41.42  ? 48  G   A C5    1 
ATOM   1027 C  C6    . G   A 1 48 ? 9.337   4.488   -16.836 1.00 41.49  ? 48  G   A C6    1 
ATOM   1028 O  O6    . G   A 1 48 ? 9.764   3.673   -16.003 1.00 41.77  ? 48  G   A O6    1 
ATOM   1029 N  N1    . G   A 1 48 ? 9.439   5.847   -16.581 1.00 40.53  ? 48  G   A N1    1 
ATOM   1030 C  C2    . G   A 1 48 ? 9.021   6.851   -17.419 1.00 43.92  ? 48  G   A C2    1 
ATOM   1031 N  N2    . G   A 1 48 ? 9.208   8.110   -16.985 1.00 42.17  ? 48  G   A N2    1 
ATOM   1032 N  N3    . G   A 1 48 ? 8.478   6.626   -18.600 1.00 42.76  ? 48  G   A N3    1 
ATOM   1033 C  C4    . G   A 1 48 ? 8.368   5.311   -18.866 1.00 40.74  ? 48  G   A C4    1 
ATOM   1034 P  P     . C   A 1 49 ? 10.709  5.376   -24.533 1.00 44.13  ? 49  C   A P     1 
ATOM   1035 O  OP1   . C   A 1 49 ? 10.908  6.021   -25.866 1.00 46.80  ? 49  C   A OP1   1 
ATOM   1036 O  OP2   . C   A 1 49 ? 11.123  3.997   -24.274 1.00 45.04  ? 49  C   A OP2   1 
ATOM   1037 O  "O5'" . C   A 1 49 ? 11.429  6.347   -23.516 1.00 42.84  ? 49  C   A "O5'" 1 
ATOM   1038 C  "C5'" . C   A 1 49 ? 11.197  7.741   -23.580 1.00 42.26  ? 49  C   A "C5'" 1 
ATOM   1039 C  "C4'" . C   A 1 49 ? 11.727  8.400   -22.342 1.00 45.88  ? 49  C   A "C4'" 1 
ATOM   1040 O  "O4'" . C   A 1 49 ? 10.994  7.904   -21.192 1.00 44.75  ? 49  C   A "O4'" 1 
ATOM   1041 C  "C3'" . C   A 1 49 ? 13.164  8.057   -22.011 1.00 43.20  ? 49  C   A "C3'" 1 
ATOM   1042 O  "O3'" . C   A 1 49 ? 14.114  8.759   -22.787 1.00 43.87  ? 49  C   A "O3'" 1 
ATOM   1043 C  "C2'" . C   A 1 49 ? 13.226  8.343   -20.520 1.00 39.95  ? 49  C   A "C2'" 1 
ATOM   1044 O  "O2'" . C   A 1 49 ? 13.263  9.745   -20.282 1.00 41.58  ? 49  C   A "O2'" 1 
ATOM   1045 C  "C1'" . C   A 1 49 ? 11.858  7.818   -20.078 1.00 40.32  ? 49  C   A "C1'" 1 
ATOM   1046 N  N1    . C   A 1 49 ? 11.925  6.411   -19.644 1.00 40.68  ? 49  C   A N1    1 
ATOM   1047 C  C2    . C   A 1 49 ? 12.372  6.176   -18.341 1.00 39.66  ? 49  C   A C2    1 
ATOM   1048 O  O2    . C   A 1 49 ? 12.686  7.133   -17.626 1.00 38.36  ? 49  C   A O2    1 
ATOM   1049 N  N3    . C   A 1 49 ? 12.468  4.919   -17.900 1.00 38.28  ? 49  C   A N3    1 
ATOM   1050 C  C4    . C   A 1 49 ? 12.132  3.906   -18.681 1.00 40.41  ? 49  C   A C4    1 
ATOM   1051 N  N4    . C   A 1 49 ? 12.246  2.685   -18.150 1.00 39.18  ? 49  C   A N4    1 
ATOM   1052 C  C5    . C   A 1 49 ? 11.673  4.103   -20.021 1.00 42.08  ? 49  C   A C5    1 
ATOM   1053 C  C6    . C   A 1 49 ? 11.587  5.368   -20.461 1.00 40.99  ? 49  C   A C6    1 
ATOM   1054 P  P     . G   A 1 50 ? 15.523  8.067   -23.099 1.00 42.96  ? 50  G   A P     1 
ATOM   1055 O  OP1   . G   A 1 50 ? 16.130  8.845   -24.216 1.00 48.02  ? 50  G   A OP1   1 
ATOM   1056 O  OP2   . G   A 1 50 ? 15.344  6.612   -23.257 1.00 40.02  ? 50  G   A OP2   1 
ATOM   1057 O  "O5'" . G   A 1 50 ? 16.356  8.275   -21.759 1.00 41.63  ? 50  G   A "O5'" 1 
ATOM   1058 C  "C5'" . G   A 1 50 ? 16.593  9.570   -21.239 1.00 43.02  ? 50  G   A "C5'" 1 
ATOM   1059 C  "C4'" . G   A 1 50 ? 17.223  9.503   -19.869 1.00 37.55  ? 50  G   A "C4'" 1 
ATOM   1060 O  "O4'" . G   A 1 50 ? 16.339  8.854   -18.928 1.00 40.56  ? 50  G   A "O4'" 1 
ATOM   1061 C  "C3'" . G   A 1 50 ? 18.510  8.705   -19.753 1.00 40.67  ? 50  G   A "C3'" 1 
ATOM   1062 O  "O3'" . G   A 1 50 ? 19.627  9.403   -20.245 1.00 43.19  ? 50  G   A "O3'" 1 
ATOM   1063 C  "C2'" . G   A 1 50 ? 18.580  8.432   -18.259 1.00 40.50  ? 50  G   A "C2'" 1 
ATOM   1064 O  "O2'" . G   A 1 50 ? 18.979  9.606   -17.574 1.00 43.62  ? 50  G   A "O2'" 1 
ATOM   1065 C  "C1'" . G   A 1 50 ? 17.108  8.183   -17.939 1.00 42.38  ? 50  G   A "C1'" 1 
ATOM   1066 N  N9    . G   A 1 50 ? 16.779  6.749   -17.976 1.00 40.38  ? 50  G   A N9    1 
ATOM   1067 C  C8    . G   A 1 50 ? 16.052  6.102   -18.940 1.00 39.50  ? 50  G   A C8    1 
ATOM   1068 N  N7    . G   A 1 50 ? 15.920  4.826   -18.697 1.00 39.21  ? 50  G   A N7    1 
ATOM   1069 C  C5    . G   A 1 50 ? 16.625  4.616   -17.528 1.00 38.52  ? 50  G   A C5    1 
ATOM   1070 C  C6    . G   A 1 50 ? 16.838  3.421   -16.805 1.00 39.56  ? 50  G   A C6    1 
ATOM   1071 O  O6    . G   A 1 50 ? 16.417  2.288   -17.082 1.00 40.40  ? 50  G   A O6    1 
ATOM   1072 N  N1    . G   A 1 50 ? 17.602  3.654   -15.663 1.00 38.78  ? 50  G   A N1    1 
ATOM   1073 C  C2    . G   A 1 50 ? 18.099  4.871   -15.284 1.00 41.86  ? 50  G   A C2    1 
ATOM   1074 N  N2    . G   A 1 50 ? 18.820  4.894   -14.151 1.00 40.61  ? 50  G   A N2    1 
ATOM   1075 N  N3    . G   A 1 50 ? 17.900  5.997   -15.962 1.00 40.73  ? 50  G   A N3    1 
ATOM   1076 C  C4    . G   A 1 50 ? 17.153  5.793   -17.059 1.00 39.55  ? 50  G   A C4    1 
ATOM   1077 P  P     . C   A 1 51 ? 20.818  8.609   -20.980 1.00 45.72  ? 51  C   A P     1 
ATOM   1078 O  OP1   . C   A 1 51 ? 21.764  9.638   -21.460 1.00 47.79  ? 51  C   A OP1   1 
ATOM   1079 O  OP2   . C   A 1 51 ? 20.246  7.600   -21.896 1.00 41.45  ? 51  C   A OP2   1 
ATOM   1080 O  "O5'" . C   A 1 51 ? 21.517  7.794   -19.812 1.00 43.41  ? 51  C   A "O5'" 1 
ATOM   1081 C  "C5'" . C   A 1 51 ? 22.148  8.464   -18.731 1.00 44.34  ? 51  C   A "C5'" 1 
ATOM   1082 C  "C4'" . C   A 1 51 ? 22.567  7.488   -17.666 1.00 41.31  ? 51  C   A "C4'" 1 
ATOM   1083 O  "O4'" . C   A 1 51 ? 21.392  6.850   -17.101 1.00 43.52  ? 51  C   A "O4'" 1 
ATOM   1084 C  "C3'" . C   A 1 51 ? 23.419  6.322   -18.133 1.00 41.93  ? 51  C   A "C3'" 1 
ATOM   1085 O  "O3'" . C   A 1 51 ? 24.776  6.671   -18.329 1.00 46.33  ? 51  C   A "O3'" 1 
ATOM   1086 C  "C2'" . C   A 1 51 ? 23.176  5.293   -17.041 1.00 44.10  ? 51  C   A "C2'" 1 
ATOM   1087 O  "O2'" . C   A 1 51 ? 23.858  5.644   -15.847 1.00 41.36  ? 51  C   A "O2'" 1 
ATOM   1088 C  "C1'" . C   A 1 51 ? 21.687  5.506   -16.778 1.00 43.05  ? 51  C   A "C1'" 1 
ATOM   1089 N  N1    . C   A 1 51 ? 20.839  4.622   -17.602 1.00 39.91  ? 51  C   A N1    1 
ATOM   1090 C  C2    . C   A 1 51 ? 20.624  3.328   -17.134 1.00 42.84  ? 51  C   A C2    1 
ATOM   1091 O  O2    . C   A 1 51 ? 21.163  2.996   -16.069 1.00 42.97  ? 51  C   A O2    1 
ATOM   1092 N  N3    . C   A 1 51 ? 19.848  2.488   -17.849 1.00 41.03  ? 51  C   A N3    1 
ATOM   1093 C  C4    . C   A 1 51 ? 19.288  2.903   -18.984 1.00 41.61  ? 51  C   A C4    1 
ATOM   1094 N  N4    . C   A 1 51 ? 18.522  2.035   -19.650 1.00 41.40  ? 51  C   A N4    1 
ATOM   1095 C  C5    . C   A 1 51 ? 19.484  4.221   -19.494 1.00 39.31  ? 51  C   A C5    1 
ATOM   1096 C  C6    . C   A 1 51 ? 20.267  5.033   -18.772 1.00 40.91  ? 51  C   A C6    1 
ATOM   1097 P  P     . C   A 1 52 ? 25.666  5.896   -19.426 1.00 47.04  ? 52  C   A P     1 
ATOM   1098 O  OP1   . C   A 1 52 ? 26.987  6.559   -19.458 1.00 51.12  ? 52  C   A OP1   1 
ATOM   1099 O  OP2   . C   A 1 52 ? 24.943  5.693   -20.694 1.00 42.02  ? 52  C   A OP2   1 
ATOM   1100 O  "O5'" . C   A 1 52 ? 25.856  4.454   -18.783 1.00 47.04  ? 52  C   A "O5'" 1 
ATOM   1101 C  "C5'" . C   A 1 52 ? 26.486  4.310   -17.520 1.00 49.02  ? 52  C   A "C5'" 1 
ATOM   1102 C  "C4'" . C   A 1 52 ? 26.469  2.876   -17.054 1.00 47.83  ? 52  C   A "C4'" 1 
ATOM   1103 O  "O4'" . C   A 1 52 ? 25.112  2.459   -16.749 1.00 47.03  ? 52  C   A "O4'" 1 
ATOM   1104 C  "C3'" . C   A 1 52 ? 26.948  1.840   -18.059 1.00 50.25  ? 52  C   A "C3'" 1 
ATOM   1105 O  "O3'" . C   A 1 52 ? 28.369  1.790   -18.167 1.00 52.85  ? 52  C   A "O3'" 1 
ATOM   1106 C  "C2'" . C   A 1 52 ? 26.317  0.565   -17.515 1.00 49.15  ? 52  C   A "C2'" 1 
ATOM   1107 O  "O2'" . C   A 1 52 ? 27.005  0.142   -16.350 1.00 49.56  ? 52  C   A "O2'" 1 
ATOM   1108 C  "C1'" . C   A 1 52 ? 24.955  1.088   -17.056 1.00 51.26  ? 52  C   A "C1'" 1 
ATOM   1109 N  N1    . C   A 1 52 ? 23.913  0.929   -18.099 1.00 49.78  ? 52  C   A N1    1 
ATOM   1110 C  C2    . C   A 1 52 ? 23.311  -0.330  -18.237 1.00 50.10  ? 52  C   A C2    1 
ATOM   1111 O  O2    . C   A 1 52 ? 23.668  -1.256  -17.489 1.00 51.21  ? 52  C   A O2    1 
ATOM   1112 N  N3    . C   A 1 52 ? 22.354  -0.511  -19.175 1.00 47.51  ? 52  C   A N3    1 
ATOM   1113 C  C4    . C   A 1 52 ? 21.991  0.507   -19.953 1.00 47.91  ? 52  C   A C4    1 
ATOM   1114 N  N4    . C   A 1 52 ? 21.044  0.285   -20.866 1.00 48.24  ? 52  C   A N4    1 
ATOM   1115 C  C5    . C   A 1 52 ? 22.588  1.797   -19.836 1.00 48.77  ? 52  C   A C5    1 
ATOM   1116 C  C6    . C   A 1 52 ? 23.539  1.962   -18.912 1.00 46.41  ? 52  C   A C6    1 
ATOM   1117 P  P     . U   A 1 53 ? 29.085  1.409   -19.557 1.00 53.75  ? 53  U   A P     1 
ATOM   1118 O  OP1   . U   A 1 53 ? 30.532  1.664   -19.380 1.00 55.21  ? 53  U   A OP1   1 
ATOM   1119 O  OP2   . U   A 1 53 ? 28.357  1.971   -20.718 1.00 52.90  ? 53  U   A OP2   1 
ATOM   1120 O  "O5'" . U   A 1 53 ? 28.869  -0.162  -19.680 1.00 53.06  ? 53  U   A "O5'" 1 
ATOM   1121 C  "C5'" . U   A 1 53 ? 29.170  -1.026  -18.591 1.00 53.49  ? 53  U   A "C5'" 1 
ATOM   1122 C  "C4'" . U   A 1 53 ? 28.626  -2.414  -18.817 1.00 56.21  ? 53  U   A "C4'" 1 
ATOM   1123 O  "O4'" . U   A 1 53 ? 27.191  -2.339  -19.069 1.00 53.70  ? 53  U   A "O4'" 1 
ATOM   1124 C  "C3'" . U   A 1 53 ? 29.239  -3.159  -20.003 1.00 59.15  ? 53  U   A "C3'" 1 
ATOM   1125 O  "O3'" . U   A 1 53 ? 29.404  -4.536  -19.682 1.00 61.32  ? 53  U   A "O3'" 1 
ATOM   1126 C  "C2'" . U   A 1 53 ? 28.180  -3.023  -21.091 1.00 58.36  ? 53  U   A "C2'" 1 
ATOM   1127 O  "O2'" . U   A 1 53 ? 28.189  -4.084  -22.019 1.00 63.88  ? 53  U   A "O2'" 1 
ATOM   1128 C  "C1'" . U   A 1 53 ? 26.884  -3.005  -20.280 1.00 56.66  ? 53  U   A "C1'" 1 
ATOM   1129 N  N1    . U   A 1 53 ? 25.781  -2.302  -20.966 1.00 56.16  ? 53  U   A N1    1 
ATOM   1130 C  C2    . U   A 1 53 ? 24.624  -3.003  -21.298 1.00 56.81  ? 53  U   A C2    1 
ATOM   1131 O  O2    . U   A 1 53 ? 24.427  -4.173  -21.025 1.00 57.96  ? 53  U   A O2    1 
ATOM   1132 N  N3    . U   A 1 53 ? 23.666  -2.286  -21.964 1.00 56.61  ? 53  U   A N3    1 
ATOM   1133 C  C4    . U   A 1 53 ? 23.742  -0.963  -22.341 1.00 54.18  ? 53  U   A C4    1 
ATOM   1134 O  O4    . U   A 1 53 ? 22.790  -0.462  -22.937 1.00 54.68  ? 53  U   A O4    1 
ATOM   1135 C  C5    . U   A 1 53 ? 24.962  -0.305  -21.976 1.00 54.02  ? 53  U   A C5    1 
ATOM   1136 C  C6    . U   A 1 53 ? 25.918  -0.983  -21.327 1.00 53.79  ? 53  U   A C6    1 
HETATM 1137 N  N1    . H4B B 2 .  ? -1.282  2.805   3.479   1.00 37.54  ? 101 H4B A N1    1 
HETATM 1138 C  C2    . H4B B 2 .  ? -0.368  2.377   4.392   1.00 38.26  ? 101 H4B A C2    1 
HETATM 1139 N  N2    . H4B B 2 .  ? 0.689   3.161   4.677   1.00 36.19  ? 101 H4B A N2    1 
HETATM 1140 N  N3    . H4B B 2 .  ? -0.489  1.206   5.031   1.00 36.83  ? 101 H4B A N3    1 
HETATM 1141 C  C4    . H4B B 2 .  ? -1.530  0.386   4.816   1.00 38.32  ? 101 H4B A C4    1 
HETATM 1142 O  O4    . H4B B 2 .  ? -1.654  -0.713  5.417   1.00 38.06  ? 101 H4B A O4    1 
HETATM 1143 C  C4A   . H4B B 2 .  ? -2.538  0.772   3.814   1.00 38.67  ? 101 H4B A C4A   1 
HETATM 1144 C  C8A   . H4B B 2 .  ? -2.360  2.060   3.158   1.00 35.33  ? 101 H4B A C8A   1 
HETATM 1145 N  N5    . H4B B 2 .  ? -3.627  0.027   3.538   1.00 37.89  ? 101 H4B A N5    1 
HETATM 1146 N  N8    . H4B B 2 .  ? -3.270  2.461   2.247   1.00 37.75  ? 101 H4B A N8    1 
HETATM 1147 C  C6    . H4B B 2 .  ? -4.273  0.213   2.260   1.00 40.97  ? 101 H4B A C6    1 
HETATM 1148 C  C7    . H4B B 2 .  ? -4.454  1.689   1.946   1.00 39.56  ? 101 H4B A C7    1 
HETATM 1149 C  C9    . H4B B 2 .  ? -5.596  -0.535  2.217   1.00 41.54  ? 101 H4B A C9    1 
HETATM 1150 O  O9    . H4B B 2 .  ? -6.700  0.384   2.111   1.00 53.49  ? 101 H4B A O9    1 
HETATM 1151 C  C10   . H4B B 2 .  ? -5.642  -1.471  1.009   1.00 47.08  ? 101 H4B A C10   1 
HETATM 1152 C  C11   . H4B B 2 .  ? -7.051  -1.984  0.722   1.00 49.07  ? 101 H4B A C11   1 
HETATM 1153 O  O10   . H4B B 2 .  ? -4.758  -2.593  1.173   1.00 45.40  ? 101 H4B A O10   1 
HETATM 1154 MG MG    . MG  C 3 .  ? 29.241  -5.617  -21.213 1.00 63.59  ? 102 MG  A MG    1 
HETATM 1155 MG MG    . MG  D 3 .  ? -5.560  1.295   9.079   1.00 47.07  ? 103 MG  A MG    1 
HETATM 1156 N  N1    . SPM E 4 .  ? -15.038 0.505   18.585  1.00 49.94  ? 104 SPM A N1    1 
HETATM 1157 C  C2    . SPM E 4 .  ? -14.033 0.494   19.632  1.00 54.30  ? 104 SPM A C2    1 
HETATM 1158 C  C3    . SPM E 4 .  ? -14.402 -0.519  20.713  1.00 49.99  ? 104 SPM A C3    1 
HETATM 1159 C  C4    . SPM E 4 .  ? -13.449 -0.391  21.898  1.00 53.59  ? 104 SPM A C4    1 
HETATM 1160 N  N5    . SPM E 4 .  ? -12.815 -1.643  22.277  1.00 56.35  ? 104 SPM A N5    1 
HETATM 1161 C  C6    . SPM E 4 .  ? -11.908 -1.672  23.413  1.00 53.92  ? 104 SPM A C6    1 
HETATM 1162 C  C7    . SPM E 4 .  ? -12.603 -2.156  24.682  1.00 53.95  ? 104 SPM A C7    1 
HETATM 1163 C  C8    . SPM E 4 .  ? -12.321 -1.195  25.829  1.00 53.39  ? 104 SPM A C8    1 
HETATM 1164 C  C9    . SPM E 4 .  ? -11.881 -1.929  27.086  1.00 54.69  ? 104 SPM A C9    1 
HETATM 1165 N  N10   . SPM E 4 .  ? -12.803 -2.949  27.557  1.00 55.13  ? 104 SPM A N10   1 
HETATM 1166 C  C11   . SPM E 4 .  ? -12.428 -3.828  28.659  1.00 56.57  ? 104 SPM A C11   1 
HETATM 1167 C  C12   . SPM E 4 .  ? -13.416 -3.849  29.825  1.00 59.56  ? 104 SPM A C12   1 
HETATM 1168 C  C13   . SPM E 4 .  ? -13.422 -5.209  30.532  1.00 65.07  ? 104 SPM A C13   1 
HETATM 1169 N  N14   . SPM E 4 .  ? -12.128 -5.487  31.140  1.00 65.73  ? 104 SPM A N14   1 
HETATM 1170 O  O     . HOH F 5 .  ? -0.108  -2.368  19.351  1.00 45.97  ? 201 HOH A O     1 
HETATM 1171 O  O     . HOH F 5 .  ? 29.357  -6.630  -19.621 1.00 55.81  ? 202 HOH A O     1 
HETATM 1172 O  O     . HOH F 5 .  ? -8.382  1.950   7.999   1.00 50.40  ? 203 HOH A O     1 
HETATM 1173 O  O     . HOH F 5 .  ? 27.460  -5.997  -20.235 1.00 63.21  ? 204 HOH A O     1 
HETATM 1174 O  O     . HOH F 5 .  ? -8.434  -3.503  24.949  1.00 46.97  ? 205 HOH A O     1 
HETATM 1175 O  O     . HOH F 5 .  ? -20.502 -15.983 25.083  1.00 44.45  ? 206 HOH A O     1 
HETATM 1176 O  O     . HOH F 5 .  ? 8.942   0.293   -17.965 1.00 43.47  ? 207 HOH A O     1 
HETATM 1177 O  O     . HOH F 5 .  ? 19.189  9.408   -14.934 1.00 44.88  ? 208 HOH A O     1 
HETATM 1178 O  O     . HOH F 5 .  ? -3.563  2.877   -4.641  1.00 43.33  ? 209 HOH A O     1 
HETATM 1179 O  O     . HOH F 5 .  ? 13.093  -0.241  -15.444 1.00 48.26  ? 210 HOH A O     1 
HETATM 1180 O  O     . HOH F 5 .  ? 1.917   -5.617  -6.200  1.00 42.67  ? 211 HOH A O     1 
HETATM 1181 O  O     . HOH F 5 .  ? -2.918  1.137   12.041  1.00 41.63  ? 212 HOH A O     1 
HETATM 1182 O  O     . HOH F 5 .  ? 11.357  -0.816  -12.515 1.00 51.93  ? 213 HOH A O     1 
HETATM 1183 O  O     . HOH F 5 .  ? -5.003  1.227   6.197   1.00 40.27  ? 214 HOH A O     1 
HETATM 1184 O  O     . HOH F 5 .  ? 8.115   -1.722  -14.208 1.00 43.63  ? 215 HOH A O     1 
HETATM 1185 O  O     . HOH F 5 .  ? 6.850   0.151   -9.428  1.00 46.07  ? 216 HOH A O     1 
HETATM 1186 O  O     . HOH F 5 .  ? -3.743  4.142   13.972  1.00 37.45  ? 217 HOH A O     1 
HETATM 1187 O  O     . HOH F 5 .  ? 14.944  3.028   -20.750 1.00 40.14  ? 218 HOH A O     1 
HETATM 1188 O  O     . HOH F 5 .  ? -3.305  -0.243  8.836   1.00 44.76  ? 219 HOH A O     1 
HETATM 1189 O  O     . HOH F 5 .  ? 10.808  0.563   -15.837 1.00 40.35  ? 220 HOH A O     1 
HETATM 1190 O  O     . HOH F 5 .  ? 12.954  -0.655  -17.739 1.00 50.41  ? 221 HOH A O     1 
HETATM 1191 O  O     . HOH F 5 .  ? 3.791   2.922   -5.687  1.00 46.93  ? 222 HOH A O     1 
HETATM 1192 O  O     . HOH F 5 .  ? 16.495  8.323   -13.834 1.00 47.18  ? 223 HOH A O     1 
HETATM 1193 O  O     . HOH F 5 .  ? 2.901   2.864   -7.670  1.00 45.99  ? 224 HOH A O     1 
HETATM 1194 O  O     . HOH F 5 .  ? -13.488 -14.083 25.167  1.00 50.29  ? 225 HOH A O     1 
HETATM 1195 O  O     . HOH F 5 .  ? -0.030  -6.439  -8.488  1.00 43.75  ? 226 HOH A O     1 
HETATM 1196 O  O     . HOH F 5 .  ? 5.900   0.561   -7.723  1.00 49.27  ? 227 HOH A O     1 
HETATM 1197 O  O     . HOH F 5 .  ? -8.232  0.354   9.199   1.00 49.23  ? 228 HOH A O     1 
HETATM 1198 O  O     . HOH F 5 .  ? 5.254   10.135  -4.430  1.00 55.05  ? 229 HOH A O     1 
# 
